data_3EGW
#
_entry.id   3EGW
#
_cell.length_a   153.995
_cell.length_b   241.684
_cell.length_c   139.475
_cell.angle_alpha   90.000
_cell.angle_beta   90.000
_cell.angle_gamma   90.000
#
_symmetry.space_group_name_H-M   'C 2 2 21'
#
loop_
_entity.id
_entity.type
_entity.pdbx_description
1 polymer 'Respiratory nitrate reductase 1 alpha chain'
2 polymer 'Respiratory nitrate reductase 1 beta chain'
3 polymer 'Respiratory nitrate reductase 1 gamma chain'
4 non-polymer 'PHOSPHORIC ACID 4-(2-AMINO-4-OXO-3,4,5,6,-TETRAHYDRO-PTERIDIN-6-YL)-2-HYDROXY-3,4-DIMERCAPTO-BUT-3-EN-YL ESTER GUANYLATE ESTER'
5 non-polymer '2-AMINO-5,6-DIMERCAPTO-7-METHYL-3,7,8A,9-TETRAHYDRO-8-OXA-1,3,9,10-TETRAAZA-ANTHRACEN-4-ONE GUANOSINE DINUCLEOTIDE'
6 non-polymer 'MOLYBDENUM(VI) ION'
7 non-polymer 'IRON/SULFUR CLUSTER'
8 non-polymer 'FE3-S4 CLUSTER'
9 non-polymer 1,2-DIACYL-GLYCEROL-3-SN-PHOSPHATE
10 non-polymer 'PROTOPORPHYRIN IX CONTAINING FE'
11 non-polymer '(1S)-2-{[{[(2S)-2,3-DIHYDROXYPROPYL]OXY}(HYDROXY)PHOSPHORYL]OXY}-1-[(PENTANOYLOXY)METHYL]ETHYL OCTANOATE'
12 water water
#
loop_
_entity_poly.entity_id
_entity_poly.type
_entity_poly.pdbx_seq_one_letter_code
_entity_poly.pdbx_strand_id
1 'polypeptide(L)'
;SKFLDRFRYAKQKGETFADGHGQLLNTNRDWEDGYRQRWQHDKIVRSTHGVNCTGSCSWKIYVKNGLVTWETQQTDYPRT
RPDLPNHEPRGCPRGASYSWYLYSANRLKYPMMRKRLMKMWREAKALHSDPVEAWASIIEDADKAKSFKQARGRGGFVRS
SWQEVNELIAASNVYTIKNYGPDRVAGFSPIPAMSMVSYASGARYLSLIGGTCLSFYDWYCDLPPASPQTWGEQTDVPES
ADWYNSSYIIAWGSNVPQTRTPDAHFFTEVRYKGTKTVAVTPDYAEIAKLCDLWLAPKQGTDAAMALAMGHVMLREFHLD
NPSQYFTDYVRRYTDMPMLVMLEERDGYYAAGRMLRAADLVAALGQENNPEWKTVAFNTNGEMVAPNGSIGFRWGEKGKW
NLEQRDGKTGEETELQLSLLGSQDEIAEVGFPYFGGDGTEHFNKVELENVLLHKLPVKRLQLADGSTALVTTVYDLTLAN
YGLERGLNDVNCATSYDDVKAYTPAWAEQITGVSRSQIIRIAREFADNADKTHGRSMIIVGAGLNHWYHLDMNYRGLINM
LIFCGCVGQSGGGWAHYVGQEKLRPQTGWQPLAFALDWQRPARHMNSTSYFYNHSSQWRYETVTAEELLSPMADKSRYTG
HLIDFNVRAERMGWLPSAPQLGTNPLTIAGEAEKAGMNPVDYTVKSLKEGSIRFAAEQPENGKNHPRNLFIWRSNLLGSS
GKGHEFMLKYLLGTEHGIQGKDLGQQGGVKPEEVDWQDNGLEGKLDLVVTLDFRLSSTCLYSDIILPTATWYEKDDMNTS
DMHPFIHPLSAAVDPAWEAKSDWEIYKAIAKKFSEVCVGHLGKETDIVTLPIQHDSAAELAQPLDVKDWKKGECDLIPGK
TAPHIMVVERDYPATYERFTSIGPLMEKIGNGGKGIAWNTQSEMDLLRKLNYTKAEGPAKGQPMLNTAIDAAEMILTLAP
ETNGQVAVKAWAALSEFTGRDHTHLALNKEDEKIRFRDIQAQPRKIISSPTWSGLEDEHVSYNAGYTNVHELIPWRTLSG
RQQLYQDHQWMRDFGESLLVYRPPIDTRSVKEVIGQKSNGNQEKALNFLTPHQKWGIHSTYSDNLLMLTLGRGGPVVWLS
EADAKDLGIADNDWIEVFNSNGALTARAVVSQRVPAGMTMMYHAQERIVNLPGSEITQQRGGIHNSVTRITPKPTHMIGG
YAHLAYGFNYYGTVGSNRDEFVVVRKMKNIDWLDGEGNDQVQES
;
A
2 'polypeptide(L)'
;MKIRSQVGMVLNLDKAIGCHTCSVTCKNVWTSREGVEYAWFNNVETKPGQGFPTDWENQEKYKGGWIRKINGKLQPRMGN
RAMLLGKIFANPHLPGIDDYYEPFDFDYQNLHTAPEGSKSQPIARPRSLITGERMAKIEKGPNWEDDLGGEFDKLAKDKN
FDNIQKAMYSQFENTFMMYLPRLCEHCLNPACVATCPSGAIYKREEDGIVLIDQDKCRGWRMCITGCPYKKIYFNWKSGK
SEKCIFCYPRIEAGQPTVCSETCVGRIRYLGVLLYDADAIERAASTENEKDLYQRQLDVFLDPNDPKVIEQAIKDGIPLS
VIEAAQQSPVYKMAMEWKLALPLHPEYRTLPMVWYVPPLSPIQSAADAGELGSNGILPDVESLRIPVQYLANLLTAGDTK
PVLRALKRMLAMRHYKRAETVDGKVDTRALEEVGLTEAQAQEMYRYLAIANYEDRFVVPSSHRELAREAFPEKNGCGFTF
GDGCHGSDTKFNLFNSRRIDAIDVTSKTE
;
B
3 'polypeptide(L)'
;(FME)QFLNMFFFDIYPYIAGAVFLIGSWLRYDYGQYTWRAASSQMLDRKGMNLASNLFHIGILGIFVGHFFGMLTPHWM
AAAWLPIEVKQKMAMFAGGASGVLCLIGGVLLLKRRLFSPRVRATTTGADILILSLLVIQCALGLLTIPFSAQHMDGSEM
MKLVGWAQSVVTFHGGASQHLDGVAFIFRLHLVLGMTLFLLFPFSRLIHIWSVPVEYLTRKYQLVRARH
;
C
#
loop_
_chem_comp.id
_chem_comp.type
_chem_comp.name
_chem_comp.formula
3PH non-polymer 1,2-DIACYL-GLYCEROL-3-SN-PHOSPHATE 'C39 H77 O8 P'
6MO non-polymer 'MOLYBDENUM(VI) ION' 'Mo 6'
AGA non-polymer '(1S)-2-{[{[(2S)-2,3-DIHYDROXYPROPYL]OXY}(HYDROXY)PHOSPHORYL]OXY}-1-[(PENTANOYLOXY)METHYL]ETHYL OCTANOATE' 'C19 H36 O10 P -1'
F3S non-polymer 'FE3-S4 CLUSTER' 'Fe3 S4'
HEM non-polymer 'PROTOPORPHYRIN IX CONTAINING FE' 'C34 H32 Fe N4 O4'
MD1 non-polymer 'PHOSPHORIC ACID 4-(2-AMINO-4-OXO-3,4,5,6,-TETRAHYDRO-PTERIDIN-6-YL)-2-HYDROXY-3,4-DIMERCAPTO-BUT-3-EN-YL ESTER GUANYLATE ESTER' 'C20 H26 N10 O13 P2 S2'
MGD non-polymer '2-AMINO-5,6-DIMERCAPTO-7-METHYL-3,7,8A,9-TETRAHYDRO-8-OXA-1,3,9,10-TETRAAZA-ANTHRACEN-4-ONE GUANOSINE DINUCLEOTIDE' 'C20 H26 N10 O13 P2 S2'
SF4 non-polymer 'IRON/SULFUR CLUSTER' 'Fe4 S4'
#
# COMPACT_ATOMS: atom_id res chain seq x y z
N SER A 1 33.85 -34.72 16.19
CA SER A 1 33.34 -35.49 15.02
C SER A 1 31.85 -35.80 15.17
N LYS A 2 31.05 -35.35 14.23
CA LYS A 2 29.61 -35.62 14.28
C LYS A 2 29.37 -37.12 14.17
N PHE A 3 30.22 -37.83 13.44
CA PHE A 3 30.08 -39.27 13.30
C PHE A 3 30.33 -39.94 14.66
N LEU A 4 31.39 -39.53 15.34
CA LEU A 4 31.69 -40.11 16.63
C LEU A 4 30.64 -39.74 17.68
N ASP A 5 29.99 -38.59 17.51
CA ASP A 5 28.96 -38.17 18.46
C ASP A 5 27.80 -39.16 18.50
N ARG A 6 27.52 -39.80 17.36
CA ARG A 6 26.44 -40.77 17.29
C ARG A 6 26.58 -41.87 18.33
N PHE A 7 27.82 -42.12 18.76
CA PHE A 7 28.09 -43.16 19.75
C PHE A 7 27.71 -42.74 21.17
N ARG A 8 27.45 -41.44 21.36
CA ARG A 8 27.03 -40.94 22.67
C ARG A 8 25.51 -41.01 22.72
N TYR A 9 24.96 -41.73 21.75
CA TYR A 9 23.52 -41.95 21.57
C TYR A 9 22.74 -41.92 22.89
N ALA A 10 22.67 -43.07 23.55
CA ALA A 10 21.95 -43.22 24.80
C ALA A 10 22.51 -42.37 25.93
N LYS A 11 23.78 -42.00 25.82
CA LYS A 11 24.44 -41.19 26.85
C LYS A 11 23.87 -39.77 26.89
N GLN A 12 23.32 -39.31 25.77
CA GLN A 12 22.75 -37.97 25.68
C GLN A 12 21.28 -37.93 26.06
N LYS A 13 20.73 -39.06 26.52
CA LYS A 13 19.34 -39.12 26.92
C LYS A 13 19.13 -38.63 28.35
N GLY A 14 18.24 -37.67 28.50
CA GLY A 14 17.94 -37.13 29.82
C GLY A 14 16.67 -37.77 30.35
N GLU A 15 15.98 -37.06 31.23
CA GLU A 15 14.73 -37.58 31.79
C GLU A 15 13.59 -37.61 30.78
N THR A 16 12.71 -38.58 30.94
CA THR A 16 11.53 -38.68 30.08
C THR A 16 10.50 -37.82 30.79
N PHE A 17 9.43 -37.44 30.09
CA PHE A 17 8.40 -36.63 30.72
C PHE A 17 7.03 -37.00 30.18
N ALA A 18 5.98 -36.57 30.86
CA ALA A 18 4.62 -36.87 30.46
C ALA A 18 4.38 -38.37 30.39
N ASP A 19 4.85 -39.07 31.41
CA ASP A 19 4.70 -40.52 31.50
C ASP A 19 5.17 -41.25 30.24
N GLY A 20 6.36 -40.93 29.77
CA GLY A 20 6.88 -41.59 28.59
C GLY A 20 6.46 -41.04 27.24
N HIS A 21 5.66 -39.99 27.21
CA HIS A 21 5.24 -39.41 25.95
C HIS A 21 6.38 -38.59 25.36
N GLY A 22 7.25 -38.10 26.24
CA GLY A 22 8.37 -37.29 25.80
C GLY A 22 9.72 -37.68 26.36
N GLN A 23 10.76 -37.19 25.70
CA GLN A 23 12.13 -37.47 26.08
C GLN A 23 12.95 -36.18 26.00
N LEU A 24 13.67 -35.86 27.08
CA LEU A 24 14.54 -34.69 27.08
C LEU A 24 15.90 -35.19 26.63
N LEU A 25 16.50 -34.50 25.65
CA LEU A 25 17.80 -34.88 25.13
C LEU A 25 18.83 -33.80 25.46
N ASN A 26 20.08 -34.23 25.60
CA ASN A 26 21.19 -33.32 25.88
C ASN A 26 22.12 -33.45 24.70
N THR A 27 21.71 -32.91 23.55
CA THR A 27 22.50 -33.02 22.36
C THR A 27 22.93 -31.67 21.79
N ASN A 28 23.91 -31.71 20.89
CA ASN A 28 24.44 -30.52 20.27
C ASN A 28 23.36 -29.69 19.54
N ARG A 29 23.47 -28.37 19.66
CA ARG A 29 22.53 -27.44 19.03
C ARG A 29 23.28 -26.35 18.25
N ASP A 30 24.56 -26.56 17.99
CA ASP A 30 25.37 -25.59 17.27
C ASP A 30 24.80 -25.21 15.91
N TRP A 31 24.08 -26.13 15.26
CA TRP A 31 23.50 -25.85 13.95
C TRP A 31 22.61 -24.62 13.96
N GLU A 32 22.08 -24.28 15.13
CA GLU A 32 21.20 -23.12 15.26
C GLU A 32 21.88 -21.83 14.81
N ASP A 33 23.20 -21.84 14.74
CA ASP A 33 23.93 -20.64 14.31
C ASP A 33 23.56 -20.28 12.87
N GLY A 34 23.08 -21.26 12.11
CA GLY A 34 22.71 -21.04 10.72
C GLY A 34 21.71 -19.92 10.50
N TYR A 35 20.66 -19.87 11.31
CA TYR A 35 19.67 -18.80 11.18
C TYR A 35 20.14 -17.55 11.92
N ARG A 36 20.93 -17.71 12.99
CA ARG A 36 21.42 -16.53 13.71
C ARG A 36 22.28 -15.67 12.79
N GLN A 37 23.16 -16.30 12.03
CA GLN A 37 24.04 -15.53 11.16
C GLN A 37 23.36 -14.86 9.97
N ARG A 38 22.10 -15.21 9.71
CA ARG A 38 21.35 -14.56 8.64
C ARG A 38 20.79 -13.26 9.20
N TRP A 39 20.26 -13.33 10.42
CA TRP A 39 19.67 -12.14 11.05
C TRP A 39 20.72 -11.06 11.29
N GLN A 40 21.94 -11.47 11.62
CA GLN A 40 23.01 -10.53 11.90
C GLN A 40 23.30 -9.62 10.70
N HIS A 41 23.58 -8.36 11.00
CA HIS A 41 23.82 -7.37 9.95
C HIS A 41 24.92 -6.37 10.31
N ASP A 42 25.35 -5.59 9.31
CA ASP A 42 26.42 -4.60 9.46
C ASP A 42 25.99 -3.35 10.24
N LYS A 43 24.78 -2.89 9.97
CA LYS A 43 24.25 -1.69 10.60
C LYS A 43 22.81 -1.46 10.17
N ILE A 44 22.16 -0.50 10.81
CA ILE A 44 20.81 -0.11 10.43
C ILE A 44 20.90 1.38 10.18
N VAL A 45 20.17 1.85 9.17
CA VAL A 45 20.15 3.25 8.82
C VAL A 45 18.70 3.70 8.82
N ARG A 46 18.44 4.91 9.31
CA ARG A 46 17.07 5.39 9.33
C ARG A 46 16.72 6.03 7.99
N SER A 47 15.60 5.60 7.41
CA SER A 47 15.15 6.19 6.16
C SER A 47 13.65 6.05 6.09
N THR A 48 13.07 6.55 5.02
CA THR A 48 11.63 6.45 4.85
C THR A 48 11.34 6.30 3.36
N HIS A 49 10.08 6.43 2.98
CA HIS A 49 9.70 6.22 1.59
C HIS A 49 9.15 7.45 0.88
N GLY A 50 9.79 7.82 -0.23
CA GLY A 50 9.36 8.98 -1.00
C GLY A 50 8.28 8.55 -1.99
N VAL A 51 7.17 8.08 -1.45
CA VAL A 51 6.05 7.63 -2.27
C VAL A 51 4.79 8.32 -1.73
N ASN A 52 3.82 8.56 -2.60
CA ASN A 52 2.62 9.27 -2.21
C ASN A 52 1.55 8.40 -1.54
N CYS A 53 1.80 8.05 -0.27
CA CYS A 53 0.91 7.20 0.50
C CYS A 53 0.31 7.84 1.75
N THR A 54 0.96 8.89 2.22
CA THR A 54 0.61 9.65 3.43
C THR A 54 1.16 8.96 4.68
N GLY A 55 1.78 7.79 4.50
CA GLY A 55 2.33 7.05 5.62
C GLY A 55 3.42 7.78 6.39
N SER A 56 4.44 8.26 5.69
CA SER A 56 5.53 9.00 6.32
C SER A 56 6.07 8.15 7.48
N CYS A 57 6.39 6.89 7.20
CA CYS A 57 6.89 5.98 8.23
C CYS A 57 8.40 5.87 8.22
N SER A 58 9.00 5.94 9.41
CA SER A 58 10.46 5.83 9.52
C SER A 58 10.82 4.36 9.64
N TRP A 59 11.81 3.93 8.86
CA TRP A 59 12.24 2.54 8.87
C TRP A 59 13.71 2.34 9.21
N LYS A 60 14.02 1.13 9.62
CA LYS A 60 15.39 0.71 9.91
C LYS A 60 15.79 -0.03 8.64
N ILE A 61 16.80 0.49 7.95
CA ILE A 61 17.29 -0.14 6.73
C ILE A 61 18.49 -0.98 7.13
N TYR A 62 18.38 -2.29 6.91
CA TYR A 62 19.47 -3.20 7.28
C TYR A 62 20.47 -3.39 6.15
N VAL A 63 21.74 -3.22 6.48
CA VAL A 63 22.83 -3.42 5.54
C VAL A 63 23.58 -4.64 6.05
N LYS A 64 23.83 -5.59 5.16
CA LYS A 64 24.49 -6.85 5.51
C LYS A 64 25.36 -7.23 4.32
N ASN A 65 26.59 -7.66 4.58
CA ASN A 65 27.50 -8.00 3.49
C ASN A 65 27.68 -6.77 2.60
N GLY A 66 27.55 -5.60 3.20
CA GLY A 66 27.72 -4.35 2.47
C GLY A 66 26.63 -4.06 1.45
N LEU A 67 25.47 -4.68 1.64
CA LEU A 67 24.32 -4.50 0.74
C LEU A 67 23.04 -4.31 1.55
N VAL A 68 22.05 -3.65 0.96
CA VAL A 68 20.78 -3.45 1.64
C VAL A 68 20.04 -4.79 1.52
N THR A 69 19.65 -5.37 2.66
CA THR A 69 18.99 -6.66 2.63
C THR A 69 17.49 -6.69 2.99
N TRP A 70 17.10 -5.88 3.98
CA TRP A 70 15.68 -5.81 4.35
C TRP A 70 15.45 -4.62 5.25
N GLU A 71 14.20 -4.43 5.65
CA GLU A 71 13.85 -3.32 6.51
C GLU A 71 12.76 -3.72 7.51
N THR A 72 12.76 -3.07 8.68
CA THR A 72 11.74 -3.28 9.70
C THR A 72 11.47 -1.87 10.23
N GLN A 73 10.26 -1.61 10.69
CA GLN A 73 9.92 -0.27 11.16
C GLN A 73 10.62 0.24 12.42
N GLN A 74 10.89 1.54 12.43
CA GLN A 74 11.48 2.15 13.62
C GLN A 74 10.25 2.22 14.53
N THR A 75 10.48 2.25 15.84
CA THR A 75 9.37 2.32 16.79
C THR A 75 9.65 3.42 17.81
N ASP A 76 10.63 4.27 17.53
CA ASP A 76 11.05 5.33 18.44
C ASP A 76 10.47 6.73 18.25
N TYR A 77 9.28 6.83 17.66
CA TYR A 77 8.67 8.15 17.49
C TYR A 77 8.40 8.73 18.87
N PRO A 78 8.41 10.06 18.99
CA PRO A 78 8.12 10.65 20.31
C PRO A 78 6.73 10.15 20.68
N ARG A 79 6.57 9.62 21.88
CA ARG A 79 5.28 9.08 22.29
C ARG A 79 4.20 10.15 22.49
N THR A 80 2.96 9.77 22.17
CA THR A 80 1.81 10.66 22.32
C THR A 80 1.38 10.65 23.78
N ARG A 81 0.44 11.51 24.14
CA ARG A 81 -0.07 11.59 25.52
C ARG A 81 -0.40 10.20 26.04
N PRO A 82 -0.34 10.02 27.37
CA PRO A 82 -0.64 8.73 28.01
C PRO A 82 -2.04 8.18 27.68
N ASP A 83 -2.98 9.07 27.39
CA ASP A 83 -4.36 8.66 27.08
C ASP A 83 -4.57 8.33 25.60
N LEU A 84 -3.50 8.41 24.81
CA LEU A 84 -3.58 8.11 23.38
C LEU A 84 -2.62 6.99 23.01
N PRO A 85 -3.01 6.17 22.02
CA PRO A 85 -2.06 5.11 21.65
C PRO A 85 -0.91 5.81 20.92
N ASN A 86 0.25 5.17 20.88
CA ASN A 86 1.41 5.75 20.19
C ASN A 86 1.34 5.37 18.72
N HIS A 87 2.20 5.98 17.90
CA HIS A 87 2.21 5.71 16.46
C HIS A 87 2.90 4.43 16.02
N GLU A 88 3.94 4.00 16.73
CA GLU A 88 4.68 2.81 16.35
C GLU A 88 3.79 1.58 16.21
N PRO A 89 4.12 0.70 15.24
CA PRO A 89 5.26 0.80 14.33
C PRO A 89 5.01 1.48 12.98
N ARG A 90 3.75 1.79 12.67
CA ARG A 90 3.39 2.36 11.38
C ARG A 90 3.83 1.32 10.34
N GLY A 91 4.04 1.74 9.09
CA GLY A 91 4.44 0.80 8.06
C GLY A 91 3.26 0.22 7.29
N CYS A 92 3.55 -0.57 6.26
CA CYS A 92 2.52 -1.22 5.43
C CYS A 92 3.24 -2.27 4.59
N PRO A 93 2.48 -3.15 3.90
CA PRO A 93 3.10 -4.20 3.09
C PRO A 93 3.91 -3.68 1.90
N ARG A 94 3.45 -2.58 1.30
CA ARG A 94 4.16 -2.00 0.17
C ARG A 94 5.55 -1.57 0.64
N GLY A 95 5.59 -0.75 1.69
CA GLY A 95 6.86 -0.27 2.22
C GLY A 95 7.81 -1.38 2.64
N ALA A 96 7.26 -2.45 3.23
CA ALA A 96 8.08 -3.57 3.68
C ALA A 96 8.82 -4.26 2.53
N SER A 97 8.35 -4.04 1.30
CA SER A 97 8.96 -4.67 0.14
C SER A 97 9.91 -3.79 -0.66
N TYR A 98 10.08 -2.53 -0.26
CA TYR A 98 10.94 -1.63 -1.03
C TYR A 98 12.35 -2.12 -1.30
N SER A 99 12.98 -2.77 -0.31
CA SER A 99 14.34 -3.27 -0.47
C SER A 99 14.53 -4.12 -1.72
N TRP A 100 13.46 -4.73 -2.19
CA TRP A 100 13.49 -5.58 -3.38
C TRP A 100 14.07 -4.85 -4.60
N TYR A 101 13.72 -3.57 -4.74
CA TYR A 101 14.16 -2.76 -5.88
C TYR A 101 15.66 -2.53 -6.10
N LEU A 102 16.40 -2.28 -5.03
CA LEU A 102 17.82 -1.96 -5.17
C LEU A 102 18.67 -2.74 -6.18
N TYR A 103 18.57 -4.07 -6.19
CA TYR A 103 19.36 -4.85 -7.13
C TYR A 103 18.50 -5.74 -8.01
N SER A 104 17.20 -5.45 -8.05
CA SER A 104 16.24 -6.22 -8.83
C SER A 104 16.46 -6.15 -10.33
N ALA A 105 15.76 -7.00 -11.06
CA ALA A 105 15.86 -7.07 -12.52
C ALA A 105 15.24 -5.87 -13.23
N ASN A 106 14.57 -4.99 -12.49
CA ASN A 106 13.99 -3.83 -13.14
C ASN A 106 14.65 -2.52 -12.70
N ARG A 107 15.77 -2.62 -12.00
CA ARG A 107 16.50 -1.45 -11.54
C ARG A 107 17.16 -0.74 -12.72
N LEU A 108 17.05 0.59 -12.76
CA LEU A 108 17.67 1.39 -13.80
C LEU A 108 19.09 1.67 -13.30
N LYS A 109 20.09 1.22 -14.06
CA LYS A 109 21.48 1.38 -13.65
C LYS A 109 22.28 2.45 -14.38
N TYR A 110 21.96 2.70 -15.63
CA TYR A 110 22.70 3.68 -16.43
C TYR A 110 21.80 4.62 -17.20
N PRO A 111 22.31 5.80 -17.57
CA PRO A 111 21.44 6.71 -18.34
C PRO A 111 21.19 6.00 -19.67
N MET A 112 19.95 6.05 -20.14
CA MET A 112 19.57 5.39 -21.38
C MET A 112 18.99 6.39 -22.38
N MET A 113 19.17 6.11 -23.67
CA MET A 113 18.63 6.98 -24.71
C MET A 113 18.06 6.10 -25.83
N ARG A 114 16.97 6.56 -26.44
CA ARG A 114 16.35 5.83 -27.54
C ARG A 114 17.41 5.74 -28.64
N LYS A 115 17.64 4.54 -29.16
CA LYS A 115 18.67 4.36 -30.19
C LYS A 115 18.58 5.31 -31.38
N ARG A 116 17.37 5.47 -31.94
CA ARG A 116 17.21 6.34 -33.09
C ARG A 116 17.66 7.76 -32.76
N LEU A 117 17.33 8.24 -31.56
CA LEU A 117 17.73 9.58 -31.14
C LEU A 117 19.24 9.69 -30.97
N MET A 118 19.84 8.65 -30.39
CA MET A 118 21.29 8.65 -30.16
C MET A 118 22.02 8.68 -31.50
N LYS A 119 21.57 7.88 -32.45
CA LYS A 119 22.18 7.82 -33.78
C LYS A 119 22.18 9.21 -34.41
N MET A 120 21.01 9.86 -34.42
CA MET A 120 20.90 11.20 -35.01
C MET A 120 21.64 12.26 -34.22
N TRP A 121 21.66 12.11 -32.90
CA TRP A 121 22.35 13.06 -32.03
C TRP A 121 23.85 13.08 -32.35
N ARG A 122 24.45 11.89 -32.40
CA ARG A 122 25.87 11.77 -32.68
C ARG A 122 26.24 12.17 -34.11
N GLU A 123 25.33 11.94 -35.05
CA GLU A 123 25.59 12.31 -36.43
C GLU A 123 25.49 13.82 -36.54
N ALA A 124 24.55 14.40 -35.80
CA ALA A 124 24.33 15.84 -35.80
C ALA A 124 25.54 16.56 -35.19
N LYS A 125 26.05 16.03 -34.08
CA LYS A 125 27.21 16.62 -33.42
C LYS A 125 28.45 16.56 -34.31
N ALA A 126 28.45 15.64 -35.27
CA ALA A 126 29.57 15.50 -36.18
C ALA A 126 29.56 16.60 -37.24
N LEU A 127 28.42 17.28 -37.40
CA LEU A 127 28.29 18.35 -38.37
C LEU A 127 28.03 19.69 -37.70
N HIS A 128 27.80 19.66 -36.39
CA HIS A 128 27.52 20.88 -35.63
C HIS A 128 28.27 20.85 -34.30
N SER A 129 29.36 21.60 -34.22
CA SER A 129 30.18 21.64 -33.01
C SER A 129 29.41 22.18 -31.79
N ASP A 130 28.46 23.09 -32.03
CA ASP A 130 27.67 23.62 -30.93
C ASP A 130 26.44 22.71 -30.80
N PRO A 131 26.25 22.08 -29.62
CA PRO A 131 25.12 21.18 -29.38
C PRO A 131 23.73 21.76 -29.59
N VAL A 132 23.58 23.07 -29.38
CA VAL A 132 22.28 23.70 -29.56
C VAL A 132 21.92 23.64 -31.04
N GLU A 133 22.92 23.83 -31.88
CA GLU A 133 22.75 23.80 -33.33
C GLU A 133 22.62 22.36 -33.81
N ALA A 134 23.21 21.43 -33.07
CA ALA A 134 23.08 20.02 -33.44
C ALA A 134 21.62 19.64 -33.20
N TRP A 135 21.07 20.07 -32.06
CA TRP A 135 19.68 19.77 -31.73
C TRP A 135 18.76 20.39 -32.77
N ALA A 136 19.04 21.64 -33.13
CA ALA A 136 18.23 22.34 -34.12
C ALA A 136 18.15 21.55 -35.42
N SER A 137 19.28 21.04 -35.88
CA SER A 137 19.32 20.28 -37.14
C SER A 137 18.44 19.04 -37.11
N ILE A 138 18.21 18.49 -35.92
CA ILE A 138 17.38 17.30 -35.81
C ILE A 138 15.90 17.66 -35.69
N ILE A 139 15.60 18.49 -34.69
CA ILE A 139 14.23 18.90 -34.41
C ILE A 139 13.53 19.71 -35.49
N GLU A 140 14.30 20.39 -36.34
CA GLU A 140 13.72 21.21 -37.40
C GLU A 140 13.50 20.38 -38.67
N ASP A 141 13.84 19.11 -38.60
CA ASP A 141 13.66 18.19 -39.72
C ASP A 141 12.50 17.28 -39.38
N ALA A 142 11.38 17.45 -40.07
CA ALA A 142 10.18 16.65 -39.84
C ALA A 142 10.41 15.14 -39.86
N ASP A 143 11.24 14.68 -40.80
CA ASP A 143 11.54 13.26 -40.91
C ASP A 143 12.35 12.75 -39.74
N LYS A 144 13.35 13.53 -39.33
CA LYS A 144 14.22 13.15 -38.21
C LYS A 144 13.43 13.17 -36.91
N ALA A 145 12.74 14.28 -36.66
CA ALA A 145 11.94 14.42 -35.46
C ALA A 145 10.95 13.26 -35.32
N LYS A 146 10.27 12.96 -36.42
CA LYS A 146 9.28 11.90 -36.42
C LYS A 146 9.90 10.52 -36.21
N SER A 147 11.13 10.33 -36.67
CA SER A 147 11.80 9.05 -36.54
C SER A 147 12.00 8.60 -35.09
N PHE A 148 12.30 9.52 -34.17
CA PHE A 148 12.48 9.09 -32.80
C PHE A 148 11.22 9.23 -31.94
N LYS A 149 10.29 10.07 -32.37
CA LYS A 149 9.06 10.22 -31.61
C LYS A 149 8.16 9.00 -31.79
N GLN A 150 8.18 8.42 -33.00
CA GLN A 150 7.36 7.25 -33.26
C GLN A 150 8.01 5.98 -32.70
N ALA A 151 9.24 6.12 -32.21
CA ALA A 151 9.95 4.98 -31.63
C ALA A 151 9.65 4.92 -30.13
N ARG A 152 8.96 5.94 -29.63
CA ARG A 152 8.60 5.99 -28.22
C ARG A 152 7.71 4.80 -27.86
N GLY A 153 8.12 4.06 -26.83
CA GLY A 153 7.37 2.89 -26.39
C GLY A 153 7.54 1.69 -27.30
N ARG A 154 8.56 1.72 -28.16
CA ARG A 154 8.78 0.61 -29.07
C ARG A 154 10.19 0.02 -29.02
N GLY A 155 10.75 -0.03 -27.81
CA GLY A 155 12.07 -0.59 -27.61
C GLY A 155 13.22 0.23 -28.15
N GLY A 156 14.40 -0.38 -28.19
CA GLY A 156 15.57 0.31 -28.71
C GLY A 156 16.35 1.18 -27.73
N PHE A 157 16.17 0.98 -26.43
CA PHE A 157 16.93 1.79 -25.49
C PHE A 157 18.38 1.29 -25.49
N VAL A 158 19.32 2.22 -25.49
CA VAL A 158 20.73 1.86 -25.47
C VAL A 158 21.41 2.65 -24.37
N ARG A 159 22.48 2.07 -23.81
CA ARG A 159 23.22 2.72 -22.75
C ARG A 159 23.96 3.96 -23.24
N SER A 160 23.80 5.06 -22.51
CA SER A 160 24.45 6.31 -22.84
C SER A 160 25.36 6.64 -21.67
N SER A 161 25.63 7.92 -21.44
CA SER A 161 26.47 8.34 -20.35
C SER A 161 25.91 9.64 -19.80
N TRP A 162 26.24 9.97 -18.56
CA TRP A 162 25.75 11.20 -17.97
C TRP A 162 26.16 12.39 -18.80
N GLN A 163 27.40 12.38 -19.29
CA GLN A 163 27.89 13.49 -20.10
C GLN A 163 27.08 13.67 -21.38
N GLU A 164 26.75 12.57 -22.04
CA GLU A 164 25.99 12.66 -23.29
C GLU A 164 24.56 13.15 -23.06
N VAL A 165 23.84 12.52 -22.14
CA VAL A 165 22.47 12.95 -21.88
C VAL A 165 22.40 14.36 -21.32
N ASN A 166 23.35 14.73 -20.47
CA ASN A 166 23.34 16.08 -19.90
C ASN A 166 23.53 17.14 -20.97
N GLU A 167 24.38 16.87 -21.96
CA GLU A 167 24.61 17.84 -23.02
C GLU A 167 23.37 17.96 -23.90
N LEU A 168 22.80 16.83 -24.29
CA LEU A 168 21.62 16.84 -25.15
C LEU A 168 20.47 17.57 -24.46
N ILE A 169 20.24 17.24 -23.20
CA ILE A 169 19.18 17.86 -22.42
C ILE A 169 19.36 19.38 -22.31
N ALA A 170 20.59 19.79 -21.98
CA ALA A 170 20.90 21.21 -21.85
C ALA A 170 20.70 21.91 -23.19
N ALA A 171 21.19 21.28 -24.26
CA ALA A 171 21.09 21.85 -25.60
C ALA A 171 19.63 22.00 -26.03
N SER A 172 18.82 20.98 -25.75
CA SER A 172 17.41 21.03 -26.11
C SER A 172 16.72 22.15 -25.34
N ASN A 173 17.04 22.27 -24.05
CA ASN A 173 16.45 23.32 -23.21
C ASN A 173 16.78 24.71 -23.75
N VAL A 174 18.05 24.95 -24.06
CA VAL A 174 18.50 26.23 -24.58
C VAL A 174 17.79 26.55 -25.90
N TYR A 175 17.77 25.59 -26.82
CA TYR A 175 17.13 25.77 -28.12
C TYR A 175 15.65 26.15 -27.99
N THR A 176 14.96 25.45 -27.10
CA THR A 176 13.53 25.69 -26.89
C THR A 176 13.26 27.05 -26.27
N ILE A 177 14.02 27.38 -25.22
CA ILE A 177 13.87 28.65 -24.53
C ILE A 177 14.18 29.82 -25.47
N LYS A 178 15.25 29.66 -26.25
CA LYS A 178 15.69 30.68 -27.19
C LYS A 178 14.71 30.94 -28.33
N ASN A 179 14.21 29.87 -28.95
CA ASN A 179 13.32 30.02 -30.09
C ASN A 179 11.82 30.06 -29.83
N TYR A 180 11.36 29.44 -28.76
CA TYR A 180 9.93 29.46 -28.47
C TYR A 180 9.60 30.17 -27.18
N GLY A 181 10.41 29.96 -26.15
CA GLY A 181 10.16 30.62 -24.88
C GLY A 181 10.44 29.69 -23.71
N PRO A 182 10.82 30.25 -22.55
CA PRO A 182 11.08 29.40 -21.38
C PRO A 182 9.89 28.55 -20.96
N ASP A 183 8.68 29.08 -21.13
CA ASP A 183 7.49 28.34 -20.75
C ASP A 183 7.13 27.22 -21.73
N ARG A 184 8.04 26.92 -22.65
CA ARG A 184 7.82 25.81 -23.58
C ARG A 184 8.64 24.63 -23.04
N VAL A 185 9.23 24.85 -21.87
CA VAL A 185 10.00 23.82 -21.15
C VAL A 185 9.19 23.62 -19.88
N ALA A 186 8.89 22.37 -19.52
CA ALA A 186 8.09 22.12 -18.34
C ALA A 186 8.55 20.90 -17.55
N GLY A 187 8.08 20.82 -16.31
CA GLY A 187 8.43 19.69 -15.48
C GLY A 187 7.24 19.25 -14.64
N PHE A 188 7.04 17.94 -14.56
CA PHE A 188 5.96 17.41 -13.75
C PHE A 188 6.53 16.54 -12.63
N SER A 189 6.28 16.97 -11.39
CA SER A 189 6.71 16.23 -10.21
C SER A 189 5.67 16.56 -9.16
N PRO A 190 5.23 15.56 -8.38
CA PRO A 190 4.20 15.86 -7.39
C PRO A 190 4.58 15.67 -5.93
N ILE A 191 3.61 15.93 -5.07
CA ILE A 191 3.73 15.70 -3.63
C ILE A 191 5.12 15.92 -3.07
N PRO A 192 5.54 17.17 -2.92
CA PRO A 192 6.87 17.44 -2.39
C PRO A 192 7.05 16.94 -0.95
N ALA A 193 5.95 16.78 -0.22
CA ALA A 193 6.01 16.33 1.16
C ALA A 193 6.67 14.96 1.35
N MET A 194 6.62 14.11 0.33
CA MET A 194 7.22 12.78 0.44
C MET A 194 8.74 12.77 0.27
N SER A 195 9.29 13.82 -0.33
CA SER A 195 10.72 13.98 -0.55
C SER A 195 10.93 15.42 -1.03
N MET A 196 10.94 16.32 -0.05
CA MET A 196 11.06 17.76 -0.25
C MET A 196 12.16 18.26 -1.17
N VAL A 197 13.40 17.88 -0.87
CA VAL A 197 14.53 18.31 -1.67
C VAL A 197 14.49 17.68 -3.05
N SER A 198 14.06 16.42 -3.11
CA SER A 198 13.98 15.71 -4.39
C SER A 198 13.01 16.40 -5.36
N TYR A 199 11.94 16.96 -4.81
CA TYR A 199 10.97 17.68 -5.64
C TYR A 199 11.63 18.99 -6.03
N ALA A 200 12.15 19.67 -5.02
CA ALA A 200 12.80 20.96 -5.21
C ALA A 200 13.88 20.95 -6.30
N SER A 201 14.63 19.86 -6.40
CA SER A 201 15.70 19.77 -7.40
C SER A 201 15.28 20.24 -8.79
N GLY A 202 14.29 19.57 -9.38
CA GLY A 202 13.84 19.95 -10.71
C GLY A 202 13.06 21.25 -10.75
N ALA A 203 12.24 21.48 -9.72
CA ALA A 203 11.43 22.69 -9.67
C ALA A 203 12.32 23.94 -9.63
N ARG A 204 13.44 23.83 -8.92
CA ARG A 204 14.38 24.94 -8.78
C ARG A 204 15.07 25.26 -10.10
N TYR A 205 15.52 24.23 -10.80
CA TYR A 205 16.19 24.41 -12.09
C TYR A 205 15.20 25.06 -13.06
N LEU A 206 13.99 24.51 -13.13
CA LEU A 206 12.96 25.02 -14.02
C LEU A 206 12.57 26.45 -13.69
N SER A 207 12.37 26.75 -12.41
CA SER A 207 11.97 28.09 -12.01
C SER A 207 13.04 29.14 -12.32
N LEU A 208 14.30 28.74 -12.23
CA LEU A 208 15.39 29.67 -12.53
C LEU A 208 15.42 30.00 -14.03
N ILE A 209 15.19 29.00 -14.87
CA ILE A 209 15.20 29.23 -16.31
C ILE A 209 13.88 29.69 -16.91
N GLY A 210 12.84 29.74 -16.08
CA GLY A 210 11.54 30.20 -16.56
C GLY A 210 10.57 29.11 -17.00
N GLY A 211 10.95 27.85 -16.78
CA GLY A 211 10.10 26.74 -17.16
C GLY A 211 8.85 26.66 -16.30
N THR A 212 7.85 25.92 -16.79
CA THR A 212 6.61 25.81 -16.05
C THR A 212 6.61 24.64 -15.06
N CYS A 213 6.19 24.92 -13.82
CA CYS A 213 6.10 23.90 -12.78
C CYS A 213 4.63 23.50 -12.71
N LEU A 214 4.33 22.27 -13.11
CA LEU A 214 2.97 21.76 -13.14
C LEU A 214 2.44 21.31 -11.77
N SER A 215 1.17 21.61 -11.51
CA SER A 215 0.52 21.27 -10.25
C SER A 215 0.19 19.77 -10.20
N PHE A 216 -0.32 19.32 -9.06
CA PHE A 216 -0.65 17.91 -8.90
C PHE A 216 -1.88 17.59 -8.06
N TYR A 217 -2.09 18.37 -7.00
CA TYR A 217 -3.22 18.13 -6.10
C TYR A 217 -4.56 18.16 -6.83
N ASP A 218 -4.75 19.17 -7.68
CA ASP A 218 -5.99 19.28 -8.45
C ASP A 218 -6.01 18.22 -9.55
N TRP A 219 -4.88 18.10 -10.25
CA TRP A 219 -4.73 17.13 -11.31
C TRP A 219 -5.09 15.72 -10.88
N TYR A 220 -4.64 15.34 -9.68
CA TYR A 220 -4.92 14.00 -9.16
C TYR A 220 -6.34 13.89 -8.60
N CYS A 221 -7.02 15.03 -8.51
CA CYS A 221 -8.38 15.10 -7.99
C CYS A 221 -8.38 14.79 -6.49
N ASP A 222 -7.32 15.19 -5.81
CA ASP A 222 -7.22 14.99 -4.37
C ASP A 222 -7.68 16.30 -3.73
N LEU A 223 -7.56 17.38 -4.49
CA LEU A 223 -8.02 18.67 -4.02
C LEU A 223 -9.53 18.61 -3.97
N PRO A 224 -10.12 18.98 -2.82
CA PRO A 224 -11.58 18.98 -2.70
C PRO A 224 -11.95 20.46 -2.82
N PRO A 225 -12.36 20.90 -4.04
CA PRO A 225 -12.72 22.29 -4.27
C PRO A 225 -13.67 22.86 -3.23
N ALA A 226 -14.41 21.98 -2.57
CA ALA A 226 -15.35 22.37 -1.53
C ALA A 226 -14.61 22.95 -0.33
N SER A 227 -13.33 22.61 -0.18
CA SER A 227 -12.55 23.13 0.93
C SER A 227 -12.26 24.62 0.71
N PRO A 228 -11.72 24.98 -0.46
CA PRO A 228 -11.45 26.40 -0.71
C PRO A 228 -12.77 27.18 -0.68
N GLN A 229 -13.83 26.54 -1.16
CA GLN A 229 -15.15 27.17 -1.20
C GLN A 229 -15.70 27.47 0.19
N THR A 230 -15.57 26.49 1.08
CA THR A 230 -16.08 26.62 2.43
C THR A 230 -15.15 27.31 3.42
N TRP A 231 -13.85 27.07 3.30
CA TRP A 231 -12.89 27.63 4.24
C TRP A 231 -11.77 28.51 3.69
N GLY A 232 -11.67 28.61 2.37
CA GLY A 232 -10.60 29.40 1.80
C GLY A 232 -9.26 28.73 2.09
N GLU A 233 -9.29 27.40 2.21
CA GLU A 233 -8.09 26.60 2.50
C GLU A 233 -7.98 25.40 1.57
N GLN A 234 -6.78 25.18 1.04
CA GLN A 234 -6.52 24.06 0.13
C GLN A 234 -6.93 22.74 0.78
N THR A 235 -6.34 22.46 1.94
CA THR A 235 -6.62 21.25 2.70
C THR A 235 -5.85 21.28 4.01
N ASP A 236 -6.60 21.14 5.11
CA ASP A 236 -6.04 21.13 6.45
C ASP A 236 -6.95 20.19 7.22
N VAL A 237 -6.39 19.12 7.76
CA VAL A 237 -7.20 18.15 8.47
C VAL A 237 -6.59 17.67 9.78
N PRO A 238 -7.40 17.05 10.65
CA PRO A 238 -6.89 16.56 11.93
C PRO A 238 -5.94 15.38 11.70
N GLU A 239 -5.00 15.19 12.62
CA GLU A 239 -4.08 14.08 12.51
C GLU A 239 -4.82 12.81 12.90
N SER A 240 -4.27 11.65 12.54
CA SER A 240 -4.92 10.39 12.86
C SER A 240 -5.07 10.20 14.36
N ALA A 241 -4.12 10.69 15.13
CA ALA A 241 -4.20 10.55 16.59
C ALA A 241 -5.48 11.22 17.08
N ASP A 242 -5.93 12.26 16.39
CA ASP A 242 -7.14 12.96 16.80
C ASP A 242 -8.40 12.11 16.62
N TRP A 243 -8.34 11.07 15.79
CA TRP A 243 -9.50 10.20 15.61
C TRP A 243 -9.81 9.59 16.98
N TYR A 244 -8.76 9.36 17.77
CA TYR A 244 -8.91 8.76 19.08
C TYR A 244 -9.65 9.65 20.07
N ASN A 245 -9.74 10.94 19.76
CA ASN A 245 -10.45 11.89 20.61
C ASN A 245 -11.92 11.99 20.20
N SER A 246 -12.30 11.28 19.14
CA SER A 246 -13.67 11.30 18.64
C SER A 246 -14.51 10.19 19.26
N SER A 247 -15.80 10.44 19.47
CA SER A 247 -16.69 9.43 20.04
C SER A 247 -17.71 8.90 19.04
N TYR A 248 -17.65 9.39 17.81
CA TYR A 248 -18.55 8.91 16.75
C TYR A 248 -17.88 9.20 15.40
N ILE A 249 -17.53 8.13 14.69
CA ILE A 249 -16.85 8.29 13.41
C ILE A 249 -17.52 7.57 12.24
N ILE A 250 -17.65 8.28 11.12
CA ILE A 250 -18.20 7.69 9.91
C ILE A 250 -17.06 7.68 8.89
N ALA A 251 -16.73 6.50 8.38
CA ALA A 251 -15.69 6.35 7.36
C ALA A 251 -16.49 6.30 6.07
N TRP A 252 -16.45 7.40 5.34
CA TRP A 252 -17.23 7.56 4.12
C TRP A 252 -16.37 7.62 2.86
N GLY A 253 -16.40 6.56 2.07
CA GLY A 253 -15.60 6.53 0.85
C GLY A 253 -14.11 6.62 1.12
N SER A 254 -13.69 6.06 2.26
CA SER A 254 -12.29 6.04 2.67
C SER A 254 -12.01 4.62 3.18
N ASN A 255 -11.14 3.92 2.48
CA ASN A 255 -10.81 2.53 2.82
C ASN A 255 -9.64 2.45 3.80
N VAL A 256 -9.85 2.98 4.99
CA VAL A 256 -8.84 3.06 6.04
C VAL A 256 -7.81 1.93 6.18
N PRO A 257 -8.24 0.68 6.41
CA PRO A 257 -7.23 -0.38 6.55
C PRO A 257 -6.31 -0.60 5.35
N GLN A 258 -6.81 -0.27 4.16
CA GLN A 258 -6.05 -0.46 2.93
C GLN A 258 -5.29 0.77 2.45
N THR A 259 -5.93 1.94 2.52
CA THR A 259 -5.31 3.18 2.07
C THR A 259 -4.76 4.11 3.16
N ARG A 260 -4.89 3.68 4.42
CA ARG A 260 -4.37 4.46 5.54
C ARG A 260 -3.80 3.45 6.55
N THR A 261 -3.30 2.36 6.00
CA THR A 261 -2.75 1.25 6.77
C THR A 261 -1.99 1.56 8.07
N PRO A 262 -0.93 2.39 8.01
CA PRO A 262 -0.18 2.69 9.25
C PRO A 262 -0.95 3.43 10.34
N ASP A 263 -2.06 4.05 9.97
CA ASP A 263 -2.87 4.81 10.92
C ASP A 263 -4.14 4.08 11.34
N ALA A 264 -4.45 2.98 10.68
CA ALA A 264 -5.67 2.23 10.97
C ALA A 264 -5.88 1.86 12.43
N HIS A 265 -4.80 1.56 13.16
CA HIS A 265 -4.95 1.16 14.55
C HIS A 265 -5.67 2.22 15.40
N PHE A 266 -5.52 3.50 15.06
CA PHE A 266 -6.21 4.54 15.84
C PHE A 266 -7.71 4.32 15.72
N PHE A 267 -8.13 3.88 14.54
CA PHE A 267 -9.54 3.63 14.26
C PHE A 267 -10.03 2.37 14.96
N THR A 268 -9.25 1.29 14.90
CA THR A 268 -9.67 0.06 15.55
C THR A 268 -9.60 0.17 17.07
N GLU A 269 -8.61 0.91 17.56
CA GLU A 269 -8.43 1.07 19.01
C GLU A 269 -9.43 2.03 19.67
N VAL A 270 -9.81 3.10 18.98
CA VAL A 270 -10.75 4.04 19.57
C VAL A 270 -12.10 3.39 19.84
N ARG A 271 -12.39 2.30 19.14
CA ARG A 271 -13.65 1.58 19.35
C ARG A 271 -13.70 1.04 20.78
N TYR A 272 -12.54 0.68 21.34
CA TYR A 272 -12.50 0.15 22.70
C TYR A 272 -12.76 1.21 23.75
N LYS A 273 -12.69 2.48 23.34
CA LYS A 273 -12.94 3.61 24.23
C LYS A 273 -14.45 3.92 24.19
N GLY A 274 -15.20 3.09 23.46
CA GLY A 274 -16.64 3.27 23.35
C GLY A 274 -17.12 4.02 22.13
N THR A 275 -16.20 4.36 21.22
CA THR A 275 -16.55 5.09 20.02
C THR A 275 -17.27 4.20 19.00
N LYS A 276 -18.38 4.68 18.46
CA LYS A 276 -19.12 3.92 17.45
C LYS A 276 -18.61 4.30 16.07
N THR A 277 -18.52 3.32 15.19
CA THR A 277 -18.02 3.56 13.84
C THR A 277 -18.99 3.06 12.77
N VAL A 278 -19.06 3.79 11.66
CA VAL A 278 -19.94 3.43 10.56
C VAL A 278 -19.18 3.49 9.24
N ALA A 279 -19.34 2.46 8.43
CA ALA A 279 -18.69 2.39 7.13
C ALA A 279 -19.73 2.64 6.05
N VAL A 280 -19.43 3.55 5.13
CA VAL A 280 -20.34 3.86 4.03
C VAL A 280 -19.61 3.62 2.71
N THR A 281 -19.81 2.43 2.15
CA THR A 281 -19.19 2.04 0.88
C THR A 281 -20.17 1.15 0.11
N PRO A 282 -20.22 1.29 -1.23
CA PRO A 282 -21.12 0.49 -2.06
C PRO A 282 -20.80 -1.01 -2.04
N ASP A 283 -19.51 -1.32 -1.90
CA ASP A 283 -19.05 -2.70 -1.85
C ASP A 283 -18.73 -3.05 -0.40
N TYR A 284 -18.52 -4.34 -0.11
CA TYR A 284 -18.13 -4.71 1.24
C TYR A 284 -16.62 -4.53 1.22
N ALA A 285 -16.18 -3.32 1.52
CA ALA A 285 -14.77 -2.98 1.52
C ALA A 285 -14.07 -3.38 2.81
N GLU A 286 -12.74 -3.33 2.81
CA GLU A 286 -11.99 -3.70 3.98
C GLU A 286 -12.43 -2.86 5.18
N ILE A 287 -12.71 -1.58 4.94
CA ILE A 287 -13.14 -0.70 6.02
C ILE A 287 -14.39 -1.23 6.76
N ALA A 288 -15.30 -1.87 6.03
CA ALA A 288 -16.51 -2.38 6.65
C ALA A 288 -16.19 -3.40 7.75
N LYS A 289 -15.13 -4.18 7.54
CA LYS A 289 -14.72 -5.20 8.51
C LYS A 289 -14.46 -4.59 9.88
N LEU A 290 -14.06 -3.32 9.91
CA LEU A 290 -13.73 -2.65 11.16
C LEU A 290 -14.86 -1.87 11.84
N CYS A 291 -15.99 -1.72 11.16
CA CYS A 291 -17.07 -0.92 11.73
C CYS A 291 -18.24 -1.64 12.39
N ASP A 292 -19.07 -0.85 13.07
CA ASP A 292 -20.23 -1.38 13.77
C ASP A 292 -21.46 -1.47 12.86
N LEU A 293 -21.42 -0.72 11.77
CA LEU A 293 -22.53 -0.71 10.82
C LEU A 293 -22.01 -0.44 9.41
N TRP A 294 -22.58 -1.17 8.44
CA TRP A 294 -22.20 -1.01 7.04
C TRP A 294 -23.39 -0.53 6.22
N LEU A 295 -23.27 0.67 5.67
CA LEU A 295 -24.32 1.25 4.82
C LEU A 295 -23.73 1.23 3.41
N ALA A 296 -24.52 0.76 2.44
CA ALA A 296 -24.00 0.64 1.09
C ALA A 296 -24.79 1.40 0.02
N PRO A 297 -24.69 2.73 0.01
CA PRO A 297 -25.43 3.50 -0.99
C PRO A 297 -24.86 3.26 -2.38
N LYS A 298 -25.71 3.46 -3.39
CA LYS A 298 -25.28 3.31 -4.79
C LYS A 298 -24.10 4.27 -4.94
N GLN A 299 -23.02 3.80 -5.56
CA GLN A 299 -21.85 4.66 -5.73
C GLN A 299 -22.23 5.93 -6.49
N GLY A 300 -21.64 7.05 -6.10
CA GLY A 300 -21.91 8.32 -6.75
C GLY A 300 -23.15 9.07 -6.28
N THR A 301 -23.92 8.47 -5.38
CA THR A 301 -25.15 9.11 -4.89
C THR A 301 -25.07 9.55 -3.44
N ASP A 302 -23.87 9.50 -2.87
CA ASP A 302 -23.65 9.86 -1.47
C ASP A 302 -24.18 11.22 -1.02
N ALA A 303 -24.11 12.22 -1.89
CA ALA A 303 -24.58 13.55 -1.53
C ALA A 303 -26.05 13.49 -1.13
N ALA A 304 -26.81 12.60 -1.77
CA ALA A 304 -28.22 12.44 -1.47
C ALA A 304 -28.40 12.01 -0.01
N MET A 305 -27.59 11.05 0.42
CA MET A 305 -27.66 10.54 1.78
C MET A 305 -27.25 11.63 2.76
N ALA A 306 -26.20 12.38 2.44
CA ALA A 306 -25.72 13.46 3.30
C ALA A 306 -26.79 14.53 3.45
N LEU A 307 -27.49 14.84 2.38
CA LEU A 307 -28.54 15.87 2.42
C LEU A 307 -29.67 15.43 3.35
N ALA A 308 -30.11 14.19 3.21
CA ALA A 308 -31.18 13.66 4.04
C ALA A 308 -30.78 13.63 5.51
N MET A 309 -29.51 13.33 5.78
CA MET A 309 -29.03 13.30 7.16
C MET A 309 -29.01 14.72 7.72
N GLY A 310 -28.58 15.67 6.90
CA GLY A 310 -28.55 17.06 7.34
C GLY A 310 -29.95 17.53 7.64
N HIS A 311 -30.90 17.08 6.83
CA HIS A 311 -32.31 17.43 6.99
C HIS A 311 -32.78 17.06 8.39
N VAL A 312 -32.51 15.83 8.80
CA VAL A 312 -32.90 15.35 10.11
C VAL A 312 -32.24 16.16 11.22
N MET A 313 -30.94 16.42 11.06
CA MET A 313 -30.19 17.18 12.05
C MET A 313 -30.77 18.57 12.27
N LEU A 314 -31.02 19.29 11.19
CA LEU A 314 -31.59 20.64 11.29
C LEU A 314 -32.96 20.58 11.93
N ARG A 315 -33.79 19.65 11.47
CA ARG A 315 -35.14 19.51 12.00
C ARG A 315 -35.19 19.23 13.50
N GLU A 316 -34.37 18.29 13.95
CA GLU A 316 -34.37 17.90 15.36
C GLU A 316 -33.47 18.66 16.32
N PHE A 317 -32.31 19.12 15.86
CA PHE A 317 -31.37 19.80 16.75
C PHE A 317 -31.24 21.31 16.56
N HIS A 318 -31.90 21.84 15.53
CA HIS A 318 -31.85 23.28 15.28
C HIS A 318 -33.23 23.92 15.39
N LEU A 319 -34.26 23.19 14.91
CA LEU A 319 -35.62 23.71 14.94
C LEU A 319 -36.49 23.23 16.09
N ASP A 320 -36.83 21.94 16.11
CA ASP A 320 -37.70 21.38 17.14
C ASP A 320 -37.15 21.43 18.57
N ASN A 321 -35.89 21.06 18.74
CA ASN A 321 -35.27 21.09 20.05
C ASN A 321 -33.89 21.72 19.89
N PRO A 322 -33.84 23.03 19.64
CA PRO A 322 -32.61 23.79 19.45
C PRO A 322 -31.49 23.46 20.43
N SER A 323 -30.35 23.03 19.88
CA SER A 323 -29.18 22.71 20.68
C SER A 323 -28.46 24.02 21.00
N GLN A 324 -28.20 24.25 22.28
CA GLN A 324 -27.51 25.47 22.67
C GLN A 324 -26.13 25.51 22.04
N TYR A 325 -25.45 24.37 22.04
CA TYR A 325 -24.11 24.31 21.46
C TYR A 325 -24.13 24.58 19.95
N PHE A 326 -24.96 23.84 19.22
CA PHE A 326 -25.05 24.00 17.77
C PHE A 326 -25.47 25.39 17.32
N THR A 327 -26.48 25.94 17.97
CA THR A 327 -26.99 27.27 17.60
C THR A 327 -25.92 28.34 17.71
N ASP A 328 -25.28 28.42 18.88
CA ASP A 328 -24.22 29.40 19.10
C ASP A 328 -23.09 29.22 18.09
N TYR A 329 -22.76 27.96 17.82
CA TYR A 329 -21.69 27.65 16.88
C TYR A 329 -21.93 28.19 15.47
N VAL A 330 -23.08 27.87 14.88
CA VAL A 330 -23.35 28.36 13.53
C VAL A 330 -23.56 29.87 13.50
N ARG A 331 -23.97 30.44 14.62
CA ARG A 331 -24.19 31.88 14.71
C ARG A 331 -22.87 32.63 14.57
N ARG A 332 -21.84 32.12 15.25
CA ARG A 332 -20.53 32.77 15.25
C ARG A 332 -19.52 32.28 14.22
N TYR A 333 -19.65 31.03 13.77
CA TYR A 333 -18.68 30.48 12.84
C TYR A 333 -19.11 30.19 11.39
N THR A 334 -20.33 30.57 11.02
CA THR A 334 -20.78 30.35 9.64
C THR A 334 -21.32 31.64 9.05
N ASP A 335 -21.64 31.61 7.76
CA ASP A 335 -22.18 32.77 7.07
C ASP A 335 -23.71 32.73 7.08
N MET A 336 -24.27 31.83 7.86
CA MET A 336 -25.72 31.69 7.94
C MET A 336 -26.47 32.99 8.26
N PRO A 337 -25.98 33.79 9.22
CA PRO A 337 -26.68 35.04 9.53
C PRO A 337 -26.49 36.12 8.47
N MET A 338 -25.61 35.85 7.50
CA MET A 338 -25.33 36.80 6.43
C MET A 338 -26.51 37.00 5.49
N LEU A 339 -26.70 38.25 5.04
CA LEU A 339 -27.81 38.60 4.16
C LEU A 339 -27.55 38.40 2.67
N VAL A 340 -28.54 37.82 1.99
CA VAL A 340 -28.44 37.57 0.56
C VAL A 340 -29.50 38.37 -0.19
N MET A 341 -29.11 39.00 -1.29
CA MET A 341 -30.02 39.79 -2.09
C MET A 341 -30.80 38.91 -3.07
N LEU A 342 -32.11 39.15 -3.15
CA LEU A 342 -32.96 38.38 -4.04
C LEU A 342 -33.11 39.08 -5.40
N GLU A 343 -33.05 38.28 -6.46
CA GLU A 343 -33.18 38.80 -7.82
C GLU A 343 -34.58 38.53 -8.33
N GLU A 344 -35.16 39.52 -9.01
CA GLU A 344 -36.50 39.38 -9.55
C GLU A 344 -36.54 38.49 -10.79
N ARG A 345 -37.44 37.50 -10.76
CA ARG A 345 -37.62 36.58 -11.87
C ARG A 345 -39.09 36.66 -12.29
N ASP A 346 -39.49 35.83 -13.24
CA ASP A 346 -40.88 35.84 -13.71
C ASP A 346 -41.80 35.09 -12.75
N GLY A 347 -42.40 35.81 -11.82
CA GLY A 347 -43.31 35.18 -10.88
C GLY A 347 -42.69 34.77 -9.56
N TYR A 348 -41.36 34.78 -9.49
CA TYR A 348 -40.66 34.40 -8.27
C TYR A 348 -39.29 35.09 -8.19
N TYR A 349 -38.54 34.74 -7.15
CA TYR A 349 -37.22 35.31 -6.94
C TYR A 349 -36.14 34.24 -6.97
N ALA A 350 -34.89 34.67 -7.20
CA ALA A 350 -33.75 33.76 -7.22
C ALA A 350 -32.72 34.37 -6.28
N ALA A 351 -31.99 33.51 -5.58
CA ALA A 351 -30.96 33.99 -4.65
C ALA A 351 -29.81 34.59 -5.45
N GLY A 352 -29.53 35.86 -5.19
CA GLY A 352 -28.46 36.55 -5.90
C GLY A 352 -27.19 36.61 -5.08
N ARG A 353 -26.41 37.67 -5.25
CA ARG A 353 -25.16 37.81 -4.50
C ARG A 353 -25.44 38.25 -3.07
N MET A 354 -24.44 38.09 -2.21
CA MET A 354 -24.57 38.49 -0.81
C MET A 354 -24.56 40.00 -0.69
N LEU A 355 -25.31 40.53 0.27
CA LEU A 355 -25.37 41.95 0.49
C LEU A 355 -24.02 42.41 1.02
N ARG A 356 -23.55 43.57 0.55
CA ARG A 356 -22.27 44.10 0.99
C ARG A 356 -22.51 45.45 1.68
N ALA A 357 -21.57 45.86 2.53
CA ALA A 357 -21.69 47.13 3.24
C ALA A 357 -21.86 48.29 2.26
N ALA A 358 -21.21 48.18 1.11
CA ALA A 358 -21.28 49.21 0.08
C ALA A 358 -22.68 49.42 -0.48
N ASP A 359 -23.51 48.39 -0.39
CA ASP A 359 -24.88 48.47 -0.90
C ASP A 359 -25.78 49.40 -0.08
N LEU A 360 -25.39 49.68 1.16
CA LEU A 360 -26.19 50.56 2.01
C LEU A 360 -25.75 52.01 1.94
N VAL A 361 -26.69 52.91 2.22
CA VAL A 361 -26.46 54.35 2.18
C VAL A 361 -25.12 54.81 2.74
N ALA A 362 -24.99 54.77 4.07
CA ALA A 362 -23.74 55.20 4.71
C ALA A 362 -22.67 54.12 4.66
N ALA A 363 -22.88 53.12 3.81
CA ALA A 363 -21.94 52.00 3.66
C ALA A 363 -21.60 51.44 5.04
N LEU A 364 -22.55 51.54 5.96
CA LEU A 364 -22.39 51.05 7.32
C LEU A 364 -21.10 51.59 7.95
N GLY A 365 -20.77 52.84 7.60
CA GLY A 365 -19.58 53.48 8.12
C GLY A 365 -18.29 52.77 7.71
N GLN A 366 -18.34 52.07 6.59
CA GLN A 366 -17.17 51.35 6.10
C GLN A 366 -16.48 52.06 4.94
N GLU A 367 -15.33 52.65 5.22
CA GLU A 367 -14.55 53.37 4.23
C GLU A 367 -13.64 52.47 3.40
N ASN A 368 -13.12 51.42 4.02
CA ASN A 368 -12.21 50.51 3.33
C ASN A 368 -12.90 49.22 2.87
N ASN A 369 -12.70 48.88 1.59
CA ASN A 369 -13.27 47.67 1.01
C ASN A 369 -14.72 47.43 1.42
N PRO A 370 -15.59 48.43 1.26
CA PRO A 370 -16.99 48.26 1.63
C PRO A 370 -17.72 47.22 0.77
N GLU A 371 -17.23 47.01 -0.45
CA GLU A 371 -17.84 46.05 -1.35
C GLU A 371 -17.41 44.62 -1.03
N TRP A 372 -16.47 44.47 -0.09
CA TRP A 372 -15.98 43.15 0.29
C TRP A 372 -16.30 42.76 1.73
N LYS A 373 -17.29 43.42 2.30
CA LYS A 373 -17.70 43.13 3.67
C LYS A 373 -19.18 42.74 3.69
N THR A 374 -19.46 41.55 4.20
CA THR A 374 -20.83 41.06 4.26
C THR A 374 -21.63 41.69 5.39
N VAL A 375 -22.95 41.61 5.29
CA VAL A 375 -23.83 42.22 6.27
C VAL A 375 -24.85 41.26 6.90
N ALA A 376 -25.24 41.56 8.13
CA ALA A 376 -26.21 40.75 8.85
C ALA A 376 -26.99 41.63 9.82
N PHE A 377 -28.07 41.09 10.38
CA PHE A 377 -28.87 41.82 11.35
C PHE A 377 -28.50 41.33 12.74
N ASN A 378 -28.44 42.24 13.71
CA ASN A 378 -28.15 41.82 15.07
C ASN A 378 -29.50 41.46 15.68
N THR A 379 -29.49 40.92 16.89
CA THR A 379 -30.74 40.53 17.54
C THR A 379 -31.66 41.70 17.85
N ASN A 380 -31.18 42.92 17.64
CA ASN A 380 -32.00 44.10 17.88
C ASN A 380 -32.58 44.65 16.59
N GLY A 381 -32.55 43.82 15.54
CA GLY A 381 -33.09 44.22 14.26
C GLY A 381 -32.24 45.24 13.50
N GLU A 382 -31.06 45.54 14.03
CA GLU A 382 -30.16 46.50 13.39
C GLU A 382 -29.20 45.80 12.42
N MET A 383 -28.95 46.45 11.29
CA MET A 383 -28.06 45.92 10.27
C MET A 383 -26.60 46.24 10.63
N VAL A 384 -25.71 45.26 10.49
CA VAL A 384 -24.32 45.47 10.84
C VAL A 384 -23.32 44.69 9.98
N ALA A 385 -22.09 45.20 9.92
CA ALA A 385 -21.01 44.57 9.19
C ALA A 385 -20.04 44.00 10.22
N PRO A 386 -20.20 42.71 10.57
CA PRO A 386 -19.34 42.06 11.57
C PRO A 386 -17.88 41.92 11.15
N ASN A 387 -16.99 41.84 12.14
CA ASN A 387 -15.56 41.69 11.88
C ASN A 387 -15.34 40.34 11.21
N GLY A 388 -14.20 40.19 10.53
CA GLY A 388 -13.89 38.91 9.91
C GLY A 388 -14.07 38.80 8.40
N SER A 389 -14.95 39.61 7.82
CA SER A 389 -15.15 39.55 6.37
C SER A 389 -13.85 39.90 5.66
N ILE A 390 -13.65 39.32 4.48
CA ILE A 390 -12.42 39.53 3.73
C ILE A 390 -12.02 40.98 3.49
N GLY A 391 -12.99 41.89 3.60
CA GLY A 391 -12.69 43.31 3.40
C GLY A 391 -11.76 43.86 4.47
N PHE A 392 -11.87 43.31 5.68
CA PHE A 392 -11.04 43.76 6.80
C PHE A 392 -9.63 43.19 6.77
N ARG A 393 -9.37 42.25 5.87
CA ARG A 393 -8.04 41.62 5.80
C ARG A 393 -6.98 42.53 5.18
N TRP A 394 -7.38 43.33 4.19
CA TRP A 394 -6.44 44.21 3.51
C TRP A 394 -6.85 45.68 3.60
N GLY A 395 -5.86 46.57 3.54
CA GLY A 395 -6.13 47.99 3.60
C GLY A 395 -6.37 48.54 5.00
N GLU A 396 -6.40 47.65 5.99
CA GLU A 396 -6.62 48.04 7.37
C GLU A 396 -6.11 46.92 8.28
N LYS A 397 -6.20 47.11 9.59
CA LYS A 397 -5.73 46.10 10.53
C LYS A 397 -6.50 46.05 11.85
N GLY A 398 -6.43 44.91 12.53
CA GLY A 398 -7.08 44.75 13.81
C GLY A 398 -8.53 44.31 13.84
N LYS A 399 -9.18 44.22 12.69
CA LYS A 399 -10.58 43.82 12.65
C LYS A 399 -10.83 42.52 11.90
N TRP A 400 -9.78 41.90 11.38
CA TRP A 400 -9.93 40.65 10.66
C TRP A 400 -9.89 39.52 11.69
N ASN A 401 -10.98 39.37 12.43
CA ASN A 401 -11.10 38.33 13.45
C ASN A 401 -12.56 37.89 13.59
N LEU A 402 -12.77 36.81 14.33
CA LEU A 402 -14.12 36.28 14.52
C LEU A 402 -14.78 36.71 15.83
N GLU A 403 -14.32 37.82 16.39
CA GLU A 403 -14.94 38.36 17.61
C GLU A 403 -16.31 38.80 17.14
N GLN A 404 -17.35 38.53 17.92
CA GLN A 404 -18.68 38.95 17.51
C GLN A 404 -18.83 40.44 17.81
N ARG A 405 -18.25 41.26 16.93
CA ARG A 405 -18.30 42.71 17.10
C ARG A 405 -18.76 43.45 15.86
N ASP A 406 -19.23 44.67 16.07
CA ASP A 406 -19.69 45.53 15.00
C ASP A 406 -18.46 46.16 14.32
N GLY A 407 -18.28 45.84 13.04
CA GLY A 407 -17.13 46.35 12.31
C GLY A 407 -17.02 47.86 12.23
N LYS A 408 -18.05 48.58 12.66
CA LYS A 408 -18.01 50.04 12.62
C LYS A 408 -17.85 50.64 14.00
N THR A 409 -18.66 50.20 14.94
CA THR A 409 -18.61 50.71 16.30
C THR A 409 -17.61 49.96 17.19
N GLY A 410 -17.19 48.79 16.73
CA GLY A 410 -16.27 47.98 17.52
C GLY A 410 -16.92 47.48 18.79
N GLU A 411 -18.23 47.64 18.86
CA GLU A 411 -19.00 47.21 20.02
C GLU A 411 -19.43 45.75 19.85
N GLU A 412 -19.67 45.07 20.96
CA GLU A 412 -20.11 43.68 20.91
C GLU A 412 -21.52 43.60 20.34
N THR A 413 -21.76 42.60 19.50
CA THR A 413 -23.07 42.42 18.89
C THR A 413 -23.43 40.94 18.80
N GLU A 414 -24.72 40.66 18.63
CA GLU A 414 -25.19 39.28 18.50
C GLU A 414 -25.93 39.16 17.18
N LEU A 415 -25.42 38.30 16.31
CA LEU A 415 -26.02 38.11 15.00
C LEU A 415 -27.29 37.27 15.08
N GLN A 416 -28.28 37.65 14.28
CA GLN A 416 -29.55 36.93 14.25
C GLN A 416 -29.47 35.94 13.09
N LEU A 417 -29.97 34.73 13.31
CA LEU A 417 -29.94 33.70 12.28
C LEU A 417 -31.08 33.78 11.26
N SER A 418 -32.31 33.62 11.75
CA SER A 418 -33.47 33.64 10.87
C SER A 418 -34.28 34.93 10.94
N LEU A 419 -34.89 35.29 9.81
CA LEU A 419 -35.71 36.49 9.74
C LEU A 419 -37.17 36.13 10.01
N LEU A 420 -37.44 34.85 10.13
CA LEU A 420 -38.79 34.37 10.42
C LEU A 420 -39.24 34.94 11.76
N GLY A 421 -40.30 35.73 11.74
CA GLY A 421 -40.80 36.33 12.97
C GLY A 421 -40.48 37.80 13.01
N SER A 422 -39.96 38.33 11.91
CA SER A 422 -39.62 39.73 11.83
C SER A 422 -39.49 40.13 10.36
N GLN A 423 -40.14 39.38 9.49
CA GLN A 423 -40.09 39.66 8.06
C GLN A 423 -41.16 40.66 7.64
N ASP A 424 -40.88 41.39 6.57
CA ASP A 424 -41.81 42.38 6.03
C ASP A 424 -42.83 41.66 5.16
N GLU A 425 -42.43 40.50 4.65
CA GLU A 425 -43.30 39.70 3.79
C GLU A 425 -42.66 38.35 3.47
N ILE A 426 -43.44 37.50 2.81
CA ILE A 426 -42.96 36.19 2.41
C ILE A 426 -42.81 36.19 0.90
N ALA A 427 -41.64 35.80 0.42
CA ALA A 427 -41.38 35.77 -1.02
C ALA A 427 -41.01 34.36 -1.46
N GLU A 428 -41.40 33.99 -2.68
CA GLU A 428 -41.09 32.68 -3.19
C GLU A 428 -39.77 32.70 -3.96
N VAL A 429 -38.83 31.88 -3.52
CA VAL A 429 -37.52 31.79 -4.15
C VAL A 429 -37.36 30.45 -4.82
N GLY A 430 -36.87 30.46 -6.06
CA GLY A 430 -36.69 29.22 -6.78
C GLY A 430 -35.34 28.57 -6.49
N PHE A 431 -35.36 27.26 -6.28
CA PHE A 431 -34.13 26.52 -5.99
C PHE A 431 -33.93 25.47 -7.08
N PRO A 432 -32.70 25.36 -7.61
CA PRO A 432 -32.45 24.37 -8.66
C PRO A 432 -32.50 22.96 -8.08
N TYR A 433 -33.09 22.04 -8.85
CA TYR A 433 -33.20 20.65 -8.44
C TYR A 433 -32.79 19.76 -9.60
N PHE A 434 -31.77 18.94 -9.38
CA PHE A 434 -31.26 18.06 -10.44
C PHE A 434 -31.51 16.58 -10.13
N GLY A 435 -32.14 16.31 -8.99
CA GLY A 435 -32.42 14.93 -8.60
C GLY A 435 -33.26 14.14 -9.58
N GLY A 436 -33.87 14.83 -10.55
CA GLY A 436 -34.70 14.16 -11.53
C GLY A 436 -33.95 13.81 -12.81
N ASP A 437 -32.73 14.33 -12.92
CA ASP A 437 -31.89 14.06 -14.10
C ASP A 437 -31.00 12.85 -13.83
N GLY A 438 -30.12 12.54 -14.78
CA GLY A 438 -29.23 11.41 -14.60
C GLY A 438 -29.35 10.33 -15.67
N THR A 439 -28.42 9.39 -15.65
CA THR A 439 -28.43 8.30 -16.62
C THR A 439 -29.37 7.19 -16.16
N GLU A 440 -29.47 6.15 -16.98
CA GLU A 440 -30.34 5.02 -16.68
C GLU A 440 -29.75 4.13 -15.58
N HIS A 441 -28.47 4.30 -15.28
CA HIS A 441 -27.81 3.48 -14.27
C HIS A 441 -28.03 3.91 -12.82
N PHE A 442 -28.70 5.05 -12.63
CA PHE A 442 -28.97 5.54 -11.29
C PHE A 442 -30.44 5.90 -11.11
N ASN A 443 -30.95 5.70 -9.90
CA ASN A 443 -32.34 6.02 -9.61
C ASN A 443 -32.51 7.53 -9.56
N LYS A 444 -33.67 8.00 -9.99
CA LYS A 444 -33.97 9.42 -10.01
C LYS A 444 -35.30 9.66 -9.33
N VAL A 445 -35.52 10.88 -8.88
CA VAL A 445 -36.77 11.26 -8.25
C VAL A 445 -37.26 12.53 -8.92
N GLU A 446 -38.37 12.40 -9.64
CA GLU A 446 -38.95 13.52 -10.36
C GLU A 446 -39.74 14.46 -9.47
N LEU A 447 -39.43 15.74 -9.55
CA LEU A 447 -40.12 16.80 -8.81
C LEU A 447 -40.30 17.92 -9.83
N GLU A 448 -39.45 18.94 -9.75
CA GLU A 448 -39.49 20.06 -10.69
C GLU A 448 -38.06 20.59 -10.79
N ASN A 449 -37.65 21.02 -11.99
CA ASN A 449 -36.30 21.54 -12.18
C ASN A 449 -36.05 22.73 -11.26
N VAL A 450 -37.13 23.45 -10.94
CA VAL A 450 -37.03 24.60 -10.05
C VAL A 450 -38.07 24.44 -8.94
N LEU A 451 -37.60 24.40 -7.70
CA LEU A 451 -38.48 24.23 -6.56
C LEU A 451 -38.70 25.57 -5.88
N LEU A 452 -39.97 25.99 -5.81
CA LEU A 452 -40.31 27.27 -5.17
C LEU A 452 -40.52 27.10 -3.68
N HIS A 453 -39.80 27.89 -2.89
CA HIS A 453 -39.92 27.84 -1.44
C HIS A 453 -40.34 29.20 -0.88
N LYS A 454 -41.06 29.18 0.23
CA LYS A 454 -41.50 30.39 0.88
C LYS A 454 -40.41 30.84 1.85
N LEU A 455 -39.86 32.03 1.60
CA LEU A 455 -38.80 32.57 2.43
C LEU A 455 -39.18 33.89 3.08
N PRO A 456 -38.83 34.09 4.35
CA PRO A 456 -39.13 35.33 5.07
C PRO A 456 -38.13 36.39 4.60
N VAL A 457 -38.62 37.54 4.17
CA VAL A 457 -37.74 38.59 3.69
C VAL A 457 -38.01 39.96 4.31
N LYS A 458 -37.11 40.90 4.00
CA LYS A 458 -37.21 42.27 4.47
C LYS A 458 -36.76 43.15 3.32
N ARG A 459 -37.51 44.22 3.05
CA ARG A 459 -37.16 45.13 1.97
C ARG A 459 -36.18 46.17 2.49
N LEU A 460 -35.11 46.42 1.73
CA LEU A 460 -34.10 47.38 2.12
C LEU A 460 -33.91 48.49 1.09
N GLN A 461 -33.55 49.68 1.57
CA GLN A 461 -33.30 50.82 0.72
C GLN A 461 -31.81 50.85 0.43
N LEU A 462 -31.44 50.64 -0.83
CA LEU A 462 -30.04 50.64 -1.22
C LEU A 462 -29.47 52.03 -1.42
N ALA A 463 -28.14 52.11 -1.47
CA ALA A 463 -27.43 53.37 -1.64
C ALA A 463 -27.75 54.05 -2.97
N ASP A 464 -27.97 53.26 -4.02
CA ASP A 464 -28.27 53.83 -5.33
C ASP A 464 -29.73 54.27 -5.44
N GLY A 465 -30.42 54.30 -4.31
CA GLY A 465 -31.81 54.71 -4.30
C GLY A 465 -32.80 53.60 -4.56
N SER A 466 -32.36 52.53 -5.22
CA SER A 466 -33.23 51.41 -5.51
C SER A 466 -33.61 50.66 -4.23
N THR A 467 -34.48 49.67 -4.37
CA THR A 467 -34.92 48.87 -3.24
C THR A 467 -34.64 47.39 -3.53
N ALA A 468 -34.52 46.59 -2.49
CA ALA A 468 -34.25 45.18 -2.69
C ALA A 468 -34.67 44.30 -1.50
N LEU A 469 -35.02 43.05 -1.81
CA LEU A 469 -35.43 42.09 -0.79
C LEU A 469 -34.22 41.24 -0.40
N VAL A 470 -34.07 40.98 0.89
CA VAL A 470 -32.96 40.17 1.37
C VAL A 470 -33.44 39.12 2.35
N THR A 471 -32.68 38.04 2.45
CA THR A 471 -32.99 36.95 3.37
C THR A 471 -31.62 36.43 3.83
N THR A 472 -31.61 35.63 4.88
CA THR A 472 -30.34 35.12 5.40
C THR A 472 -29.96 33.77 4.78
N VAL A 473 -28.67 33.45 4.84
CA VAL A 473 -28.18 32.19 4.32
C VAL A 473 -28.87 31.09 5.11
N TYR A 474 -29.08 31.35 6.39
CA TYR A 474 -29.73 30.41 7.30
C TYR A 474 -31.10 29.98 6.78
N ASP A 475 -31.95 30.97 6.46
CA ASP A 475 -33.29 30.68 5.97
C ASP A 475 -33.24 29.98 4.62
N LEU A 476 -32.32 30.43 3.77
CA LEU A 476 -32.15 29.85 2.44
C LEU A 476 -31.76 28.38 2.55
N THR A 477 -30.92 28.08 3.54
CA THR A 477 -30.45 26.71 3.77
C THR A 477 -31.58 25.80 4.24
N LEU A 478 -32.36 26.27 5.21
CA LEU A 478 -33.47 25.47 5.72
C LEU A 478 -34.50 25.17 4.63
N ALA A 479 -34.70 26.12 3.72
CA ALA A 479 -35.64 25.94 2.62
C ALA A 479 -35.05 24.94 1.63
N ASN A 480 -33.77 25.10 1.33
CA ASN A 480 -33.08 24.22 0.41
C ASN A 480 -33.19 22.77 0.88
N TYR A 481 -33.10 22.55 2.19
CA TYR A 481 -33.21 21.21 2.74
C TYR A 481 -34.67 20.71 2.82
N GLY A 482 -35.61 21.60 2.55
CA GLY A 482 -37.01 21.23 2.56
C GLY A 482 -37.68 21.18 3.93
N LEU A 483 -37.23 22.02 4.85
CA LEU A 483 -37.80 22.06 6.20
C LEU A 483 -39.01 22.99 6.29
N GLU A 484 -40.16 22.43 6.62
CA GLU A 484 -41.39 23.21 6.78
C GLU A 484 -41.25 24.06 8.02
N ARG A 485 -41.56 25.35 7.91
CA ARG A 485 -41.42 26.25 9.04
C ARG A 485 -42.69 27.01 9.42
N GLY A 486 -43.83 26.54 8.94
CA GLY A 486 -45.09 27.19 9.27
C GLY A 486 -45.65 28.11 8.19
N LEU A 487 -44.91 28.27 7.10
CA LEU A 487 -45.37 29.13 6.01
C LEU A 487 -46.20 28.32 5.02
N ASN A 488 -46.41 27.04 5.32
CA ASN A 488 -47.17 26.15 4.45
C ASN A 488 -46.55 26.11 3.07
N ASP A 489 -45.34 25.56 2.99
CA ASP A 489 -44.61 25.43 1.75
C ASP A 489 -44.84 24.04 1.18
N VAL A 490 -45.54 23.98 0.04
CA VAL A 490 -45.85 22.72 -0.61
C VAL A 490 -44.62 21.88 -0.97
N ASN A 491 -43.48 22.54 -1.15
CA ASN A 491 -42.26 21.81 -1.50
C ASN A 491 -41.42 21.41 -0.28
N CYS A 492 -41.95 21.64 0.91
CA CYS A 492 -41.26 21.27 2.14
C CYS A 492 -41.90 19.96 2.62
N ALA A 493 -41.15 19.20 3.41
CA ALA A 493 -41.63 17.91 3.90
C ALA A 493 -42.58 18.02 5.07
N THR A 494 -43.61 17.17 5.06
CA THR A 494 -44.59 17.14 6.13
C THR A 494 -44.11 16.09 7.13
N SER A 495 -43.12 15.31 6.72
CA SER A 495 -42.52 14.27 7.55
C SER A 495 -41.34 13.67 6.79
N TYR A 496 -40.59 12.80 7.47
CA TYR A 496 -39.44 12.16 6.84
C TYR A 496 -39.88 11.21 5.74
N ASP A 497 -41.14 10.77 5.78
CA ASP A 497 -41.65 9.85 4.76
C ASP A 497 -42.15 10.57 3.52
N ASP A 498 -42.26 11.88 3.61
CA ASP A 498 -42.72 12.70 2.50
C ASP A 498 -41.60 12.81 1.46
N VAL A 499 -41.87 12.35 0.24
CA VAL A 499 -40.86 12.41 -0.81
C VAL A 499 -40.67 13.83 -1.30
N LYS A 500 -39.79 14.55 -0.61
CA LYS A 500 -39.51 15.92 -0.95
C LYS A 500 -38.02 16.21 -0.99
N ALA A 501 -37.69 17.28 -1.67
CA ALA A 501 -36.31 17.77 -1.76
C ALA A 501 -35.66 18.24 -0.44
N TYR A 502 -35.18 17.49 0.42
CA TYR A 502 -34.18 16.63 0.88
C TYR A 502 -34.47 15.70 2.02
N THR A 503 -35.33 14.71 1.80
CA THR A 503 -35.73 13.84 2.92
C THR A 503 -35.19 12.41 2.92
N PRO A 504 -35.33 11.72 4.08
CA PRO A 504 -34.85 10.35 4.21
C PRO A 504 -35.59 9.47 3.19
N ALA A 505 -36.89 9.73 3.02
CA ALA A 505 -37.70 8.96 2.07
C ALA A 505 -37.17 9.20 0.66
N TRP A 506 -36.88 10.45 0.37
CA TRP A 506 -36.34 10.84 -0.93
C TRP A 506 -34.98 10.17 -1.17
N ALA A 507 -34.09 10.28 -0.19
CA ALA A 507 -32.75 9.70 -0.30
C ALA A 507 -32.76 8.18 -0.44
N GLU A 508 -33.74 7.53 0.18
CA GLU A 508 -33.84 6.08 0.09
C GLU A 508 -34.03 5.68 -1.38
N GLN A 509 -34.83 6.44 -2.10
CA GLN A 509 -35.09 6.16 -3.51
C GLN A 509 -33.85 6.40 -4.37
N ILE A 510 -33.12 7.46 -4.06
CA ILE A 510 -31.92 7.80 -4.81
C ILE A 510 -30.74 6.88 -4.52
N THR A 511 -30.48 6.65 -3.25
CA THR A 511 -29.32 5.85 -2.82
C THR A 511 -29.55 4.37 -2.55
N GLY A 512 -30.76 4.01 -2.19
CA GLY A 512 -31.04 2.62 -1.88
C GLY A 512 -30.83 2.34 -0.40
N VAL A 513 -30.33 3.32 0.33
CA VAL A 513 -30.12 3.15 1.77
C VAL A 513 -31.44 3.35 2.48
N SER A 514 -31.78 2.43 3.38
CA SER A 514 -33.03 2.49 4.13
C SER A 514 -33.17 3.80 4.91
N ARG A 515 -34.31 4.46 4.74
CA ARG A 515 -34.59 5.72 5.41
C ARG A 515 -34.38 5.65 6.93
N SER A 516 -34.73 4.52 7.53
CA SER A 516 -34.58 4.36 8.97
C SER A 516 -33.11 4.39 9.39
N GLN A 517 -32.22 3.95 8.50
CA GLN A 517 -30.79 3.96 8.79
C GLN A 517 -30.30 5.40 8.70
N ILE A 518 -30.75 6.10 7.66
CA ILE A 518 -30.38 7.49 7.46
C ILE A 518 -30.81 8.31 8.68
N ILE A 519 -32.02 8.03 9.16
CA ILE A 519 -32.53 8.73 10.32
C ILE A 519 -31.82 8.38 11.62
N ARG A 520 -31.67 7.08 11.90
CA ARG A 520 -31.00 6.66 13.14
C ARG A 520 -29.58 7.17 13.27
N ILE A 521 -28.80 7.05 12.20
CA ILE A 521 -27.41 7.49 12.25
C ILE A 521 -27.27 9.01 12.29
N ALA A 522 -28.11 9.72 11.54
CA ALA A 522 -28.05 11.17 11.56
C ALA A 522 -28.32 11.63 12.99
N ARG A 523 -29.31 11.00 13.63
CA ARG A 523 -29.69 11.33 14.99
C ARG A 523 -28.56 11.00 15.98
N GLU A 524 -28.02 9.80 15.91
CA GLU A 524 -26.92 9.40 16.80
C GLU A 524 -25.71 10.31 16.62
N PHE A 525 -25.38 10.62 15.38
CA PHE A 525 -24.24 11.47 15.05
C PHE A 525 -24.41 12.84 15.69
N ALA A 526 -25.60 13.43 15.54
CA ALA A 526 -25.87 14.75 16.09
C ALA A 526 -25.95 14.72 17.61
N ASP A 527 -26.64 13.71 18.15
CA ASP A 527 -26.78 13.58 19.59
C ASP A 527 -25.39 13.49 20.22
N ASN A 528 -24.51 12.72 19.60
CA ASN A 528 -23.15 12.57 20.13
C ASN A 528 -22.42 13.91 20.12
N ALA A 529 -22.53 14.64 19.01
CA ALA A 529 -21.87 15.94 18.88
C ALA A 529 -22.41 16.91 19.92
N ASP A 530 -23.71 16.85 20.18
CA ASP A 530 -24.32 17.76 21.15
C ASP A 530 -23.78 17.46 22.56
N LYS A 531 -23.75 16.18 22.92
CA LYS A 531 -23.28 15.75 24.24
C LYS A 531 -21.80 16.02 24.50
N THR A 532 -21.00 15.96 23.43
CA THR A 532 -19.55 16.15 23.56
C THR A 532 -19.04 17.47 23.03
N HIS A 533 -19.95 18.32 22.57
CA HIS A 533 -19.55 19.61 22.02
C HIS A 533 -18.68 19.45 20.77
N GLY A 534 -19.20 18.69 19.81
CA GLY A 534 -18.51 18.53 18.54
C GLY A 534 -17.56 17.36 18.30
N ARG A 535 -17.64 16.30 19.09
CA ARG A 535 -16.72 15.19 18.87
C ARG A 535 -17.23 14.07 17.96
N SER A 536 -17.81 14.47 16.84
CA SER A 536 -18.29 13.54 15.82
C SER A 536 -17.39 13.84 14.63
N MET A 537 -16.89 12.80 13.96
CA MET A 537 -15.99 13.01 12.84
C MET A 537 -16.34 12.19 11.62
N ILE A 538 -15.99 12.71 10.45
CA ILE A 538 -16.22 12.00 9.20
C ILE A 538 -14.91 11.90 8.43
N ILE A 539 -14.44 10.66 8.25
CA ILE A 539 -13.22 10.41 7.51
C ILE A 539 -13.69 10.14 6.08
N VAL A 540 -13.25 10.98 5.15
CA VAL A 540 -13.67 10.86 3.76
C VAL A 540 -12.48 10.79 2.81
N GLY A 541 -12.66 10.11 1.68
CA GLY A 541 -11.58 9.98 0.72
C GLY A 541 -12.00 10.03 -0.74
N ALA A 542 -11.14 9.51 -1.61
CA ALA A 542 -11.38 9.51 -3.04
C ALA A 542 -12.63 8.76 -3.48
N GLY A 543 -13.20 7.95 -2.59
CA GLY A 543 -14.40 7.23 -2.94
C GLY A 543 -15.49 8.24 -3.30
N LEU A 544 -15.42 9.40 -2.66
CA LEU A 544 -16.36 10.49 -2.90
C LEU A 544 -15.73 11.64 -3.66
N ASN A 545 -14.46 11.91 -3.40
CA ASN A 545 -13.79 13.03 -4.04
C ASN A 545 -13.38 12.87 -5.51
N HIS A 546 -13.50 11.67 -6.06
CA HIS A 546 -13.11 11.51 -7.46
C HIS A 546 -14.29 11.52 -8.44
N TRP A 547 -15.46 11.90 -7.95
CA TRP A 547 -16.64 12.00 -8.82
C TRP A 547 -16.65 13.41 -9.38
N TYR A 548 -17.26 13.60 -10.54
CA TYR A 548 -17.34 14.91 -11.18
C TYR A 548 -17.99 15.92 -10.24
N HIS A 549 -18.99 15.47 -9.49
CA HIS A 549 -19.68 16.35 -8.55
C HIS A 549 -19.14 16.15 -7.13
N LEU A 550 -17.82 16.00 -7.03
CA LEU A 550 -17.18 15.83 -5.73
C LEU A 550 -17.59 16.94 -4.75
N ASP A 551 -17.76 18.16 -5.27
CA ASP A 551 -18.13 19.27 -4.39
C ASP A 551 -19.45 19.08 -3.66
N MET A 552 -20.43 18.47 -4.31
CA MET A 552 -21.72 18.22 -3.66
C MET A 552 -21.53 17.13 -2.60
N ASN A 553 -20.75 16.10 -2.94
CA ASN A 553 -20.50 15.03 -1.97
C ASN A 553 -19.88 15.64 -0.72
N TYR A 554 -18.85 16.47 -0.90
CA TYR A 554 -18.17 17.08 0.23
C TYR A 554 -18.97 18.12 0.99
N ARG A 555 -19.65 19.02 0.29
CA ARG A 555 -20.44 20.01 1.02
C ARG A 555 -21.55 19.32 1.82
N GLY A 556 -21.98 18.14 1.34
CA GLY A 556 -23.00 17.40 2.06
C GLY A 556 -22.48 16.96 3.42
N LEU A 557 -21.28 16.37 3.41
CA LEU A 557 -20.65 15.91 4.65
C LEU A 557 -20.24 17.12 5.50
N ILE A 558 -19.71 18.14 4.85
CA ILE A 558 -19.27 19.34 5.55
C ILE A 558 -20.43 20.01 6.29
N ASN A 559 -21.59 20.12 5.65
CA ASN A 559 -22.74 20.73 6.30
C ASN A 559 -23.15 19.95 7.55
N MET A 560 -23.09 18.61 7.47
CA MET A 560 -23.43 17.77 8.61
C MET A 560 -22.56 18.14 9.80
N LEU A 561 -21.25 18.26 9.54
CA LEU A 561 -20.28 18.59 10.57
C LEU A 561 -20.45 20.02 11.11
N ILE A 562 -20.76 20.96 10.22
CA ILE A 562 -20.95 22.34 10.64
C ILE A 562 -22.23 22.51 11.47
N PHE A 563 -23.29 21.83 11.06
CA PHE A 563 -24.57 21.89 11.77
C PHE A 563 -24.43 21.33 13.18
N CYS A 564 -23.45 20.45 13.38
CA CYS A 564 -23.22 19.84 14.69
C CYS A 564 -22.03 20.45 15.40
N GLY A 565 -21.53 21.57 14.88
CA GLY A 565 -20.39 22.24 15.49
C GLY A 565 -19.18 21.35 15.72
N CYS A 566 -18.86 20.51 14.75
CA CYS A 566 -17.72 19.59 14.86
C CYS A 566 -16.40 20.12 14.30
N VAL A 567 -16.47 21.05 13.36
CA VAL A 567 -15.24 21.59 12.79
C VAL A 567 -14.53 22.50 13.78
N GLY A 568 -13.24 22.24 14.02
CA GLY A 568 -12.47 23.05 14.94
C GLY A 568 -12.41 22.54 16.37
N GLN A 569 -13.02 21.39 16.64
CA GLN A 569 -13.00 20.81 17.97
C GLN A 569 -12.27 19.46 17.91
N SER A 570 -11.31 19.26 18.82
CA SER A 570 -10.55 18.01 18.84
C SER A 570 -11.51 16.82 18.91
N GLY A 571 -11.30 15.84 18.04
CA GLY A 571 -12.17 14.68 18.03
C GLY A 571 -13.33 14.84 17.08
N GLY A 572 -13.39 15.99 16.40
CA GLY A 572 -14.49 16.21 15.48
C GLY A 572 -14.08 16.89 14.20
N GLY A 573 -14.97 16.89 13.21
CA GLY A 573 -14.66 17.57 11.97
C GLY A 573 -14.55 16.77 10.69
N TRP A 574 -14.09 17.49 9.67
CA TRP A 574 -13.90 16.98 8.33
C TRP A 574 -12.50 16.40 8.21
N ALA A 575 -12.40 15.08 8.11
CA ALA A 575 -11.10 14.43 8.00
C ALA A 575 -10.89 13.86 6.60
N HIS A 576 -10.46 14.73 5.70
CA HIS A 576 -10.19 14.41 4.31
C HIS A 576 -8.78 13.84 4.15
N TYR A 577 -8.68 12.60 3.69
CA TYR A 577 -7.38 11.98 3.48
C TYR A 577 -7.31 11.44 2.06
N VAL A 578 -6.26 11.83 1.35
CA VAL A 578 -6.03 11.41 -0.03
C VAL A 578 -4.53 11.21 -0.15
N GLY A 579 -3.86 12.13 -0.82
CA GLY A 579 -2.41 12.05 -0.99
C GLY A 579 -1.68 12.76 0.13
N GLN A 580 -0.35 12.67 0.11
CA GLN A 580 0.50 13.27 1.13
C GLN A 580 0.73 14.74 0.80
N GLU A 581 -0.33 15.54 0.88
CA GLU A 581 -0.22 16.95 0.52
C GLU A 581 0.36 17.89 1.57
N LYS A 582 0.41 17.47 2.83
CA LYS A 582 0.92 18.34 3.86
C LYS A 582 2.42 18.38 4.10
N LEU A 583 3.10 19.29 3.40
CA LEU A 583 4.53 19.48 3.59
C LEU A 583 4.50 20.53 4.69
N ARG A 584 4.80 20.10 5.91
CA ARG A 584 4.73 20.98 7.06
C ARG A 584 5.57 22.26 7.04
N PRO A 585 6.88 22.17 6.80
CA PRO A 585 7.70 23.40 6.79
C PRO A 585 7.53 24.12 5.44
N GLN A 586 6.28 24.42 5.12
CA GLN A 586 5.89 25.05 3.87
C GLN A 586 6.69 26.27 3.39
N THR A 587 6.70 27.34 4.19
CA THR A 587 7.39 28.56 3.79
C THR A 587 8.91 28.47 3.80
N GLY A 588 9.44 27.35 4.31
CA GLY A 588 10.88 27.19 4.32
C GLY A 588 11.29 26.48 3.04
N TRP A 589 10.38 25.63 2.57
CA TRP A 589 10.58 24.84 1.36
C TRP A 589 10.23 25.60 0.07
N GLN A 590 9.15 26.37 0.09
CA GLN A 590 8.73 27.11 -1.11
C GLN A 590 9.84 27.93 -1.79
N PRO A 591 10.60 28.73 -1.03
CA PRO A 591 11.64 29.51 -1.69
C PRO A 591 12.72 28.64 -2.36
N LEU A 592 13.03 27.51 -1.74
CA LEU A 592 14.02 26.60 -2.30
C LEU A 592 13.52 25.98 -3.59
N ALA A 593 12.32 25.40 -3.54
CA ALA A 593 11.73 24.72 -4.69
C ALA A 593 11.50 25.59 -5.92
N PHE A 594 11.04 26.82 -5.71
CA PHE A 594 10.74 27.68 -6.84
C PHE A 594 11.69 28.87 -7.02
N ALA A 595 12.90 28.74 -6.48
CA ALA A 595 13.94 29.76 -6.59
C ALA A 595 13.47 31.17 -6.22
N LEU A 596 12.61 31.27 -5.22
CA LEU A 596 12.08 32.55 -4.78
C LEU A 596 13.12 33.34 -4.00
N ASP A 597 14.25 32.69 -3.72
CA ASP A 597 15.34 33.35 -3.01
C ASP A 597 16.13 34.17 -4.03
N TRP A 598 15.91 33.87 -5.31
CA TRP A 598 16.61 34.55 -6.40
C TRP A 598 15.71 35.39 -7.30
N GLN A 599 14.57 34.83 -7.70
CA GLN A 599 13.65 35.51 -8.61
C GLN A 599 12.20 35.26 -8.24
N ARG A 600 11.37 36.28 -8.44
CA ARG A 600 9.95 36.20 -8.16
C ARG A 600 9.16 36.95 -9.23
N PRO A 601 8.08 36.34 -9.74
CA PRO A 601 7.56 35.02 -9.38
C PRO A 601 8.03 33.91 -10.32
N ALA A 602 7.64 32.67 -9.99
CA ALA A 602 7.98 31.52 -10.81
C ALA A 602 6.79 31.31 -11.77
N ARG A 603 6.79 30.20 -12.50
CA ARG A 603 5.70 29.91 -13.43
C ARG A 603 4.91 28.66 -13.05
N HIS A 604 3.97 28.82 -12.13
CA HIS A 604 3.11 27.72 -11.70
C HIS A 604 1.98 27.53 -12.71
N MET A 605 1.51 26.30 -12.85
CA MET A 605 0.43 26.00 -13.78
C MET A 605 -0.48 24.90 -13.23
N ASN A 606 -1.79 25.04 -13.44
CA ASN A 606 -2.73 24.02 -12.98
C ASN A 606 -2.80 22.96 -14.08
N SER A 607 -2.27 21.77 -13.77
CA SER A 607 -2.18 20.67 -14.72
C SER A 607 -3.42 20.12 -15.41
N THR A 608 -4.57 20.12 -14.75
CA THR A 608 -5.76 19.58 -15.42
C THR A 608 -6.04 20.37 -16.70
N SER A 609 -6.02 21.70 -16.60
CA SER A 609 -6.26 22.54 -17.79
C SER A 609 -5.12 22.35 -18.79
N TYR A 610 -3.91 22.20 -18.28
CA TYR A 610 -2.71 22.02 -19.10
C TYR A 610 -2.81 20.78 -19.97
N PHE A 611 -3.15 19.65 -19.36
CA PHE A 611 -3.26 18.41 -20.12
C PHE A 611 -4.53 18.36 -20.97
N TYR A 612 -5.60 18.97 -20.48
CA TYR A 612 -6.85 18.99 -21.23
C TYR A 612 -6.57 19.69 -22.56
N ASN A 613 -5.75 20.73 -22.48
CA ASN A 613 -5.38 21.51 -23.66
C ASN A 613 -4.34 20.83 -24.54
N HIS A 614 -3.15 20.60 -24.00
CA HIS A 614 -2.07 20.02 -24.78
C HIS A 614 -2.17 18.58 -25.23
N SER A 615 -2.89 17.73 -24.49
CA SER A 615 -3.04 16.35 -24.95
C SER A 615 -4.32 16.30 -25.78
N SER A 616 -4.83 17.49 -26.10
CA SER A 616 -6.03 17.70 -26.92
C SER A 616 -7.27 16.89 -26.57
N GLN A 617 -7.49 16.65 -25.28
CA GLN A 617 -8.67 15.90 -24.88
C GLN A 617 -9.93 16.73 -25.05
N TRP A 618 -9.78 18.04 -25.22
CA TRP A 618 -10.92 18.92 -25.42
C TRP A 618 -11.51 18.65 -26.82
N ARG A 619 -10.67 18.15 -27.73
CA ARG A 619 -11.10 17.85 -29.08
C ARG A 619 -12.11 16.70 -29.12
N TYR A 620 -12.34 16.07 -27.97
CA TYR A 620 -13.28 14.96 -27.88
C TYR A 620 -14.32 15.18 -26.78
N GLU A 621 -14.44 16.39 -26.26
CA GLU A 621 -15.39 16.66 -25.19
C GLU A 621 -16.84 16.32 -25.53
N THR A 622 -17.50 15.64 -24.60
CA THR A 622 -18.90 15.23 -24.77
C THR A 622 -19.80 15.98 -23.82
N VAL A 623 -19.22 16.57 -22.79
CA VAL A 623 -19.97 17.31 -21.79
C VAL A 623 -19.99 18.79 -22.13
N THR A 624 -21.17 19.41 -22.07
CA THR A 624 -21.29 20.83 -22.38
C THR A 624 -21.62 21.61 -21.13
N ALA A 625 -21.15 22.85 -21.07
CA ALA A 625 -21.43 23.71 -19.92
C ALA A 625 -22.94 23.91 -19.84
N GLU A 626 -23.56 24.07 -21.00
CA GLU A 626 -25.00 24.30 -21.07
C GLU A 626 -25.80 23.29 -20.25
N GLU A 627 -25.43 22.02 -20.32
CA GLU A 627 -26.16 20.99 -19.59
C GLU A 627 -25.84 20.95 -18.09
N LEU A 628 -25.00 21.88 -17.63
CA LEU A 628 -24.62 21.96 -16.22
C LEU A 628 -25.18 23.23 -15.55
N LEU A 629 -25.69 24.15 -16.37
CA LEU A 629 -26.23 25.40 -15.85
C LEU A 629 -27.48 25.23 -14.99
N SER A 630 -27.68 26.17 -14.08
CA SER A 630 -28.87 26.16 -13.23
C SER A 630 -30.03 26.44 -14.18
N PRO A 631 -31.21 25.88 -13.90
CA PRO A 631 -32.35 26.14 -14.78
C PRO A 631 -32.75 27.61 -14.75
N MET A 632 -32.27 28.33 -13.75
CA MET A 632 -32.59 29.74 -13.61
C MET A 632 -31.51 30.66 -14.16
N ALA A 633 -30.56 30.08 -14.90
CA ALA A 633 -29.48 30.84 -15.50
C ALA A 633 -29.80 31.23 -16.93
N ASP A 634 -29.20 32.32 -17.38
CA ASP A 634 -29.39 32.80 -18.75
C ASP A 634 -28.44 32.03 -19.67
N LYS A 635 -28.94 30.97 -20.27
CA LYS A 635 -28.12 30.13 -21.16
C LYS A 635 -27.34 30.89 -22.22
N SER A 636 -27.89 32.00 -22.69
CA SER A 636 -27.22 32.79 -23.74
C SER A 636 -25.95 33.45 -23.22
N ARG A 637 -25.81 33.54 -21.90
CA ARG A 637 -24.63 34.16 -21.30
C ARG A 637 -23.50 33.17 -21.05
N TYR A 638 -23.74 31.89 -21.33
CA TYR A 638 -22.72 30.87 -21.12
C TYR A 638 -22.56 29.90 -22.28
N THR A 639 -22.30 30.44 -23.46
CA THR A 639 -22.13 29.61 -24.65
C THR A 639 -20.65 29.30 -24.85
N GLY A 640 -20.37 28.20 -25.55
CA GLY A 640 -19.01 27.84 -25.82
C GLY A 640 -18.59 26.50 -25.25
N HIS A 641 -17.46 25.99 -25.73
CA HIS A 641 -16.90 24.73 -25.30
C HIS A 641 -16.36 24.90 -23.88
N LEU A 642 -16.21 23.81 -23.15
CA LEU A 642 -15.69 23.90 -21.79
C LEU A 642 -14.32 24.58 -21.80
N ILE A 643 -13.54 24.32 -22.84
CA ILE A 643 -12.22 24.93 -22.93
C ILE A 643 -12.31 26.45 -23.12
N ASP A 644 -13.44 26.91 -23.67
CA ASP A 644 -13.65 28.35 -23.87
C ASP A 644 -13.72 29.04 -22.51
N PHE A 645 -14.35 28.36 -21.56
CA PHE A 645 -14.47 28.92 -20.22
C PHE A 645 -13.09 29.03 -19.58
N ASN A 646 -12.21 28.09 -19.92
CA ASN A 646 -10.86 28.10 -19.35
C ASN A 646 -10.06 29.25 -19.93
N VAL A 647 -10.15 29.44 -21.25
CA VAL A 647 -9.43 30.53 -21.90
C VAL A 647 -9.86 31.87 -21.32
N ARG A 648 -11.16 32.02 -21.10
CA ARG A 648 -11.70 33.25 -20.53
C ARG A 648 -11.22 33.42 -19.11
N ALA A 649 -11.16 32.32 -18.37
CA ALA A 649 -10.68 32.38 -16.99
C ALA A 649 -9.23 32.84 -17.00
N GLU A 650 -8.45 32.30 -17.93
CA GLU A 650 -7.05 32.66 -18.05
C GLU A 650 -6.83 34.15 -18.30
N ARG A 651 -7.47 34.69 -19.34
CA ARG A 651 -7.29 36.10 -19.64
C ARG A 651 -7.84 37.05 -18.58
N MET A 652 -8.69 36.55 -17.69
CA MET A 652 -9.24 37.38 -16.61
C MET A 652 -8.40 37.26 -15.35
N GLY A 653 -7.28 36.55 -15.45
CA GLY A 653 -6.39 36.39 -14.30
C GLY A 653 -6.89 35.42 -13.25
N TRP A 654 -7.86 34.59 -13.61
CA TRP A 654 -8.41 33.62 -12.67
C TRP A 654 -7.51 32.39 -12.54
N LEU A 655 -7.06 31.88 -13.68
CA LEU A 655 -6.20 30.70 -13.72
C LEU A 655 -4.91 31.01 -14.47
N PRO A 656 -3.83 30.26 -14.15
CA PRO A 656 -2.55 30.46 -14.82
C PRO A 656 -2.58 29.90 -16.24
N SER A 657 -1.59 30.25 -17.05
CA SER A 657 -1.51 29.78 -18.43
C SER A 657 -0.14 29.15 -18.70
N ALA A 658 -0.07 28.26 -19.67
CA ALA A 658 1.20 27.61 -20.00
C ALA A 658 1.13 26.76 -21.27
N PRO A 659 1.84 27.18 -22.35
CA PRO A 659 2.65 28.40 -22.40
C PRO A 659 1.72 29.58 -22.17
N GLN A 660 2.26 30.72 -21.75
CA GLN A 660 1.44 31.88 -21.45
C GLN A 660 1.01 32.72 -22.64
N LEU A 661 1.98 33.29 -23.35
CA LEU A 661 1.67 34.14 -24.51
C LEU A 661 2.07 33.50 -25.83
N GLY A 662 1.46 33.96 -26.91
CA GLY A 662 1.75 33.42 -28.23
C GLY A 662 3.04 33.91 -28.84
N THR A 663 3.84 34.62 -28.06
CA THR A 663 5.12 35.13 -28.53
C THR A 663 6.18 34.85 -27.46
N ASN A 664 7.41 34.62 -27.87
CA ASN A 664 8.49 34.34 -26.92
C ASN A 664 8.57 35.48 -25.91
N PRO A 665 8.20 35.20 -24.64
CA PRO A 665 8.23 36.22 -23.59
C PRO A 665 9.58 36.88 -23.30
N LEU A 666 10.66 36.35 -23.88
CA LEU A 666 11.98 36.95 -23.67
C LEU A 666 12.24 38.06 -24.70
N THR A 667 11.37 38.12 -25.72
CA THR A 667 11.52 39.11 -26.77
C THR A 667 10.62 40.33 -26.61
N ILE A 668 9.68 40.27 -25.68
CA ILE A 668 8.75 41.36 -25.45
C ILE A 668 9.40 42.66 -24.96
N ALA A 669 10.35 42.53 -24.04
CA ALA A 669 11.03 43.72 -23.50
C ALA A 669 11.77 44.47 -24.59
N GLY A 670 12.36 43.72 -25.53
CA GLY A 670 13.08 44.35 -26.61
C GLY A 670 12.15 45.18 -27.48
N GLU A 671 11.02 44.60 -27.85
CA GLU A 671 10.03 45.28 -28.68
C GLU A 671 9.45 46.48 -27.95
N ALA A 672 9.28 46.34 -26.63
CA ALA A 672 8.74 47.43 -25.82
C ALA A 672 9.67 48.64 -25.85
N GLU A 673 10.97 48.37 -25.79
CA GLU A 673 11.98 49.42 -25.80
C GLU A 673 11.93 50.20 -27.11
N LYS A 674 11.80 49.47 -28.22
CA LYS A 674 11.75 50.10 -29.54
C LYS A 674 10.47 50.91 -29.72
N ALA A 675 9.41 50.50 -29.01
CA ALA A 675 8.13 51.19 -29.09
C ALA A 675 8.13 52.43 -28.19
N GLY A 676 9.19 52.57 -27.40
CA GLY A 676 9.30 53.72 -26.51
C GLY A 676 8.46 53.63 -25.25
N MET A 677 8.12 52.41 -24.82
CA MET A 677 7.32 52.24 -23.61
C MET A 677 7.83 51.06 -22.79
N ASN A 678 7.57 51.08 -21.49
CA ASN A 678 8.02 49.99 -20.63
C ASN A 678 7.31 48.70 -21.02
N PRO A 679 7.96 47.54 -20.80
CA PRO A 679 7.40 46.22 -21.13
C PRO A 679 5.99 45.94 -20.64
N VAL A 680 5.65 46.38 -19.44
CA VAL A 680 4.31 46.14 -18.91
C VAL A 680 3.23 46.84 -19.74
N ASP A 681 3.38 48.15 -19.93
CA ASP A 681 2.40 48.90 -20.72
C ASP A 681 2.35 48.38 -22.14
N TYR A 682 3.51 48.05 -22.69
CA TYR A 682 3.58 47.54 -24.06
C TYR A 682 2.80 46.23 -24.18
N THR A 683 2.89 45.39 -23.15
CA THR A 683 2.19 44.11 -23.17
C THR A 683 0.68 44.30 -23.08
N VAL A 684 0.24 45.18 -22.20
CA VAL A 684 -1.19 45.45 -22.05
C VAL A 684 -1.78 46.02 -23.35
N LYS A 685 -1.05 46.94 -23.97
CA LYS A 685 -1.48 47.55 -25.22
C LYS A 685 -1.55 46.52 -26.32
N SER A 686 -0.56 45.64 -26.36
CA SER A 686 -0.51 44.59 -27.37
C SER A 686 -1.65 43.59 -27.19
N LEU A 687 -1.98 43.30 -25.94
CA LEU A 687 -3.05 42.36 -25.63
C LEU A 687 -4.40 42.93 -26.07
N LYS A 688 -4.66 44.18 -25.71
CA LYS A 688 -5.91 44.83 -26.08
C LYS A 688 -6.06 44.87 -27.60
N GLU A 689 -5.00 45.26 -28.28
CA GLU A 689 -4.98 45.36 -29.74
C GLU A 689 -4.94 44.03 -30.46
N GLY A 690 -4.44 42.99 -29.79
CA GLY A 690 -4.37 41.69 -30.40
C GLY A 690 -3.06 41.37 -31.11
N SER A 691 -2.05 42.22 -30.93
CA SER A 691 -0.75 42.00 -31.54
C SER A 691 0.00 40.92 -30.77
N ILE A 692 -0.41 40.74 -29.51
CA ILE A 692 0.13 39.71 -28.64
C ILE A 692 -1.10 39.02 -28.07
N ARG A 693 -1.13 37.70 -28.15
CA ARG A 693 -2.29 36.95 -27.68
C ARG A 693 -1.94 35.85 -26.68
N PHE A 694 -2.91 35.47 -25.86
CA PHE A 694 -2.70 34.39 -24.90
C PHE A 694 -2.53 33.13 -25.75
N ALA A 695 -1.52 32.33 -25.43
CA ALA A 695 -1.24 31.12 -26.19
C ALA A 695 -2.41 30.12 -26.21
N ALA A 696 -3.23 30.15 -25.17
CA ALA A 696 -4.36 29.23 -25.08
C ALA A 696 -5.34 29.37 -26.23
N GLU A 697 -5.35 30.53 -26.88
CA GLU A 697 -6.26 30.78 -28.00
C GLU A 697 -5.87 30.00 -29.25
N GLN A 698 -4.59 29.67 -29.36
CA GLN A 698 -4.10 28.93 -30.53
C GLN A 698 -3.07 27.89 -30.10
N PRO A 699 -3.52 26.84 -29.39
CA PRO A 699 -2.66 25.76 -28.90
C PRO A 699 -2.02 24.85 -29.94
N GLU A 700 -2.47 24.94 -31.20
CA GLU A 700 -1.93 24.08 -32.24
C GLU A 700 -1.23 24.80 -33.37
N ASN A 701 -0.93 26.09 -33.20
CA ASN A 701 -0.28 26.86 -34.25
C ASN A 701 1.20 26.52 -34.46
N GLY A 702 1.75 25.67 -33.58
CA GLY A 702 3.14 25.28 -33.73
C GLY A 702 4.15 25.96 -32.82
N LYS A 703 3.69 26.94 -32.04
CA LYS A 703 4.59 27.64 -31.13
C LYS A 703 4.00 27.76 -29.72
N ASN A 704 2.76 27.29 -29.56
CA ASN A 704 2.10 27.41 -28.27
C ASN A 704 1.95 26.13 -27.47
N HIS A 705 2.77 25.13 -27.77
CA HIS A 705 2.73 23.86 -27.04
C HIS A 705 4.05 23.59 -26.34
N PRO A 706 4.01 22.83 -25.23
CA PRO A 706 5.28 22.54 -24.54
C PRO A 706 6.13 21.66 -25.46
N ARG A 707 7.44 21.80 -25.39
CA ARG A 707 8.34 21.01 -26.22
C ARG A 707 9.30 20.13 -25.43
N ASN A 708 9.64 20.54 -24.22
CA ASN A 708 10.53 19.75 -23.36
C ASN A 708 9.82 19.44 -22.06
N LEU A 709 9.73 18.17 -21.71
CA LEU A 709 9.07 17.78 -20.48
C LEU A 709 9.91 16.85 -19.61
N PHE A 710 10.17 17.28 -18.38
CA PHE A 710 10.92 16.51 -17.40
C PHE A 710 9.89 15.83 -16.52
N ILE A 711 10.07 14.54 -16.26
CA ILE A 711 9.14 13.81 -15.40
C ILE A 711 9.97 13.09 -14.33
N TRP A 712 9.67 13.33 -13.06
CA TRP A 712 10.40 12.66 -11.98
C TRP A 712 9.52 12.54 -10.75
N ARG A 713 9.63 11.41 -10.05
CA ARG A 713 8.82 11.15 -8.86
C ARG A 713 7.36 11.03 -9.33
N SER A 714 7.21 10.62 -10.59
CA SER A 714 5.89 10.48 -11.20
C SER A 714 5.88 9.44 -12.32
N ASN A 715 4.75 8.76 -12.49
CA ASN A 715 4.59 7.79 -13.55
C ASN A 715 3.36 8.25 -14.35
N LEU A 716 3.37 9.53 -14.70
CA LEU A 716 2.29 10.17 -15.46
C LEU A 716 1.66 9.30 -16.54
N LEU A 717 2.48 8.60 -17.32
CA LEU A 717 1.97 7.75 -18.40
C LEU A 717 1.52 6.34 -18.00
N GLY A 718 1.65 6.00 -16.73
CA GLY A 718 1.24 4.68 -16.30
C GLY A 718 0.34 4.73 -15.08
N SER A 719 0.15 5.93 -14.53
CA SER A 719 -0.66 6.07 -13.35
C SER A 719 -1.68 7.20 -13.34
N SER A 720 -1.21 8.43 -13.16
CA SER A 720 -2.11 9.58 -13.08
C SER A 720 -2.65 10.17 -14.38
N GLY A 721 -2.04 9.81 -15.50
CA GLY A 721 -2.49 10.37 -16.77
C GLY A 721 -3.85 9.96 -17.30
N LYS A 722 -4.90 10.67 -16.91
CA LYS A 722 -6.24 10.36 -17.42
C LYS A 722 -6.16 10.65 -18.92
N GLY A 723 -6.82 9.84 -19.73
CA GLY A 723 -6.77 10.06 -21.18
C GLY A 723 -5.43 9.59 -21.71
N HIS A 724 -4.97 8.46 -21.20
CA HIS A 724 -3.70 7.86 -21.59
C HIS A 724 -3.45 7.84 -23.10
N GLU A 725 -4.43 7.33 -23.85
CA GLU A 725 -4.27 7.23 -25.31
C GLU A 725 -4.17 8.59 -25.99
N PHE A 726 -4.80 9.62 -25.40
CA PHE A 726 -4.74 10.97 -25.95
C PHE A 726 -3.34 11.54 -25.73
N MET A 727 -2.72 11.22 -24.60
CA MET A 727 -1.38 11.70 -24.31
C MET A 727 -0.40 11.07 -25.29
N LEU A 728 -0.58 9.79 -25.56
CA LEU A 728 0.29 9.08 -26.50
C LEU A 728 0.19 9.67 -27.90
N LYS A 729 -1.03 9.95 -28.33
CA LYS A 729 -1.24 10.50 -29.67
C LYS A 729 -0.75 11.93 -29.84
N TYR A 730 -1.28 12.84 -29.02
CA TYR A 730 -0.95 14.25 -29.13
C TYR A 730 0.36 14.73 -28.49
N LEU A 731 0.71 14.19 -27.33
CA LEU A 731 1.95 14.60 -26.68
C LEU A 731 3.16 13.84 -27.21
N LEU A 732 3.01 12.52 -27.34
CA LEU A 732 4.10 11.67 -27.79
C LEU A 732 4.22 11.45 -29.30
N GLY A 733 3.09 11.36 -30.00
CA GLY A 733 3.13 11.14 -31.44
C GLY A 733 3.33 9.68 -31.80
N THR A 734 2.85 8.79 -30.94
CA THR A 734 2.97 7.36 -31.19
C THR A 734 1.60 6.75 -31.47
N GLU A 735 1.57 5.45 -31.70
CA GLU A 735 0.28 4.78 -31.93
C GLU A 735 -0.54 4.98 -30.66
N HIS A 736 -1.86 4.91 -30.79
CA HIS A 736 -2.75 5.10 -29.66
C HIS A 736 -3.98 4.24 -29.85
N GLY A 737 -4.76 4.07 -28.77
CA GLY A 737 -5.95 3.25 -28.85
C GLY A 737 -7.27 4.00 -28.80
N ILE A 738 -7.25 5.30 -29.12
CA ILE A 738 -8.50 6.07 -29.10
C ILE A 738 -9.48 5.39 -30.05
N GLN A 739 -10.71 5.19 -29.60
CA GLN A 739 -11.72 4.52 -30.40
C GLN A 739 -12.76 5.45 -31.05
N GLY A 740 -13.06 6.57 -30.41
CA GLY A 740 -14.04 7.49 -30.95
C GLY A 740 -13.55 8.54 -31.92
N LYS A 741 -14.50 9.32 -32.46
CA LYS A 741 -14.20 10.39 -33.42
C LYS A 741 -14.11 11.71 -32.65
N ASP A 742 -13.33 12.66 -33.15
CA ASP A 742 -13.23 13.95 -32.48
C ASP A 742 -14.38 14.85 -32.96
N LEU A 743 -14.52 16.02 -32.34
CA LEU A 743 -15.58 16.96 -32.70
C LEU A 743 -15.67 17.21 -34.20
N GLY A 744 -14.53 17.50 -34.82
CA GLY A 744 -14.51 17.76 -36.25
C GLY A 744 -15.07 16.62 -37.07
N GLN A 745 -14.70 15.39 -36.72
CA GLN A 745 -15.17 14.22 -37.43
C GLN A 745 -16.67 13.99 -37.22
N GLN A 746 -17.19 14.49 -36.11
CA GLN A 746 -18.60 14.35 -35.80
C GLN A 746 -19.38 15.59 -36.26
N GLY A 747 -18.67 16.56 -36.81
CA GLY A 747 -19.31 17.78 -37.28
C GLY A 747 -19.91 18.59 -36.15
N GLY A 748 -19.32 18.47 -34.96
CA GLY A 748 -19.82 19.20 -33.80
C GLY A 748 -19.50 20.68 -33.83
N VAL A 749 -19.96 21.40 -32.81
CA VAL A 749 -19.73 22.84 -32.70
C VAL A 749 -18.31 23.13 -32.22
N LYS A 750 -17.56 23.88 -33.01
CA LYS A 750 -16.20 24.24 -32.68
C LYS A 750 -16.20 25.34 -31.62
N PRO A 751 -15.15 25.38 -30.78
CA PRO A 751 -15.07 26.41 -29.73
C PRO A 751 -15.11 27.82 -30.29
N GLU A 752 -15.45 28.79 -29.45
CA GLU A 752 -15.51 30.17 -29.91
C GLU A 752 -14.34 31.01 -29.40
N GLU A 753 -13.46 30.39 -28.63
CA GLU A 753 -12.29 31.07 -28.08
C GLU A 753 -10.99 30.44 -28.56
N VAL A 754 -11.09 29.24 -29.10
CA VAL A 754 -9.93 28.49 -29.57
C VAL A 754 -9.99 28.12 -31.05
N ASP A 755 -8.87 28.26 -31.75
CA ASP A 755 -8.79 27.91 -33.16
C ASP A 755 -9.06 26.43 -33.35
N TRP A 756 -9.56 26.05 -34.51
CA TRP A 756 -9.83 24.66 -34.80
C TRP A 756 -9.22 24.19 -36.11
N GLN A 757 -8.73 22.96 -36.11
CA GLN A 757 -8.16 22.35 -37.30
C GLN A 757 -8.55 20.89 -37.26
N ASP A 758 -9.06 20.39 -38.38
CA ASP A 758 -9.51 19.01 -38.49
C ASP A 758 -8.45 17.99 -38.11
N ASN A 759 -7.20 18.23 -38.52
CA ASN A 759 -6.11 17.32 -38.20
C ASN A 759 -5.24 17.93 -37.10
N GLY A 760 -5.53 17.55 -35.86
CA GLY A 760 -4.79 18.08 -34.73
C GLY A 760 -3.30 17.82 -34.73
N LEU A 761 -2.54 18.76 -34.20
CA LEU A 761 -1.09 18.65 -34.11
C LEU A 761 -0.74 17.48 -33.20
N GLU A 762 0.12 16.58 -33.68
CA GLU A 762 0.54 15.41 -32.91
C GLU A 762 2.03 15.46 -32.56
N GLY A 763 2.45 14.58 -31.64
CA GLY A 763 3.85 14.54 -31.23
C GLY A 763 4.41 15.89 -30.84
N LYS A 764 3.70 16.61 -29.99
CA LYS A 764 4.12 17.94 -29.54
C LYS A 764 5.42 17.98 -28.76
N LEU A 765 5.66 16.99 -27.90
CA LEU A 765 6.87 16.99 -27.10
C LEU A 765 8.10 16.59 -27.93
N ASP A 766 9.09 17.47 -27.96
CA ASP A 766 10.35 17.26 -28.68
C ASP A 766 11.30 16.38 -27.86
N LEU A 767 11.16 16.44 -26.54
CA LEU A 767 12.03 15.68 -25.65
C LEU A 767 11.33 15.35 -24.34
N VAL A 768 11.30 14.05 -24.01
CA VAL A 768 10.70 13.56 -22.80
C VAL A 768 11.81 12.91 -21.97
N VAL A 769 12.10 13.50 -20.82
CA VAL A 769 13.16 13.01 -19.93
C VAL A 769 12.53 12.54 -18.63
N THR A 770 12.76 11.28 -18.28
CA THR A 770 12.20 10.74 -17.04
C THR A 770 13.30 10.23 -16.10
N LEU A 771 13.16 10.54 -14.82
CA LEU A 771 14.11 10.11 -13.80
C LEU A 771 13.41 9.08 -12.93
N ASP A 772 14.00 7.89 -12.79
CA ASP A 772 13.38 6.84 -11.96
C ASP A 772 14.43 5.79 -11.57
N PHE A 773 14.07 4.92 -10.63
CA PHE A 773 14.99 3.86 -10.21
C PHE A 773 14.53 2.52 -10.78
N ARG A 774 13.33 2.49 -11.33
CA ARG A 774 12.77 1.28 -11.94
C ARG A 774 12.26 1.71 -13.32
N LEU A 775 12.28 0.80 -14.29
CA LEU A 775 11.80 1.17 -15.63
C LEU A 775 10.28 1.08 -15.64
N SER A 776 9.66 2.23 -15.41
CA SER A 776 8.20 2.36 -15.36
C SER A 776 7.61 2.51 -16.76
N SER A 777 6.28 2.57 -16.81
CA SER A 777 5.58 2.76 -18.08
C SER A 777 5.99 4.10 -18.70
N THR A 778 6.17 5.11 -17.86
CA THR A 778 6.57 6.42 -18.38
C THR A 778 7.98 6.31 -18.96
N CYS A 779 8.87 5.61 -18.28
CA CYS A 779 10.24 5.43 -18.78
C CYS A 779 10.22 4.74 -20.15
N LEU A 780 9.38 3.72 -20.27
CA LEU A 780 9.26 2.95 -21.51
C LEU A 780 8.91 3.81 -22.73
N TYR A 781 8.22 4.93 -22.49
CA TYR A 781 7.82 5.84 -23.56
C TYR A 781 8.62 7.13 -23.65
N SER A 782 9.71 7.22 -22.88
CA SER A 782 10.54 8.43 -22.88
C SER A 782 11.65 8.36 -23.92
N ASP A 783 12.34 9.48 -24.11
CA ASP A 783 13.46 9.54 -25.06
C ASP A 783 14.76 9.29 -24.32
N ILE A 784 14.80 9.72 -23.07
CA ILE A 784 15.97 9.57 -22.21
C ILE A 784 15.51 9.17 -20.81
N ILE A 785 16.15 8.16 -20.25
CA ILE A 785 15.85 7.68 -18.90
C ILE A 785 17.10 7.93 -18.06
N LEU A 786 16.94 8.62 -16.95
CA LEU A 786 18.05 8.90 -16.05
C LEU A 786 17.89 8.08 -14.78
N PRO A 787 18.88 7.24 -14.45
CA PRO A 787 18.82 6.41 -13.24
C PRO A 787 18.96 7.24 -11.97
N THR A 788 17.94 7.20 -11.13
CA THR A 788 17.95 7.99 -9.90
C THR A 788 18.17 7.11 -8.67
N ALA A 789 18.60 7.73 -7.58
CA ALA A 789 18.83 7.00 -6.34
C ALA A 789 17.52 6.61 -5.67
N THR A 790 17.49 5.40 -5.11
CA THR A 790 16.30 4.92 -4.40
C THR A 790 16.22 5.67 -3.06
N TRP A 791 15.10 5.52 -2.36
CA TRP A 791 14.94 6.20 -1.07
C TRP A 791 15.93 5.73 -0.01
N TYR A 792 16.60 4.62 -0.27
CA TYR A 792 17.58 4.08 0.68
C TYR A 792 19.00 4.46 0.26
N GLU A 793 19.11 5.33 -0.73
CA GLU A 793 20.42 5.78 -1.22
C GLU A 793 20.58 7.30 -1.30
N LYS A 794 19.74 8.05 -0.59
CA LYS A 794 19.86 9.51 -0.62
C LYS A 794 19.28 10.18 0.62
N ASP A 795 19.68 11.43 0.84
CA ASP A 795 19.20 12.19 1.99
C ASP A 795 18.08 13.14 1.56
N ASP A 796 17.05 13.24 2.39
CA ASP A 796 15.93 14.12 2.10
C ASP A 796 15.03 14.11 3.33
N MET A 797 13.90 14.81 3.26
CA MET A 797 12.98 14.85 4.40
C MET A 797 11.56 14.54 3.97
N ASN A 798 10.74 14.12 4.93
CA ASN A 798 9.36 13.69 4.65
C ASN A 798 8.40 14.03 5.79
N THR A 799 7.22 14.56 5.44
CA THR A 799 6.19 14.86 6.44
C THR A 799 4.84 14.45 5.86
N SER A 800 3.81 14.43 6.70
CA SER A 800 2.48 14.05 6.26
C SER A 800 1.36 14.65 7.10
N ASP A 801 0.14 14.60 6.56
CA ASP A 801 -1.03 15.13 7.26
C ASP A 801 -1.34 14.25 8.46
N MET A 802 -1.01 12.96 8.34
CA MET A 802 -1.33 11.98 9.36
C MET A 802 -0.72 12.14 10.74
N HIS A 803 0.56 12.52 10.81
CA HIS A 803 1.22 12.72 12.10
C HIS A 803 2.03 14.01 12.07
N PRO A 804 2.48 14.50 13.24
CA PRO A 804 3.25 15.73 13.31
C PRO A 804 4.77 15.63 13.35
N PHE A 805 5.33 14.51 12.88
CA PHE A 805 6.77 14.34 12.91
C PHE A 805 7.46 14.58 11.57
N ILE A 806 8.64 15.18 11.61
CA ILE A 806 9.42 15.38 10.40
C ILE A 806 10.62 14.44 10.59
N HIS A 807 10.90 13.64 9.59
CA HIS A 807 12.01 12.69 9.67
C HIS A 807 12.68 12.59 8.32
N PRO A 808 13.85 11.93 8.25
CA PRO A 808 14.53 11.84 6.97
C PRO A 808 14.63 10.57 6.15
N LEU A 809 15.05 10.78 4.90
CA LEU A 809 15.37 9.69 3.99
C LEU A 809 16.88 9.80 4.16
N SER A 810 17.59 8.68 4.22
CA SER A 810 19.04 8.69 4.38
C SER A 810 19.66 7.65 3.48
N ALA A 811 20.90 7.92 3.07
CA ALA A 811 21.60 6.98 2.20
C ALA A 811 22.24 5.88 3.04
N ALA A 812 21.74 4.66 2.89
CA ALA A 812 22.31 3.53 3.63
C ALA A 812 23.63 3.16 2.97
N VAL A 813 23.69 3.37 1.66
CA VAL A 813 24.90 3.09 0.87
C VAL A 813 24.86 4.03 -0.33
N ASP A 814 26.01 4.35 -0.93
CA ASP A 814 26.04 5.23 -2.10
C ASP A 814 25.15 4.61 -3.18
N PRO A 815 24.46 5.44 -3.99
CA PRO A 815 23.60 4.92 -5.05
C PRO A 815 24.35 3.88 -5.89
N ALA A 816 23.70 2.75 -6.16
CA ALA A 816 24.31 1.67 -6.94
C ALA A 816 24.51 2.04 -8.41
N TRP A 817 25.43 1.33 -9.06
CA TRP A 817 25.75 1.55 -10.46
C TRP A 817 25.97 3.03 -10.75
N GLU A 818 25.29 3.57 -11.76
CA GLU A 818 25.50 4.98 -12.08
C GLU A 818 24.36 5.91 -11.66
N ALA A 819 23.52 5.43 -10.75
CA ALA A 819 22.40 6.23 -10.26
C ALA A 819 22.90 7.44 -9.48
N LYS A 820 22.11 8.50 -9.49
CA LYS A 820 22.41 9.74 -8.76
C LYS A 820 21.11 10.24 -8.15
N SER A 821 21.19 10.97 -7.04
CA SER A 821 19.99 11.50 -6.42
C SER A 821 19.38 12.53 -7.37
N ASP A 822 18.10 12.83 -7.19
CA ASP A 822 17.42 13.81 -8.05
C ASP A 822 18.13 15.16 -7.92
N TRP A 823 18.49 15.52 -6.69
CA TRP A 823 19.21 16.77 -6.44
C TRP A 823 20.48 16.85 -7.27
N GLU A 824 21.29 15.78 -7.26
CA GLU A 824 22.53 15.78 -8.00
C GLU A 824 22.29 15.73 -9.51
N ILE A 825 21.22 15.09 -9.94
CA ILE A 825 20.89 15.00 -11.36
C ILE A 825 20.60 16.39 -11.92
N TYR A 826 19.73 17.13 -11.25
CA TYR A 826 19.39 18.46 -11.73
C TYR A 826 20.52 19.47 -11.53
N LYS A 827 21.33 19.27 -10.48
CA LYS A 827 22.45 20.17 -10.25
C LYS A 827 23.41 20.06 -11.45
N ALA A 828 23.62 18.82 -11.91
CA ALA A 828 24.51 18.56 -13.03
C ALA A 828 23.91 19.10 -14.34
N ILE A 829 22.59 19.00 -14.48
CA ILE A 829 21.95 19.52 -15.68
C ILE A 829 22.07 21.04 -15.64
N ALA A 830 21.89 21.62 -14.46
CA ALA A 830 22.00 23.06 -14.31
C ALA A 830 23.42 23.51 -14.68
N LYS A 831 24.41 22.70 -14.31
CA LYS A 831 25.79 23.02 -14.60
C LYS A 831 26.08 22.98 -16.09
N LYS A 832 25.59 21.95 -16.78
CA LYS A 832 25.82 21.83 -18.20
C LYS A 832 25.05 22.90 -18.97
N PHE A 833 23.84 23.18 -18.51
CA PHE A 833 23.00 24.19 -19.13
C PHE A 833 23.70 25.55 -19.10
N SER A 834 24.27 25.87 -17.95
CA SER A 834 24.97 27.13 -17.75
C SER A 834 26.13 27.36 -18.72
N GLU A 835 26.77 26.28 -19.17
CA GLU A 835 27.88 26.45 -20.10
C GLU A 835 27.38 26.37 -21.55
N VAL A 836 26.39 25.51 -21.80
CA VAL A 836 25.85 25.35 -23.14
C VAL A 836 25.05 26.58 -23.61
N CYS A 837 24.45 27.30 -22.67
CA CYS A 837 23.66 28.47 -23.03
C CYS A 837 24.49 29.70 -23.39
N VAL A 838 25.79 29.67 -23.10
CA VAL A 838 26.65 30.81 -23.40
C VAL A 838 26.66 31.13 -24.89
N GLY A 839 26.31 32.36 -25.22
CA GLY A 839 26.27 32.79 -26.60
C GLY A 839 24.87 32.72 -27.16
N HIS A 840 23.98 32.00 -26.46
CA HIS A 840 22.60 31.85 -26.88
C HIS A 840 21.65 32.60 -25.96
N LEU A 841 21.90 32.49 -24.66
CA LEU A 841 21.08 33.16 -23.66
C LEU A 841 22.03 33.83 -22.67
N GLY A 842 21.77 35.09 -22.34
CA GLY A 842 22.60 35.80 -21.39
C GLY A 842 21.74 36.37 -20.28
N LYS A 843 21.90 37.65 -19.97
CA LYS A 843 21.07 38.28 -18.96
C LYS A 843 19.83 38.72 -19.71
N GLU A 844 18.76 37.95 -19.59
CA GLU A 844 17.52 38.23 -20.28
C GLU A 844 16.44 38.86 -19.42
N THR A 845 15.44 39.43 -20.07
CA THR A 845 14.32 40.04 -19.39
C THR A 845 13.11 39.23 -19.82
N ASP A 846 12.38 38.70 -18.84
CA ASP A 846 11.23 37.86 -19.11
C ASP A 846 9.92 38.50 -18.65
N ILE A 847 8.90 38.42 -19.49
CA ILE A 847 7.58 38.96 -19.15
C ILE A 847 6.78 37.74 -18.72
N VAL A 848 6.39 37.71 -17.45
CA VAL A 848 5.65 36.59 -16.89
C VAL A 848 4.26 36.97 -16.42
N THR A 849 3.25 36.22 -16.85
CA THR A 849 1.89 36.48 -16.41
C THR A 849 1.73 35.73 -15.09
N LEU A 850 0.94 36.30 -14.19
CA LEU A 850 0.68 35.70 -12.88
C LEU A 850 -0.78 35.92 -12.52
N PRO A 851 -1.54 34.83 -12.31
CA PRO A 851 -2.95 35.00 -11.96
C PRO A 851 -3.13 35.65 -10.59
N ILE A 852 -4.31 36.23 -10.37
CA ILE A 852 -4.62 36.88 -9.12
C ILE A 852 -4.55 35.80 -8.02
N GLN A 853 -3.71 36.04 -7.02
CA GLN A 853 -3.48 35.07 -5.96
C GLN A 853 -4.34 35.17 -4.71
N HIS A 854 -4.82 34.01 -4.25
CA HIS A 854 -5.60 33.94 -3.02
C HIS A 854 -4.53 34.27 -1.96
N ASP A 855 -4.95 34.83 -0.84
CA ASP A 855 -4.03 35.22 0.23
C ASP A 855 -3.10 36.39 -0.12
N SER A 856 -3.56 37.25 -1.02
CA SER A 856 -2.83 38.46 -1.42
C SER A 856 -3.93 39.50 -1.54
N ALA A 857 -3.59 40.76 -1.31
CA ALA A 857 -4.58 41.84 -1.41
C ALA A 857 -5.35 41.82 -2.72
N ALA A 858 -4.71 41.33 -3.77
CA ALA A 858 -5.34 41.28 -5.08
C ALA A 858 -6.52 40.31 -5.17
N GLU A 859 -6.70 39.45 -4.17
CA GLU A 859 -7.80 38.50 -4.20
C GLU A 859 -9.15 39.23 -4.20
N LEU A 860 -9.12 40.52 -3.86
CA LEU A 860 -10.31 41.35 -3.85
C LEU A 860 -10.42 41.99 -5.24
N ALA A 861 -10.51 41.14 -6.26
CA ALA A 861 -10.58 41.59 -7.64
C ALA A 861 -11.95 42.07 -8.11
N GLN A 862 -12.84 41.14 -8.44
CA GLN A 862 -14.19 41.47 -8.91
C GLN A 862 -15.23 41.13 -7.85
N PRO A 863 -15.66 42.14 -7.08
CA PRO A 863 -16.65 42.03 -6.00
C PRO A 863 -18.10 41.69 -6.27
N LEU A 864 -18.71 42.25 -7.31
CA LEU A 864 -20.12 41.99 -7.55
C LEU A 864 -20.50 41.16 -8.76
N ASP A 865 -19.62 41.06 -9.74
CA ASP A 865 -19.94 40.30 -10.93
C ASP A 865 -18.71 39.95 -11.74
N VAL A 866 -18.92 39.43 -12.94
CA VAL A 866 -17.83 39.03 -13.82
C VAL A 866 -17.77 39.88 -15.09
N LYS A 867 -16.64 40.55 -15.28
CA LYS A 867 -16.43 41.39 -16.46
C LYS A 867 -15.25 40.87 -17.27
N ASP A 868 -15.48 40.66 -18.56
CA ASP A 868 -14.46 40.17 -19.49
C ASP A 868 -13.92 41.35 -20.30
N TRP A 869 -12.67 41.75 -20.04
CA TRP A 869 -12.09 42.88 -20.75
C TRP A 869 -12.06 42.70 -22.26
N LYS A 870 -11.88 41.47 -22.73
CA LYS A 870 -11.81 41.20 -24.16
C LYS A 870 -13.16 41.48 -24.82
N LYS A 871 -14.21 41.50 -24.02
CA LYS A 871 -15.56 41.78 -24.50
C LYS A 871 -15.90 43.25 -24.27
N GLY A 872 -14.91 44.00 -23.81
CA GLY A 872 -15.10 45.41 -23.55
C GLY A 872 -15.99 45.72 -22.36
N GLU A 873 -16.21 44.72 -21.52
CA GLU A 873 -17.07 44.90 -20.34
C GLU A 873 -16.32 45.63 -19.24
N CYS A 874 -15.03 45.81 -19.44
CA CYS A 874 -14.18 46.52 -18.48
C CYS A 874 -12.81 46.68 -19.11
N ASP A 875 -11.96 47.47 -18.47
CA ASP A 875 -10.62 47.69 -18.99
C ASP A 875 -9.73 46.52 -18.58
N LEU A 876 -8.64 46.31 -19.31
CA LEU A 876 -7.70 45.25 -19.01
C LEU A 876 -6.78 45.79 -17.94
N ILE A 877 -7.05 45.44 -16.69
CA ILE A 877 -6.26 45.91 -15.56
C ILE A 877 -5.52 44.72 -14.94
N PRO A 878 -4.23 44.56 -15.28
CA PRO A 878 -3.47 43.43 -14.71
C PRO A 878 -3.55 43.40 -13.19
N GLY A 879 -3.82 42.23 -12.64
CA GLY A 879 -3.91 42.09 -11.20
C GLY A 879 -5.31 42.30 -10.66
N LYS A 880 -6.26 42.61 -11.54
CA LYS A 880 -7.64 42.81 -11.11
C LYS A 880 -8.66 42.21 -12.08
N THR A 881 -8.58 42.58 -13.35
CA THR A 881 -9.50 42.06 -14.35
C THR A 881 -8.73 41.18 -15.35
N ALA A 882 -7.45 40.99 -15.07
CA ALA A 882 -6.57 40.19 -15.90
C ALA A 882 -5.41 39.72 -15.01
N PRO A 883 -4.53 38.86 -15.54
CA PRO A 883 -3.43 38.41 -14.68
C PRO A 883 -2.38 39.51 -14.50
N HIS A 884 -1.63 39.42 -13.41
CA HIS A 884 -0.57 40.38 -13.15
C HIS A 884 0.42 40.19 -14.29
N ILE A 885 1.06 41.26 -14.72
CA ILE A 885 2.06 41.18 -15.77
C ILE A 885 3.36 41.57 -15.08
N MET A 886 4.21 40.59 -14.79
CA MET A 886 5.47 40.81 -14.08
C MET A 886 6.71 40.76 -14.96
N VAL A 887 7.75 41.45 -14.51
CA VAL A 887 9.02 41.49 -15.22
C VAL A 887 10.03 40.71 -14.38
N VAL A 888 10.65 39.70 -14.98
CA VAL A 888 11.62 38.88 -14.27
C VAL A 888 12.94 38.84 -15.03
N GLU A 889 14.01 39.23 -14.34
CA GLU A 889 15.34 39.22 -14.95
C GLU A 889 15.96 37.85 -14.70
N ARG A 890 16.48 37.23 -15.76
CA ARG A 890 17.11 35.92 -15.64
C ARG A 890 18.56 35.98 -16.12
N ASP A 891 19.47 35.43 -15.32
CA ASP A 891 20.88 35.39 -15.67
C ASP A 891 21.18 33.94 -16.03
N TYR A 892 20.83 33.56 -17.24
CA TYR A 892 21.02 32.19 -17.69
C TYR A 892 22.40 31.59 -17.45
N PRO A 893 23.47 32.34 -17.75
CA PRO A 893 24.80 31.76 -17.52
C PRO A 893 25.05 31.47 -16.05
N ALA A 894 24.34 32.17 -15.17
CA ALA A 894 24.51 31.99 -13.73
C ALA A 894 23.54 31.00 -13.11
N THR A 895 22.81 30.26 -13.95
CA THR A 895 21.84 29.29 -13.46
C THR A 895 22.41 28.35 -12.39
N TYR A 896 23.54 27.72 -12.69
CA TYR A 896 24.17 26.80 -11.75
C TYR A 896 24.59 27.47 -10.45
N GLU A 897 25.25 28.63 -10.54
CA GLU A 897 25.68 29.33 -9.34
C GLU A 897 24.49 29.74 -8.46
N ARG A 898 23.36 30.04 -9.09
CA ARG A 898 22.17 30.43 -8.34
C ARG A 898 21.51 29.20 -7.72
N PHE A 899 21.48 28.12 -8.51
CA PHE A 899 20.88 26.87 -8.07
C PHE A 899 21.58 26.41 -6.79
N THR A 900 22.91 26.49 -6.79
CA THR A 900 23.73 26.06 -5.65
C THR A 900 23.99 27.08 -4.54
N SER A 901 23.13 28.09 -4.44
CA SER A 901 23.29 29.10 -3.39
C SER A 901 21.92 29.68 -3.01
N ILE A 902 21.79 30.11 -1.77
CA ILE A 902 20.54 30.70 -1.30
C ILE A 902 20.56 32.19 -1.70
N GLY A 903 19.68 32.54 -2.62
CA GLY A 903 19.58 33.90 -3.15
C GLY A 903 19.43 35.06 -2.18
N PRO A 904 19.67 36.29 -2.64
CA PRO A 904 19.58 37.51 -1.83
C PRO A 904 18.19 38.07 -1.53
N LEU A 905 17.16 37.51 -2.17
CA LEU A 905 15.81 38.01 -1.93
C LEU A 905 15.29 37.70 -0.53
N MET A 906 15.80 36.66 0.09
CA MET A 906 15.35 36.31 1.44
C MET A 906 15.73 37.45 2.39
N GLU A 907 16.88 38.05 2.15
CA GLU A 907 17.36 39.16 2.97
C GLU A 907 16.83 40.51 2.52
N LYS A 908 16.70 40.70 1.22
CA LYS A 908 16.21 41.97 0.70
C LYS A 908 14.71 42.14 0.88
N ILE A 909 13.95 41.13 0.51
CA ILE A 909 12.49 41.17 0.62
C ILE A 909 11.96 40.50 1.88
N GLY A 910 12.45 39.29 2.16
CA GLY A 910 12.00 38.56 3.33
C GLY A 910 11.36 37.25 2.92
N ASN A 911 10.54 36.70 3.80
CA ASN A 911 9.87 35.43 3.52
C ASN A 911 8.45 35.48 4.05
N GLY A 912 7.60 34.56 3.59
CA GLY A 912 6.23 34.55 4.06
C GLY A 912 5.32 33.64 3.28
N GLY A 913 4.04 33.66 3.63
CA GLY A 913 3.06 32.82 2.95
C GLY A 913 1.71 32.94 3.64
N LYS A 914 0.67 32.48 2.96
CA LYS A 914 -0.68 32.53 3.51
C LYS A 914 -1.09 33.93 3.99
N GLY A 915 -0.72 34.95 3.23
CA GLY A 915 -1.09 36.31 3.58
C GLY A 915 -0.27 37.06 4.61
N ILE A 916 0.82 36.44 5.09
CA ILE A 916 1.67 37.11 6.07
C ILE A 916 3.13 37.03 5.63
N ALA A 917 3.94 37.96 6.12
CA ALA A 917 5.35 38.00 5.79
C ALA A 917 6.17 38.37 7.02
N TRP A 918 7.46 38.10 6.98
CA TRP A 918 8.34 38.40 8.10
C TRP A 918 9.78 38.56 7.68
N ASN A 919 10.61 39.08 8.59
CA ASN A 919 12.03 39.28 8.33
C ASN A 919 12.74 37.97 8.66
N THR A 920 13.62 37.51 7.78
CA THR A 920 14.32 36.27 8.05
C THR A 920 15.84 36.42 7.98
N GLN A 921 16.33 37.60 8.33
CA GLN A 921 17.76 37.88 8.31
C GLN A 921 18.58 36.97 9.24
N SER A 922 18.11 36.81 10.47
CA SER A 922 18.83 35.97 11.43
C SER A 922 18.97 34.53 10.94
N GLU A 923 17.98 34.05 10.19
CA GLU A 923 18.03 32.68 9.68
C GLU A 923 19.07 32.56 8.58
N MET A 924 19.19 33.60 7.75
CA MET A 924 20.17 33.57 6.68
C MET A 924 21.57 33.64 7.27
N ASP A 925 21.72 34.37 8.38
CA ASP A 925 23.01 34.48 9.05
C ASP A 925 23.41 33.09 9.56
N LEU A 926 22.44 32.37 10.12
CA LEU A 926 22.67 31.04 10.66
C LEU A 926 23.07 30.09 9.52
N LEU A 927 22.34 30.20 8.41
CA LEU A 927 22.60 29.36 7.25
C LEU A 927 23.99 29.57 6.66
N ARG A 928 24.54 30.77 6.79
CA ARG A 928 25.88 31.01 6.27
C ARG A 928 26.89 30.20 7.06
N LYS A 929 26.61 29.99 8.34
CA LYS A 929 27.49 29.22 9.22
C LYS A 929 27.31 27.71 9.05
N LEU A 930 26.10 27.27 8.78
CA LEU A 930 25.80 25.85 8.62
C LEU A 930 26.19 25.27 7.27
N ASN A 931 25.90 26.03 6.21
CA ASN A 931 26.19 25.58 4.85
C ASN A 931 27.47 26.16 4.26
N TYR A 932 28.10 27.10 4.97
CA TYR A 932 29.30 27.76 4.46
C TYR A 932 28.82 28.69 3.34
N THR A 933 29.74 29.47 2.75
CA THR A 933 29.35 30.41 1.71
C THR A 933 30.17 30.36 0.42
N LYS A 934 29.60 30.92 -0.64
CA LYS A 934 30.27 30.99 -1.94
C LYS A 934 31.52 31.85 -1.80
N ALA A 935 32.65 31.35 -2.28
CA ALA A 935 33.91 32.08 -2.20
C ALA A 935 34.03 33.16 -3.26
N GLU A 936 33.43 32.92 -4.42
CA GLU A 936 33.46 33.88 -5.52
C GLU A 936 32.31 33.65 -6.49
N GLY A 937 32.30 34.42 -7.57
CA GLY A 937 31.26 34.28 -8.58
C GLY A 937 30.04 35.13 -8.31
N PRO A 938 28.98 34.97 -9.12
CA PRO A 938 27.71 35.71 -9.03
C PRO A 938 27.07 35.69 -7.64
N ALA A 939 27.20 34.56 -6.95
CA ALA A 939 26.60 34.40 -5.62
C ALA A 939 27.57 34.52 -4.46
N LYS A 940 28.74 35.12 -4.70
CA LYS A 940 29.74 35.27 -3.65
C LYS A 940 29.12 35.75 -2.33
N GLY A 941 29.47 35.09 -1.24
CA GLY A 941 28.95 35.50 0.06
C GLY A 941 27.62 34.90 0.49
N GLN A 942 26.92 34.25 -0.42
CA GLN A 942 25.64 33.64 -0.09
C GLN A 942 25.80 32.23 0.46
N PRO A 943 24.86 31.78 1.31
CA PRO A 943 24.97 30.42 1.86
C PRO A 943 24.99 29.43 0.70
N MET A 944 25.64 28.29 0.93
CA MET A 944 25.74 27.27 -0.10
C MET A 944 24.58 26.29 -0.12
N LEU A 945 24.33 25.75 -1.31
CA LEU A 945 23.30 24.74 -1.54
C LEU A 945 23.99 23.70 -2.43
N ASN A 946 25.02 23.06 -1.90
CA ASN A 946 25.75 22.06 -2.66
C ASN A 946 25.13 20.68 -2.53
N THR A 947 24.90 20.25 -1.29
CA THR A 947 24.34 18.93 -1.02
C THR A 947 22.85 18.99 -0.68
N ALA A 948 22.21 17.82 -0.69
CA ALA A 948 20.80 17.74 -0.35
C ALA A 948 20.63 18.13 1.12
N ILE A 949 21.64 17.86 1.93
CA ILE A 949 21.56 18.20 3.34
C ILE A 949 21.56 19.73 3.50
N ASP A 950 22.37 20.42 2.69
CA ASP A 950 22.41 21.88 2.76
C ASP A 950 21.01 22.41 2.47
N ALA A 951 20.35 21.78 1.49
CA ALA A 951 19.01 22.16 1.08
C ALA A 951 18.02 21.86 2.20
N ALA A 952 18.17 20.70 2.84
CA ALA A 952 17.28 20.32 3.93
C ALA A 952 17.42 21.31 5.09
N GLU A 953 18.65 21.71 5.40
CA GLU A 953 18.89 22.65 6.48
C GLU A 953 18.27 24.02 6.16
N MET A 954 18.23 24.37 4.89
CA MET A 954 17.63 25.64 4.47
C MET A 954 16.15 25.57 4.84
N ILE A 955 15.50 24.48 4.46
CA ILE A 955 14.09 24.29 4.75
C ILE A 955 13.80 24.36 6.25
N LEU A 956 14.55 23.58 7.03
CA LEU A 956 14.36 23.55 8.48
C LEU A 956 14.58 24.89 9.17
N THR A 957 15.63 25.60 8.76
CA THR A 957 15.96 26.88 9.37
C THR A 957 14.99 28.01 9.04
N LEU A 958 14.48 28.03 7.80
CA LEU A 958 13.55 29.08 7.38
C LEU A 958 12.11 28.90 7.80
N ALA A 959 11.66 27.65 7.91
CA ALA A 959 10.27 27.39 8.26
C ALA A 959 9.90 27.59 9.73
N PRO A 960 8.71 28.16 9.98
CA PRO A 960 8.24 28.41 11.34
C PRO A 960 7.92 27.09 12.06
N GLU A 961 7.53 26.08 11.29
CA GLU A 961 7.21 24.78 11.86
C GLU A 961 8.45 24.11 12.45
N THR A 962 9.61 24.45 11.93
CA THR A 962 10.85 23.84 12.39
C THR A 962 11.85 24.77 13.08
N ASN A 963 11.50 26.04 13.21
CA ASN A 963 12.36 27.02 13.86
C ASN A 963 11.49 27.94 14.69
N GLY A 964 11.50 27.73 16.01
CA GLY A 964 10.69 28.53 16.92
C GLY A 964 10.86 30.03 16.78
N GLN A 965 12.05 30.47 16.40
CA GLN A 965 12.31 31.89 16.22
C GLN A 965 11.41 32.40 15.10
N VAL A 966 11.37 31.65 14.00
CA VAL A 966 10.54 32.03 12.87
C VAL A 966 9.08 31.90 13.24
N ALA A 967 8.74 30.85 13.99
CA ALA A 967 7.35 30.63 14.40
C ALA A 967 6.79 31.85 15.12
N VAL A 968 7.55 32.40 16.05
CA VAL A 968 7.09 33.57 16.80
C VAL A 968 6.93 34.79 15.90
N LYS A 969 7.86 34.99 14.97
CA LYS A 969 7.78 36.11 14.05
C LYS A 969 6.60 35.96 13.11
N ALA A 970 6.27 34.71 12.78
CA ALA A 970 5.14 34.42 11.90
C ALA A 970 3.83 34.72 12.61
N TRP A 971 3.68 34.21 13.83
CA TRP A 971 2.45 34.46 14.59
C TRP A 971 2.31 35.96 14.87
N ALA A 972 3.43 36.64 15.02
CA ALA A 972 3.40 38.08 15.28
C ALA A 972 2.86 38.81 14.06
N ALA A 973 3.28 38.38 12.88
CA ALA A 973 2.81 39.00 11.64
C ALA A 973 1.31 38.83 11.53
N LEU A 974 0.82 37.62 11.80
CA LEU A 974 -0.62 37.36 11.75
C LEU A 974 -1.38 38.22 12.74
N SER A 975 -0.82 38.38 13.94
CA SER A 975 -1.45 39.17 15.00
C SER A 975 -1.80 40.60 14.57
N GLU A 976 -1.04 41.14 13.63
CA GLU A 976 -1.29 42.49 13.14
C GLU A 976 -2.65 42.56 12.44
N PHE A 977 -2.95 41.53 11.67
CA PHE A 977 -4.21 41.45 10.93
C PHE A 977 -5.42 41.26 11.84
N THR A 978 -5.31 40.30 12.75
CA THR A 978 -6.40 39.97 13.67
C THR A 978 -6.56 40.88 14.87
N GLY A 979 -5.49 41.55 15.29
CA GLY A 979 -5.58 42.43 16.44
C GLY A 979 -5.58 41.63 17.73
N ARG A 980 -5.32 40.34 17.63
CA ARG A 980 -5.27 39.44 18.78
C ARG A 980 -3.88 38.82 18.82
N ASP A 981 -3.33 38.64 20.01
CA ASP A 981 -2.00 38.03 20.11
C ASP A 981 -2.09 36.54 19.86
N HIS A 982 -1.18 36.03 19.03
CA HIS A 982 -1.14 34.62 18.73
C HIS A 982 0.26 34.06 18.98
N THR A 983 1.17 34.94 19.39
CA THR A 983 2.54 34.52 19.67
C THR A 983 2.63 33.56 20.84
N HIS A 984 1.61 33.58 21.69
CA HIS A 984 1.57 32.69 22.86
C HIS A 984 1.53 31.23 22.39
N LEU A 985 1.22 31.03 21.11
CA LEU A 985 1.14 29.69 20.55
C LEU A 985 2.51 29.08 20.24
N ALA A 986 3.55 29.92 20.22
CA ALA A 986 4.89 29.41 19.92
C ALA A 986 5.99 29.90 20.84
N LEU A 987 5.67 30.83 21.74
CA LEU A 987 6.67 31.36 22.67
C LEU A 987 7.35 30.26 23.51
N ASN A 988 6.57 29.28 23.95
CA ASN A 988 7.10 28.18 24.77
C ASN A 988 8.02 27.24 23.99
N LYS A 989 8.23 27.50 22.70
CA LYS A 989 9.09 26.68 21.87
C LYS A 989 9.98 27.58 21.01
N GLU A 990 10.11 28.84 21.41
CA GLU A 990 10.90 29.80 20.65
C GLU A 990 12.36 29.43 20.43
N ASP A 991 12.93 28.65 21.34
CA ASP A 991 14.32 28.25 21.20
C ASP A 991 14.50 26.96 20.40
N GLU A 992 13.39 26.32 20.05
CA GLU A 992 13.45 25.07 19.29
C GLU A 992 13.92 25.25 17.85
N LYS A 993 14.91 24.45 17.47
CA LYS A 993 15.45 24.48 16.11
C LYS A 993 15.72 23.05 15.65
N ILE A 994 14.88 22.55 14.76
CA ILE A 994 15.04 21.20 14.25
C ILE A 994 16.16 21.12 13.22
N ARG A 995 17.08 20.17 13.43
CA ARG A 995 18.23 19.97 12.54
C ARG A 995 18.16 18.62 11.85
N PHE A 996 18.68 18.55 10.63
CA PHE A 996 18.66 17.31 9.86
C PHE A 996 19.29 16.14 10.62
N ARG A 997 20.47 16.34 11.18
CA ARG A 997 21.11 15.25 11.90
C ARG A 997 20.36 14.83 13.17
N ASP A 998 19.61 15.75 13.77
CA ASP A 998 18.84 15.38 14.96
C ASP A 998 17.66 14.49 14.58
N ILE A 999 17.03 14.78 13.44
CA ILE A 999 15.89 13.96 13.05
C ILE A 999 16.37 12.58 12.56
N GLN A 1000 17.64 12.48 12.19
CA GLN A 1000 18.17 11.18 11.79
C GLN A 1000 18.28 10.33 13.07
N ALA A 1001 18.50 11.00 14.21
CA ALA A 1001 18.61 10.32 15.49
C ALA A 1001 17.22 9.96 16.04
N GLN A 1002 16.26 10.86 15.86
CA GLN A 1002 14.89 10.62 16.29
C GLN A 1002 13.95 11.61 15.64
N PRO A 1003 12.86 11.12 15.03
CA PRO A 1003 11.89 12.01 14.38
C PRO A 1003 11.47 13.08 15.40
N ARG A 1004 11.25 14.30 14.93
CA ARG A 1004 10.86 15.39 15.83
C ARG A 1004 9.48 15.95 15.50
N LYS A 1005 8.73 16.31 16.55
CA LYS A 1005 7.40 16.89 16.38
C LYS A 1005 7.57 18.36 16.00
N ILE A 1006 6.78 18.85 15.05
CA ILE A 1006 6.91 20.23 14.61
C ILE A 1006 6.24 21.26 15.54
N ILE A 1007 6.44 22.53 15.21
CA ILE A 1007 5.92 23.64 16.01
C ILE A 1007 4.64 24.23 15.43
N SER A 1008 3.72 24.67 16.30
CA SER A 1008 2.46 25.27 15.87
C SER A 1008 2.80 26.47 14.99
N SER A 1009 2.22 26.52 13.80
CA SER A 1009 2.48 27.58 12.84
C SER A 1009 1.20 28.18 12.25
N PRO A 1010 1.22 29.48 11.93
CA PRO A 1010 0.07 30.17 11.36
C PRO A 1010 -0.23 29.67 9.94
N THR A 1011 0.69 28.89 9.39
CA THR A 1011 0.51 28.32 8.06
C THR A 1011 -0.64 27.32 8.12
N TRP A 1012 -0.91 26.82 9.33
CA TRP A 1012 -1.96 25.84 9.52
C TRP A 1012 -3.05 26.32 10.47
N SER A 1013 -3.99 25.46 10.83
CA SER A 1013 -5.09 25.89 11.70
C SER A 1013 -5.31 25.01 12.91
N GLY A 1014 -4.33 24.17 13.21
CA GLY A 1014 -4.44 23.29 14.36
C GLY A 1014 -3.21 23.51 15.22
N LEU A 1015 -3.20 22.94 16.41
CA LEU A 1015 -2.06 23.11 17.30
C LEU A 1015 -1.25 21.84 17.47
N GLU A 1016 0.06 22.01 17.61
CA GLU A 1016 0.97 20.89 17.85
C GLU A 1016 1.21 21.15 19.35
N ASP A 1017 0.41 20.48 20.17
CA ASP A 1017 0.44 20.68 21.61
C ASP A 1017 0.49 19.36 22.37
N GLU A 1018 0.91 19.42 23.63
CA GLU A 1018 0.99 18.20 24.43
C GLU A 1018 -0.27 17.90 25.24
N HIS A 1019 -1.26 18.78 25.14
CA HIS A 1019 -2.53 18.58 25.85
C HIS A 1019 -3.71 18.42 24.90
N VAL A 1020 -3.57 18.91 23.67
CA VAL A 1020 -4.62 18.79 22.66
C VAL A 1020 -4.02 18.34 21.35
N SER A 1021 -4.66 17.39 20.69
CA SER A 1021 -4.16 16.87 19.41
C SER A 1021 -4.41 17.88 18.30
N TYR A 1022 -3.75 17.68 17.16
CA TYR A 1022 -3.91 18.58 16.02
C TYR A 1022 -5.27 18.38 15.37
N ASN A 1023 -6.06 19.45 15.33
CA ASN A 1023 -7.38 19.41 14.73
C ASN A 1023 -7.54 20.64 13.85
N ALA A 1024 -7.84 20.42 12.56
CA ALA A 1024 -8.00 21.53 11.63
C ALA A 1024 -9.16 22.43 12.00
N GLY A 1025 -8.95 23.73 11.86
CA GLY A 1025 -9.98 24.70 12.19
C GLY A 1025 -9.98 25.09 13.66
N TYR A 1026 -9.11 24.44 14.42
CA TYR A 1026 -9.01 24.69 15.84
C TYR A 1026 -8.65 26.15 16.16
N THR A 1027 -7.70 26.71 15.42
CA THR A 1027 -7.29 28.10 15.67
C THR A 1027 -8.38 29.08 15.27
N ASN A 1028 -9.15 28.76 14.23
CA ASN A 1028 -10.23 29.65 13.80
C ASN A 1028 -11.27 29.71 14.91
N VAL A 1029 -11.63 28.54 15.43
CA VAL A 1029 -12.63 28.44 16.50
C VAL A 1029 -12.15 28.95 17.86
N HIS A 1030 -10.90 28.67 18.22
CA HIS A 1030 -10.39 29.07 19.53
C HIS A 1030 -9.53 30.33 19.60
N GLU A 1031 -8.95 30.73 18.48
CA GLU A 1031 -8.13 31.95 18.46
C GLU A 1031 -8.86 33.07 17.73
N LEU A 1032 -10.04 32.73 17.19
CA LEU A 1032 -10.86 33.70 16.48
C LEU A 1032 -10.22 34.26 15.22
N ILE A 1033 -9.40 33.45 14.57
CA ILE A 1033 -8.76 33.83 13.31
C ILE A 1033 -9.79 33.48 12.24
N PRO A 1034 -10.08 34.41 11.33
CA PRO A 1034 -11.07 34.11 10.28
C PRO A 1034 -10.61 33.09 9.26
N TRP A 1035 -11.57 32.40 8.64
CA TRP A 1035 -11.27 31.48 7.57
C TRP A 1035 -11.10 32.46 6.42
N ARG A 1036 -10.22 32.16 5.46
CA ARG A 1036 -9.99 33.08 4.37
C ARG A 1036 -11.08 33.06 3.31
N THR A 1037 -12.29 33.41 3.73
CA THR A 1037 -13.45 33.44 2.86
C THR A 1037 -14.04 34.86 2.81
N LEU A 1038 -14.91 35.09 1.84
CA LEU A 1038 -15.56 36.38 1.69
C LEU A 1038 -16.15 36.86 3.02
N SER A 1039 -16.85 35.98 3.72
CA SER A 1039 -17.47 36.33 4.99
C SER A 1039 -16.59 36.14 6.22
N GLY A 1040 -15.46 35.45 6.04
CA GLY A 1040 -14.56 35.22 7.15
C GLY A 1040 -15.01 34.01 7.96
N ARG A 1041 -16.17 33.48 7.64
CA ARG A 1041 -16.71 32.32 8.33
C ARG A 1041 -16.79 31.13 7.38
N GLN A 1042 -17.18 29.98 7.91
CA GLN A 1042 -17.33 28.80 7.07
C GLN A 1042 -18.47 29.19 6.13
N GLN A 1043 -18.17 29.23 4.84
CA GLN A 1043 -19.13 29.65 3.81
C GLN A 1043 -20.05 28.60 3.22
N LEU A 1044 -21.31 28.63 3.63
CA LEU A 1044 -22.30 27.70 3.10
C LEU A 1044 -22.84 28.24 1.77
N TYR A 1045 -22.88 29.57 1.65
CA TYR A 1045 -23.40 30.20 0.44
C TYR A 1045 -22.32 30.73 -0.50
N GLN A 1046 -22.31 30.20 -1.72
CA GLN A 1046 -21.33 30.61 -2.72
C GLN A 1046 -22.04 31.56 -3.68
N ASP A 1047 -21.79 32.86 -3.51
CA ASP A 1047 -22.46 33.88 -4.32
C ASP A 1047 -21.74 34.38 -5.58
N HIS A 1048 -20.64 33.75 -5.96
CA HIS A 1048 -19.95 34.20 -7.17
C HIS A 1048 -20.89 33.91 -8.35
N GLN A 1049 -20.93 34.84 -9.30
CA GLN A 1049 -21.80 34.71 -10.47
C GLN A 1049 -21.85 33.29 -11.03
N TRP A 1050 -20.69 32.73 -11.34
CA TRP A 1050 -20.60 31.39 -11.89
C TRP A 1050 -21.14 30.31 -10.96
N MET A 1051 -20.88 30.44 -9.67
CA MET A 1051 -21.37 29.46 -8.71
C MET A 1051 -22.90 29.48 -8.72
N ARG A 1052 -23.47 30.68 -8.76
CA ARG A 1052 -24.92 30.82 -8.78
C ARG A 1052 -25.52 30.27 -10.06
N ASP A 1053 -24.98 30.69 -11.20
CA ASP A 1053 -25.51 30.24 -12.48
C ASP A 1053 -25.29 28.77 -12.82
N PHE A 1054 -24.32 28.15 -12.17
CA PHE A 1054 -24.09 26.73 -12.41
C PHE A 1054 -24.84 25.91 -11.37
N GLY A 1055 -25.73 26.59 -10.64
CA GLY A 1055 -26.57 25.95 -9.65
C GLY A 1055 -25.97 25.47 -8.35
N GLU A 1056 -24.83 26.02 -7.96
CA GLU A 1056 -24.19 25.60 -6.73
C GLU A 1056 -23.99 26.68 -5.66
N SER A 1057 -24.90 27.64 -5.60
CA SER A 1057 -24.79 28.68 -4.59
C SER A 1057 -24.95 27.94 -3.26
N LEU A 1058 -25.80 26.92 -3.27
CA LEU A 1058 -26.02 26.10 -2.09
C LEU A 1058 -25.82 24.66 -2.54
N LEU A 1059 -25.49 23.76 -1.61
CA LEU A 1059 -25.29 22.38 -1.99
C LEU A 1059 -26.62 21.82 -2.49
N VAL A 1060 -26.55 20.96 -3.49
CA VAL A 1060 -27.74 20.32 -4.07
C VAL A 1060 -27.29 18.97 -4.59
N TYR A 1061 -28.23 18.03 -4.74
CA TYR A 1061 -27.85 16.73 -5.25
C TYR A 1061 -27.66 16.78 -6.76
N ARG A 1062 -26.56 16.18 -7.22
CA ARG A 1062 -26.26 16.13 -8.65
C ARG A 1062 -25.86 14.72 -9.02
N PRO A 1063 -26.62 14.09 -9.93
CA PRO A 1063 -26.36 12.72 -10.37
C PRO A 1063 -25.07 12.59 -11.19
N PRO A 1064 -24.47 11.40 -11.18
CA PRO A 1064 -23.23 11.18 -11.95
C PRO A 1064 -23.46 11.64 -13.39
N ILE A 1065 -22.45 12.28 -13.98
CA ILE A 1065 -22.57 12.77 -15.35
C ILE A 1065 -22.46 11.66 -16.39
N ASP A 1066 -23.03 11.90 -17.56
CA ASP A 1066 -22.98 10.94 -18.65
C ASP A 1066 -21.79 11.32 -19.53
N THR A 1067 -20.75 10.48 -19.54
CA THR A 1067 -19.57 10.78 -20.36
C THR A 1067 -19.79 10.37 -21.81
N ARG A 1068 -20.89 9.68 -22.08
CA ARG A 1068 -21.23 9.24 -23.43
C ARG A 1068 -20.06 8.53 -24.13
N SER A 1069 -19.34 7.72 -23.37
CA SER A 1069 -18.18 7.02 -23.90
C SER A 1069 -18.42 5.58 -24.35
N VAL A 1070 -19.63 5.06 -24.13
CA VAL A 1070 -19.89 3.67 -24.50
C VAL A 1070 -20.78 3.36 -25.69
N LYS A 1071 -21.94 4.01 -25.77
CA LYS A 1071 -22.90 3.75 -26.83
C LYS A 1071 -22.43 3.88 -28.28
N GLU A 1072 -21.37 4.63 -28.51
CA GLU A 1072 -20.85 4.82 -29.86
C GLU A 1072 -19.85 3.74 -30.29
N VAL A 1073 -19.38 2.92 -29.34
CA VAL A 1073 -18.41 1.89 -29.69
C VAL A 1073 -18.82 0.47 -29.32
N ILE A 1074 -19.78 0.32 -28.42
CA ILE A 1074 -20.21 -1.01 -28.03
C ILE A 1074 -20.75 -1.79 -29.22
N GLY A 1075 -20.27 -3.03 -29.37
CA GLY A 1075 -20.70 -3.88 -30.47
C GLY A 1075 -20.08 -3.60 -31.82
N GLN A 1076 -19.21 -2.61 -31.90
CA GLN A 1076 -18.56 -2.25 -33.16
C GLN A 1076 -17.40 -3.15 -33.58
N LYS A 1077 -16.78 -3.83 -32.62
CA LYS A 1077 -15.66 -4.72 -32.90
C LYS A 1077 -15.82 -6.03 -32.13
N SER A 1078 -16.97 -6.68 -32.33
CA SER A 1078 -17.28 -7.92 -31.64
C SER A 1078 -16.27 -9.05 -31.80
N ASN A 1079 -16.06 -9.80 -30.73
CA ASN A 1079 -15.15 -10.94 -30.76
C ASN A 1079 -15.98 -12.19 -30.54
N GLY A 1080 -17.30 -12.03 -30.61
CA GLY A 1080 -18.21 -13.15 -30.43
C GLY A 1080 -18.77 -13.31 -29.02
N ASN A 1081 -18.17 -12.61 -28.06
CA ASN A 1081 -18.64 -12.71 -26.67
C ASN A 1081 -19.52 -11.53 -26.27
N GLN A 1082 -20.43 -11.78 -25.34
CA GLN A 1082 -21.34 -10.75 -24.87
C GLN A 1082 -20.60 -9.57 -24.25
N GLU A 1083 -21.14 -8.38 -24.50
CA GLU A 1083 -20.58 -7.14 -23.99
C GLU A 1083 -21.61 -6.47 -23.09
N LYS A 1084 -21.15 -5.75 -22.08
CA LYS A 1084 -22.05 -5.09 -21.16
C LYS A 1084 -21.41 -3.83 -20.59
N ALA A 1085 -22.21 -2.78 -20.41
CA ALA A 1085 -21.73 -1.52 -19.87
C ALA A 1085 -21.77 -1.56 -18.34
N LEU A 1086 -20.69 -1.12 -17.70
CA LEU A 1086 -20.61 -1.11 -16.25
C LEU A 1086 -19.89 0.16 -15.78
N ASN A 1087 -20.19 0.58 -14.55
CA ASN A 1087 -19.55 1.76 -13.97
C ASN A 1087 -18.10 1.33 -13.71
N PHE A 1088 -17.14 2.13 -14.14
CA PHE A 1088 -15.73 1.81 -13.98
C PHE A 1088 -15.10 2.61 -12.84
N LEU A 1089 -14.98 1.99 -11.67
CA LEU A 1089 -14.39 2.65 -10.52
C LEU A 1089 -12.93 2.25 -10.38
N THR A 1090 -12.10 3.19 -9.94
CA THR A 1090 -10.67 2.92 -9.79
C THR A 1090 -10.12 3.26 -8.40
N PRO A 1091 -10.69 2.66 -7.35
CA PRO A 1091 -10.22 2.92 -5.99
C PRO A 1091 -8.75 2.48 -5.88
N HIS A 1092 -8.01 3.01 -4.92
CA HIS A 1092 -6.60 2.68 -4.81
C HIS A 1092 -6.27 1.29 -4.30
N GLN A 1093 -5.34 0.65 -5.00
CA GLN A 1093 -4.96 -0.73 -4.74
C GLN A 1093 -4.22 -1.11 -3.47
N LYS A 1094 -4.28 -2.41 -3.19
CA LYS A 1094 -3.66 -2.98 -2.00
C LYS A 1094 -2.25 -3.48 -2.31
N TRP A 1095 -1.96 -3.72 -3.59
CA TRP A 1095 -0.65 -4.24 -3.96
C TRP A 1095 0.29 -3.25 -4.62
N GLY A 1096 0.25 -2.02 -4.13
CA GLY A 1096 1.10 -0.95 -4.62
C GLY A 1096 0.56 0.36 -4.10
N ILE A 1097 1.36 1.42 -4.25
CA ILE A 1097 0.92 2.76 -3.87
C ILE A 1097 0.94 3.36 -5.27
N HIS A 1098 -0.24 3.48 -5.87
CA HIS A 1098 -0.37 3.94 -7.25
C HIS A 1098 0.32 2.85 -8.04
N SER A 1099 1.26 3.21 -8.91
CA SER A 1099 1.97 2.20 -9.68
C SER A 1099 3.29 1.81 -9.02
N THR A 1100 3.70 2.55 -7.99
CA THR A 1100 4.95 2.21 -7.30
C THR A 1100 4.70 0.89 -6.57
N TYR A 1101 5.68 -0.01 -6.64
CA TYR A 1101 5.61 -1.34 -6.03
C TYR A 1101 4.75 -2.29 -6.87
N SER A 1102 4.04 -1.75 -7.87
CA SER A 1102 3.19 -2.60 -8.70
C SER A 1102 3.99 -3.68 -9.41
N ASP A 1103 5.21 -3.37 -9.78
CA ASP A 1103 6.08 -4.32 -10.48
C ASP A 1103 6.94 -5.10 -9.49
N ASN A 1104 6.83 -4.76 -8.22
CA ASN A 1104 7.59 -5.41 -7.15
C ASN A 1104 7.09 -6.87 -7.00
N LEU A 1105 7.98 -7.83 -7.16
CA LEU A 1105 7.58 -9.24 -7.10
C LEU A 1105 6.84 -9.64 -5.83
N LEU A 1106 7.18 -9.04 -4.69
CA LEU A 1106 6.48 -9.36 -3.46
C LEU A 1106 5.01 -8.97 -3.57
N MET A 1107 4.75 -7.79 -4.11
CA MET A 1107 3.37 -7.32 -4.27
C MET A 1107 2.64 -8.14 -5.35
N LEU A 1108 3.34 -8.48 -6.42
CA LEU A 1108 2.73 -9.27 -7.49
C LEU A 1108 2.39 -10.69 -7.00
N THR A 1109 3.19 -11.21 -6.09
CA THR A 1109 2.99 -12.56 -5.58
C THR A 1109 1.83 -12.60 -4.58
N LEU A 1110 1.71 -11.56 -3.75
CA LEU A 1110 0.65 -11.48 -2.74
C LEU A 1110 -0.66 -11.03 -3.38
N GLY A 1111 -0.56 -10.41 -4.55
CA GLY A 1111 -1.75 -9.97 -5.26
C GLY A 1111 -2.18 -11.08 -6.20
N ARG A 1112 -2.52 -10.72 -7.44
CA ARG A 1112 -2.94 -11.70 -8.43
C ARG A 1112 -1.96 -11.80 -9.61
N GLY A 1113 -0.69 -11.48 -9.36
CA GLY A 1113 0.32 -11.58 -10.39
C GLY A 1113 0.25 -10.62 -11.58
N GLY A 1114 -0.45 -9.50 -11.41
CA GLY A 1114 -0.53 -8.56 -12.51
C GLY A 1114 -1.87 -7.84 -12.60
N PRO A 1115 -2.06 -7.01 -13.64
CA PRO A 1115 -3.29 -6.25 -13.87
C PRO A 1115 -4.56 -7.08 -13.81
N VAL A 1116 -5.44 -6.75 -12.87
CA VAL A 1116 -6.71 -7.45 -12.72
C VAL A 1116 -7.85 -6.47 -12.47
N VAL A 1117 -9.07 -6.92 -12.72
CA VAL A 1117 -10.26 -6.10 -12.53
C VAL A 1117 -11.30 -6.88 -11.74
N TRP A 1118 -11.90 -6.25 -10.74
CA TRP A 1118 -12.92 -6.90 -9.92
C TRP A 1118 -14.32 -6.74 -10.51
N LEU A 1119 -15.04 -7.86 -10.59
CA LEU A 1119 -16.40 -7.91 -11.12
C LEU A 1119 -17.31 -8.65 -10.15
N SER A 1120 -18.59 -8.26 -10.12
CA SER A 1120 -19.54 -8.94 -9.25
C SER A 1120 -19.77 -10.32 -9.86
N GLU A 1121 -20.23 -11.28 -9.06
CA GLU A 1121 -20.47 -12.62 -9.58
C GLU A 1121 -21.57 -12.58 -10.64
N ALA A 1122 -22.60 -11.79 -10.37
CA ALA A 1122 -23.73 -11.66 -11.30
C ALA A 1122 -23.28 -11.15 -12.66
N ASP A 1123 -22.51 -10.06 -12.67
CA ASP A 1123 -22.04 -9.51 -13.94
C ASP A 1123 -21.11 -10.47 -14.67
N ALA A 1124 -20.19 -11.10 -13.94
CA ALA A 1124 -19.27 -12.04 -14.56
C ALA A 1124 -20.02 -13.22 -15.17
N LYS A 1125 -20.97 -13.79 -14.42
CA LYS A 1125 -21.74 -14.91 -14.93
C LYS A 1125 -22.54 -14.51 -16.16
N ASP A 1126 -23.10 -13.31 -16.13
CA ASP A 1126 -23.87 -12.81 -17.27
C ASP A 1126 -22.99 -12.78 -18.52
N LEU A 1127 -21.74 -12.36 -18.34
CA LEU A 1127 -20.79 -12.26 -19.44
C LEU A 1127 -20.01 -13.54 -19.75
N GLY A 1128 -20.29 -14.60 -19.00
CA GLY A 1128 -19.59 -15.86 -19.22
C GLY A 1128 -18.12 -15.78 -18.79
N ILE A 1129 -17.84 -14.92 -17.82
CA ILE A 1129 -16.49 -14.74 -17.32
C ILE A 1129 -16.28 -15.51 -16.03
N ALA A 1130 -15.22 -16.30 -15.99
CA ALA A 1130 -14.88 -17.08 -14.79
C ALA A 1130 -13.73 -16.34 -14.11
N ASP A 1131 -13.51 -16.65 -12.83
CA ASP A 1131 -12.44 -16.03 -12.08
C ASP A 1131 -11.10 -16.25 -12.80
N ASN A 1132 -10.34 -15.17 -12.94
CA ASN A 1132 -9.03 -15.17 -13.60
C ASN A 1132 -9.04 -15.26 -15.13
N ASP A 1133 -10.23 -15.15 -15.73
CA ASP A 1133 -10.34 -15.17 -17.19
C ASP A 1133 -9.76 -13.87 -17.73
N TRP A 1134 -9.20 -13.91 -18.94
CA TRP A 1134 -8.69 -12.69 -19.55
C TRP A 1134 -9.93 -11.92 -20.03
N ILE A 1135 -9.99 -10.63 -19.71
CA ILE A 1135 -11.11 -9.80 -20.13
C ILE A 1135 -10.59 -8.52 -20.73
N GLU A 1136 -11.45 -7.82 -21.45
CA GLU A 1136 -11.07 -6.55 -22.06
C GLU A 1136 -12.14 -5.52 -21.71
N VAL A 1137 -11.68 -4.34 -21.29
CA VAL A 1137 -12.55 -3.25 -20.88
C VAL A 1137 -12.25 -2.09 -21.83
N PHE A 1138 -13.28 -1.48 -22.41
CA PHE A 1138 -13.05 -0.41 -23.37
C PHE A 1138 -14.23 0.53 -23.58
N ASN A 1139 -13.93 1.67 -24.18
CA ASN A 1139 -14.94 2.67 -24.54
C ASN A 1139 -14.32 3.61 -25.59
N SER A 1140 -14.95 4.74 -25.85
CA SER A 1140 -14.44 5.66 -26.86
C SER A 1140 -13.01 6.15 -26.61
N ASN A 1141 -12.60 6.16 -25.36
CA ASN A 1141 -11.27 6.65 -24.99
C ASN A 1141 -10.11 5.69 -25.21
N GLY A 1142 -10.40 4.40 -25.14
CA GLY A 1142 -9.36 3.41 -25.34
C GLY A 1142 -9.75 2.04 -24.81
N ALA A 1143 -8.77 1.15 -24.68
CA ALA A 1143 -9.05 -0.19 -24.20
C ALA A 1143 -7.93 -0.73 -23.31
N LEU A 1144 -8.29 -1.67 -22.44
CA LEU A 1144 -7.32 -2.28 -21.55
C LEU A 1144 -7.59 -3.78 -21.45
N THR A 1145 -6.56 -4.54 -21.13
CA THR A 1145 -6.70 -5.98 -20.97
C THR A 1145 -6.28 -6.30 -19.54
N ALA A 1146 -6.87 -7.36 -18.99
CA ALA A 1146 -6.55 -7.77 -17.62
C ALA A 1146 -7.28 -9.07 -17.31
N ARG A 1147 -7.07 -9.58 -16.10
CA ARG A 1147 -7.75 -10.79 -15.68
C ARG A 1147 -8.81 -10.43 -14.66
N ALA A 1148 -9.91 -11.14 -14.68
CA ALA A 1148 -11.00 -10.87 -13.78
C ALA A 1148 -10.82 -11.48 -12.39
N VAL A 1149 -11.37 -10.78 -11.41
CA VAL A 1149 -11.41 -11.28 -10.04
C VAL A 1149 -12.90 -11.23 -9.81
N VAL A 1150 -13.53 -12.40 -9.69
CA VAL A 1150 -14.97 -12.46 -9.49
C VAL A 1150 -15.25 -12.54 -8.00
N SER A 1151 -16.12 -11.67 -7.51
CA SER A 1151 -16.41 -11.65 -6.08
C SER A 1151 -17.81 -11.21 -5.72
N GLN A 1152 -18.30 -11.74 -4.60
CA GLN A 1152 -19.62 -11.40 -4.11
C GLN A 1152 -19.66 -10.00 -3.52
N ARG A 1153 -18.52 -9.51 -3.02
CA ARG A 1153 -18.52 -8.20 -2.37
C ARG A 1153 -18.64 -7.01 -3.31
N VAL A 1154 -18.59 -7.27 -4.62
CA VAL A 1154 -18.73 -6.20 -5.61
C VAL A 1154 -20.19 -6.19 -6.03
N PRO A 1155 -20.90 -5.07 -5.79
CA PRO A 1155 -22.31 -5.01 -6.18
C PRO A 1155 -22.50 -5.00 -7.70
N ALA A 1156 -23.59 -5.60 -8.16
CA ALA A 1156 -23.87 -5.64 -9.59
C ALA A 1156 -23.94 -4.21 -10.12
N GLY A 1157 -23.49 -4.02 -11.36
CA GLY A 1157 -23.52 -2.70 -11.95
C GLY A 1157 -22.19 -1.95 -11.90
N MET A 1158 -21.28 -2.38 -11.04
CA MET A 1158 -20.00 -1.70 -10.95
C MET A 1158 -18.83 -2.64 -11.07
N THR A 1159 -17.72 -2.10 -11.55
CA THR A 1159 -16.49 -2.85 -11.69
C THR A 1159 -15.40 -2.02 -11.02
N MET A 1160 -14.39 -2.68 -10.46
CA MET A 1160 -13.31 -1.96 -9.81
C MET A 1160 -11.94 -2.44 -10.27
N MET A 1161 -11.22 -1.58 -10.96
CA MET A 1161 -9.86 -1.90 -11.36
C MET A 1161 -9.07 -1.01 -10.43
N TYR A 1162 -8.54 -1.59 -9.36
CA TYR A 1162 -7.79 -0.81 -8.39
C TYR A 1162 -6.63 -0.02 -9.00
N HIS A 1163 -6.58 1.23 -8.59
CA HIS A 1163 -5.63 2.24 -9.04
C HIS A 1163 -4.19 1.81 -8.75
N ALA A 1164 -3.39 2.16 -9.71
CA ALA A 1164 -2.58 1.84 -10.82
C ALA A 1164 -1.73 0.59 -10.77
N GLN A 1165 -2.00 -0.26 -11.77
CA GLN A 1165 -1.30 -1.52 -11.98
C GLN A 1165 -0.45 -1.37 -13.24
N GLU A 1166 -0.56 -0.20 -13.85
CA GLU A 1166 0.14 0.24 -15.06
C GLU A 1166 0.33 -0.68 -16.28
N ARG A 1167 1.27 -0.32 -17.14
CA ARG A 1167 1.45 -1.01 -18.42
C ARG A 1167 2.74 -1.79 -18.72
N ILE A 1168 3.46 -2.27 -17.71
CA ILE A 1168 4.71 -2.98 -18.01
C ILE A 1168 4.74 -4.47 -17.70
N VAL A 1169 3.80 -4.93 -16.88
CA VAL A 1169 3.77 -6.33 -16.49
C VAL A 1169 2.51 -7.12 -16.82
N ASN A 1170 2.73 -8.32 -17.36
CA ASN A 1170 1.69 -9.29 -17.65
C ASN A 1170 0.43 -8.75 -18.35
N LEU A 1171 0.61 -8.12 -19.52
CA LEU A 1171 -0.49 -7.61 -20.30
C LEU A 1171 -0.41 -8.13 -21.74
N PRO A 1172 -1.47 -8.81 -22.21
CA PRO A 1172 -1.45 -9.33 -23.58
C PRO A 1172 -1.95 -8.26 -24.55
N GLY A 1173 -1.93 -8.57 -25.83
CA GLY A 1173 -2.41 -7.62 -26.82
C GLY A 1173 -3.91 -7.43 -26.74
N SER A 1174 -4.38 -6.29 -27.22
CA SER A 1174 -5.80 -5.96 -27.22
C SER A 1174 -6.48 -6.40 -28.52
N GLU A 1175 -7.67 -6.95 -28.41
CA GLU A 1175 -8.42 -7.37 -29.59
C GLU A 1175 -9.13 -6.16 -30.19
N ILE A 1176 -9.27 -5.10 -29.40
CA ILE A 1176 -9.91 -3.88 -29.87
C ILE A 1176 -8.96 -2.97 -30.65
N THR A 1177 -7.74 -2.78 -30.13
CA THR A 1177 -6.76 -1.91 -30.78
C THR A 1177 -5.66 -2.62 -31.56
N GLN A 1178 -5.48 -3.91 -31.32
CA GLN A 1178 -4.43 -4.67 -31.99
C GLN A 1178 -3.05 -4.19 -31.51
N GLN A 1179 -3.05 -3.54 -30.35
CA GLN A 1179 -1.83 -3.03 -29.74
C GLN A 1179 -1.71 -3.66 -28.36
N ARG A 1180 -0.63 -3.37 -27.65
CA ARG A 1180 -0.45 -3.88 -26.29
C ARG A 1180 -1.66 -3.37 -25.52
N GLY A 1181 -2.20 -4.17 -24.61
CA GLY A 1181 -3.35 -3.75 -23.84
C GLY A 1181 -3.05 -2.44 -23.12
N GLY A 1182 -4.09 -1.62 -22.93
CA GLY A 1182 -3.92 -0.35 -22.24
C GLY A 1182 -4.02 -0.46 -20.73
N ILE A 1183 -4.19 0.68 -20.06
CA ILE A 1183 -4.30 0.72 -18.61
C ILE A 1183 -5.65 1.28 -18.19
N HIS A 1184 -5.87 1.40 -16.88
CA HIS A 1184 -7.15 1.92 -16.40
C HIS A 1184 -7.42 3.33 -16.93
N ASN A 1185 -6.38 4.12 -17.13
CA ASN A 1185 -6.63 5.46 -17.66
C ASN A 1185 -6.68 5.52 -19.19
N SER A 1186 -6.73 4.35 -19.82
CA SER A 1186 -6.86 4.29 -21.27
C SER A 1186 -8.35 4.43 -21.57
N VAL A 1187 -9.19 4.23 -20.56
CA VAL A 1187 -10.64 4.35 -20.75
C VAL A 1187 -11.24 5.61 -20.14
N THR A 1188 -10.38 6.49 -19.63
CA THR A 1188 -10.86 7.75 -19.04
C THR A 1188 -10.45 8.91 -19.94
N ARG A 1189 -11.00 10.09 -19.66
CA ARG A 1189 -10.68 11.29 -20.40
C ARG A 1189 -11.01 12.47 -19.52
N ILE A 1190 -10.22 13.54 -19.62
CA ILE A 1190 -10.43 14.74 -18.82
C ILE A 1190 -11.66 15.53 -19.26
N THR A 1191 -12.46 15.94 -18.27
CA THR A 1191 -13.63 16.77 -18.51
C THR A 1191 -13.64 17.73 -17.32
N PRO A 1192 -13.29 18.99 -17.55
CA PRO A 1192 -13.26 20.01 -16.50
C PRO A 1192 -14.64 20.52 -16.11
N LYS A 1193 -14.71 21.15 -14.94
CA LYS A 1193 -15.96 21.72 -14.47
C LYS A 1193 -15.70 23.23 -14.33
N PRO A 1194 -16.57 24.06 -14.93
CA PRO A 1194 -16.45 25.53 -14.90
C PRO A 1194 -16.28 26.17 -13.51
N THR A 1195 -16.96 25.60 -12.52
CA THR A 1195 -16.89 26.13 -11.15
C THR A 1195 -15.49 26.02 -10.54
N HIS A 1196 -14.64 25.22 -11.16
CA HIS A 1196 -13.28 25.04 -10.66
C HIS A 1196 -12.29 25.97 -11.38
N MET A 1197 -12.82 26.82 -12.25
CA MET A 1197 -12.00 27.77 -13.00
C MET A 1197 -12.14 29.17 -12.42
N ILE A 1198 -13.05 29.31 -11.47
CA ILE A 1198 -13.32 30.61 -10.84
C ILE A 1198 -12.11 31.19 -10.10
N GLY A 1199 -11.85 32.48 -10.36
CA GLY A 1199 -10.74 33.16 -9.71
C GLY A 1199 -11.05 34.60 -9.40
N GLY A 1200 -10.06 35.31 -8.86
CA GLY A 1200 -10.22 36.71 -8.51
C GLY A 1200 -11.40 37.00 -7.62
N TYR A 1201 -11.70 36.09 -6.69
CA TYR A 1201 -12.84 36.29 -5.82
C TYR A 1201 -12.65 35.75 -4.40
N ALA A 1202 -11.85 36.47 -3.61
CA ALA A 1202 -11.59 36.09 -2.22
C ALA A 1202 -11.12 34.63 -2.07
N HIS A 1203 -11.95 33.80 -1.45
CA HIS A 1203 -11.57 32.39 -1.26
C HIS A 1203 -11.48 31.67 -2.60
N LEU A 1204 -12.15 32.21 -3.61
CA LEU A 1204 -12.08 31.61 -4.94
C LEU A 1204 -11.11 32.43 -5.78
N ALA A 1205 -9.83 32.27 -5.48
CA ALA A 1205 -8.73 32.95 -6.16
C ALA A 1205 -7.64 31.89 -6.30
N TYR A 1206 -6.77 32.03 -7.30
CA TYR A 1206 -5.75 31.03 -7.53
C TYR A 1206 -4.62 30.84 -6.53
N GLY A 1207 -4.07 29.62 -6.55
CA GLY A 1207 -2.98 29.24 -5.70
C GLY A 1207 -2.47 27.92 -6.25
N PHE A 1208 -1.15 27.74 -6.30
CA PHE A 1208 -0.59 26.49 -6.79
C PHE A 1208 -1.17 25.36 -5.94
N ASN A 1209 -1.92 24.47 -6.57
CA ASN A 1209 -2.54 23.34 -5.87
C ASN A 1209 -3.70 23.73 -4.95
N TYR A 1210 -4.01 25.02 -4.91
CA TYR A 1210 -5.10 25.52 -4.06
C TYR A 1210 -6.46 25.51 -4.76
N TYR A 1211 -6.45 25.76 -6.07
CA TYR A 1211 -7.68 25.74 -6.85
C TYR A 1211 -7.37 25.40 -8.30
N GLY A 1212 -8.40 25.10 -9.09
CA GLY A 1212 -8.20 24.75 -10.48
C GLY A 1212 -9.04 23.54 -10.84
N THR A 1213 -9.09 23.22 -12.14
CA THR A 1213 -9.86 22.07 -12.60
C THR A 1213 -9.29 20.78 -12.03
N VAL A 1214 -10.14 19.78 -11.78
CA VAL A 1214 -9.72 18.51 -11.20
C VAL A 1214 -9.89 17.31 -12.12
N GLY A 1215 -9.06 16.30 -11.91
CA GLY A 1215 -9.13 15.10 -12.74
C GLY A 1215 -10.09 14.04 -12.25
N SER A 1216 -11.37 14.40 -12.11
CA SER A 1216 -12.39 13.45 -11.67
C SER A 1216 -12.43 12.28 -12.64
N ASN A 1217 -12.90 11.12 -12.18
CA ASN A 1217 -12.89 9.92 -13.04
C ASN A 1217 -13.88 8.80 -12.70
N ARG A 1218 -14.59 8.90 -11.58
CA ARG A 1218 -15.49 7.81 -11.19
C ARG A 1218 -16.82 7.70 -11.94
N ASP A 1219 -17.21 8.73 -12.68
CA ASP A 1219 -18.46 8.72 -13.43
C ASP A 1219 -18.35 7.86 -14.69
N GLU A 1220 -17.13 7.46 -15.01
CA GLU A 1220 -16.88 6.69 -16.21
C GLU A 1220 -17.57 5.33 -16.31
N PHE A 1221 -17.98 4.99 -17.52
CA PHE A 1221 -18.61 3.71 -17.80
C PHE A 1221 -17.81 3.06 -18.91
N VAL A 1222 -17.76 1.73 -18.91
CA VAL A 1222 -17.00 1.00 -19.90
C VAL A 1222 -17.76 -0.23 -20.36
N VAL A 1223 -17.30 -0.78 -21.48
CA VAL A 1223 -17.87 -2.01 -22.03
C VAL A 1223 -16.93 -3.09 -21.54
N VAL A 1224 -17.49 -4.19 -21.03
CA VAL A 1224 -16.68 -5.29 -20.52
C VAL A 1224 -17.05 -6.58 -21.25
N ARG A 1225 -16.05 -7.41 -21.51
CA ARG A 1225 -16.27 -8.68 -22.19
C ARG A 1225 -15.09 -9.63 -21.98
N LYS A 1226 -15.35 -10.92 -22.14
CA LYS A 1226 -14.32 -11.93 -22.01
C LYS A 1226 -13.50 -11.91 -23.32
N MET A 1227 -12.19 -12.08 -23.21
CA MET A 1227 -11.36 -12.08 -24.41
C MET A 1227 -11.42 -13.43 -25.10
N LYS A 1228 -11.12 -13.43 -26.40
CA LYS A 1228 -11.13 -14.66 -27.18
C LYS A 1228 -9.68 -15.04 -27.47
N ASN A 1229 -9.03 -14.24 -28.32
CA ASN A 1229 -7.65 -14.48 -28.67
C ASN A 1229 -6.72 -13.76 -27.70
N ILE A 1230 -5.73 -14.48 -27.18
CA ILE A 1230 -4.77 -13.90 -26.25
C ILE A 1230 -3.42 -13.93 -26.97
N ASP A 1231 -3.14 -12.86 -27.73
CA ASP A 1231 -1.90 -12.75 -28.47
C ASP A 1231 -0.98 -11.79 -27.72
N TRP A 1232 0.26 -12.21 -27.51
CA TRP A 1232 1.19 -11.37 -26.77
C TRP A 1232 2.01 -10.42 -27.63
N LEU A 1233 1.90 -10.53 -28.95
CA LEU A 1233 2.60 -9.63 -29.84
C LEU A 1233 4.11 -9.54 -29.60
N ASP A 1234 4.73 -10.64 -29.20
CA ASP A 1234 6.16 -10.61 -28.92
C ASP A 1234 6.99 -11.59 -29.73
N GLY A 1235 6.36 -12.27 -30.69
CA GLY A 1235 7.08 -13.20 -31.54
C GLY A 1235 7.52 -14.50 -30.85
N GLU A 1236 7.01 -14.74 -29.65
CA GLU A 1236 7.37 -15.97 -28.93
C GLU A 1236 6.57 -17.17 -29.39
N GLY A 1237 5.47 -16.91 -30.10
CA GLY A 1237 4.64 -18.01 -30.56
C GLY A 1237 4.01 -18.73 -29.39
N ASN A 1238 3.80 -18.00 -28.30
CA ASN A 1238 3.19 -18.57 -27.11
C ASN A 1238 1.90 -17.81 -26.79
N ASP A 1239 0.93 -17.95 -27.70
CA ASP A 1239 -0.35 -17.28 -27.56
C ASP A 1239 -1.45 -18.29 -27.24
N GLN A 1240 -2.54 -17.82 -26.65
CA GLN A 1240 -3.64 -18.69 -26.30
C GLN A 1240 -4.97 -18.23 -26.88
N VAL A 1241 -5.97 -19.10 -26.72
CA VAL A 1241 -7.32 -18.80 -27.18
C VAL A 1241 -8.29 -19.25 -26.09
N GLN A 1242 -9.10 -18.32 -25.60
CA GLN A 1242 -10.08 -18.66 -24.57
C GLN A 1242 -11.34 -19.11 -25.31
N GLU A 1243 -11.74 -20.35 -25.05
CA GLU A 1243 -12.89 -20.92 -25.74
C GLU A 1243 -14.26 -20.44 -25.25
N SER A 1244 -15.10 -20.07 -26.21
CA SER A 1244 -16.46 -19.61 -25.94
C SER A 1244 -16.51 -18.42 -24.98
N MET B 1 5.12 -33.26 37.62
CA MET B 1 5.26 -31.78 37.57
C MET B 1 6.66 -31.36 37.13
N LYS B 2 6.76 -30.85 35.90
CA LYS B 2 8.02 -30.38 35.34
C LYS B 2 7.69 -29.06 34.65
N ILE B 3 8.07 -27.95 35.25
CA ILE B 3 7.77 -26.66 34.68
C ILE B 3 8.74 -26.21 33.59
N ARG B 4 8.18 -25.71 32.49
CA ARG B 4 8.95 -25.18 31.39
C ARG B 4 8.30 -23.87 30.96
N SER B 5 9.03 -23.03 30.26
CA SER B 5 8.48 -21.77 29.83
C SER B 5 8.57 -21.58 28.34
N GLN B 6 7.71 -20.71 27.84
CA GLN B 6 7.68 -20.42 26.41
C GLN B 6 7.04 -19.07 26.20
N VAL B 7 7.49 -18.37 25.17
CA VAL B 7 6.90 -17.08 24.84
C VAL B 7 5.76 -17.40 23.88
N GLY B 8 4.54 -17.27 24.38
CA GLY B 8 3.39 -17.54 23.54
C GLY B 8 3.03 -16.27 22.79
N MET B 9 2.08 -16.37 21.87
CA MET B 9 1.65 -15.22 21.11
C MET B 9 0.14 -15.17 21.00
N VAL B 10 -0.40 -13.96 21.05
CA VAL B 10 -1.83 -13.75 20.90
C VAL B 10 -2.03 -12.72 19.81
N LEU B 11 -2.93 -13.03 18.88
CA LEU B 11 -3.24 -12.10 17.80
C LEU B 11 -4.69 -11.66 17.99
N ASN B 12 -4.88 -10.35 18.07
CA ASN B 12 -6.23 -9.81 18.25
C ASN B 12 -6.87 -9.64 16.87
N LEU B 13 -7.67 -10.62 16.46
CA LEU B 13 -8.32 -10.57 15.15
C LEU B 13 -9.30 -9.43 15.01
N ASP B 14 -9.73 -8.86 16.14
CA ASP B 14 -10.66 -7.74 16.08
C ASP B 14 -9.95 -6.49 15.57
N LYS B 15 -8.64 -6.41 15.77
CA LYS B 15 -7.88 -5.26 15.30
C LYS B 15 -7.16 -5.55 13.98
N ALA B 16 -7.25 -6.79 13.52
CA ALA B 16 -6.60 -7.20 12.27
C ALA B 16 -7.09 -6.40 11.06
N ILE B 17 -6.16 -5.90 10.27
CA ILE B 17 -6.50 -5.13 9.07
C ILE B 17 -6.10 -5.87 7.79
N GLY B 18 -5.65 -7.11 7.95
CA GLY B 18 -5.27 -7.95 6.81
C GLY B 18 -4.35 -7.31 5.80
N CYS B 19 -3.32 -6.63 6.30
CA CYS B 19 -2.37 -5.93 5.45
C CYS B 19 -1.19 -6.75 4.92
N HIS B 20 -0.88 -7.87 5.56
CA HIS B 20 0.22 -8.74 5.13
C HIS B 20 1.62 -8.18 5.38
N THR B 21 1.75 -7.08 6.12
CA THR B 21 3.08 -6.54 6.36
C THR B 21 3.92 -7.61 7.05
N CYS B 22 3.31 -8.32 7.98
CA CYS B 22 3.96 -9.40 8.73
C CYS B 22 4.54 -10.45 7.78
N SER B 23 3.83 -10.75 6.70
CA SER B 23 4.27 -11.75 5.74
C SER B 23 5.47 -11.28 4.93
N VAL B 24 5.46 -10.02 4.51
CA VAL B 24 6.55 -9.48 3.71
C VAL B 24 7.85 -9.38 4.50
N THR B 25 7.79 -8.87 5.72
CA THR B 25 9.02 -8.77 6.51
C THR B 25 9.62 -10.16 6.77
N CYS B 26 8.79 -11.14 7.14
CA CYS B 26 9.31 -12.49 7.38
C CYS B 26 9.97 -13.03 6.12
N LYS B 27 9.28 -12.86 4.99
CA LYS B 27 9.79 -13.34 3.71
C LYS B 27 11.16 -12.75 3.37
N ASN B 28 11.29 -11.43 3.50
CA ASN B 28 12.55 -10.76 3.21
C ASN B 28 13.70 -11.30 4.07
N VAL B 29 13.43 -11.50 5.35
CA VAL B 29 14.47 -11.98 6.23
C VAL B 29 14.79 -13.47 6.11
N TRP B 30 13.76 -14.30 6.18
CA TRP B 30 13.96 -15.75 6.21
C TRP B 30 13.75 -16.66 5.01
N THR B 31 12.91 -16.28 4.06
CA THR B 31 12.63 -17.20 2.96
C THR B 31 12.74 -16.67 1.53
N SER B 32 13.73 -15.84 1.26
CA SER B 32 13.89 -15.30 -0.08
C SER B 32 14.85 -16.13 -0.94
N ARG B 33 15.26 -17.27 -0.42
CA ARG B 33 16.16 -18.17 -1.13
C ARG B 33 15.42 -19.06 -2.11
N GLU B 34 16.11 -19.47 -3.17
CA GLU B 34 15.52 -20.40 -4.14
C GLU B 34 15.33 -21.69 -3.34
N GLY B 35 14.17 -22.32 -3.46
CA GLY B 35 13.90 -23.53 -2.70
C GLY B 35 12.78 -23.28 -1.72
N VAL B 36 12.72 -22.06 -1.19
CA VAL B 36 11.67 -21.68 -0.25
C VAL B 36 10.98 -20.38 -0.68
N GLU B 37 11.18 -19.97 -1.92
CA GLU B 37 10.55 -18.74 -2.39
C GLU B 37 9.02 -18.85 -2.30
N TYR B 38 8.51 -20.06 -2.44
CA TYR B 38 7.05 -20.28 -2.39
C TYR B 38 6.54 -20.43 -0.96
N ALA B 39 7.45 -20.52 0.00
CA ALA B 39 7.08 -20.72 1.40
C ALA B 39 6.91 -19.44 2.21
N TRP B 40 5.75 -19.31 2.84
CA TRP B 40 5.47 -18.13 3.66
C TRP B 40 5.29 -18.56 5.13
N PHE B 41 6.38 -18.54 5.89
CA PHE B 41 6.37 -18.93 7.30
C PHE B 41 5.19 -18.26 8.00
N ASN B 42 4.98 -16.99 7.67
CA ASN B 42 3.85 -16.22 8.17
C ASN B 42 3.03 -15.95 6.92
N ASN B 43 1.75 -16.25 6.95
CA ASN B 43 0.90 -15.97 5.79
C ASN B 43 -0.45 -15.51 6.32
N VAL B 44 -1.11 -14.64 5.59
CA VAL B 44 -2.40 -14.13 6.02
C VAL B 44 -3.46 -14.60 5.03
N GLU B 45 -4.57 -15.08 5.57
CA GLU B 45 -5.66 -15.59 4.74
C GLU B 45 -6.96 -14.87 5.00
N THR B 46 -7.72 -14.62 3.95
CA THR B 46 -9.01 -13.97 4.12
C THR B 46 -10.05 -15.09 4.23
N LYS B 47 -10.93 -15.00 5.22
CA LYS B 47 -11.98 -15.99 5.43
C LYS B 47 -13.31 -15.34 5.14
N PRO B 48 -14.28 -16.10 4.58
CA PRO B 48 -14.21 -17.52 4.18
C PRO B 48 -13.21 -17.78 3.05
N GLY B 49 -12.57 -18.95 3.12
CA GLY B 49 -11.59 -19.33 2.12
C GLY B 49 -10.97 -20.68 2.47
N GLN B 50 -10.20 -21.23 1.54
CA GLN B 50 -9.55 -22.53 1.76
C GLN B 50 -8.09 -22.38 2.21
N GLY B 51 -7.52 -21.20 1.98
CA GLY B 51 -6.17 -20.95 2.44
C GLY B 51 -4.96 -21.44 1.70
N PHE B 52 -3.83 -21.42 2.41
CA PHE B 52 -2.50 -21.77 1.90
C PHE B 52 -1.80 -22.75 2.84
N PRO B 53 -1.55 -24.00 2.40
CA PRO B 53 -1.92 -24.53 1.09
C PRO B 53 -3.43 -24.73 1.06
N THR B 54 -3.98 -24.93 -0.13
CA THR B 54 -5.42 -25.08 -0.30
C THR B 54 -6.07 -26.17 0.54
N ASP B 55 -7.04 -25.76 1.37
CA ASP B 55 -7.81 -26.67 2.23
C ASP B 55 -6.95 -27.32 3.31
N TRP B 56 -5.95 -26.59 3.80
CA TRP B 56 -5.07 -27.11 4.83
C TRP B 56 -5.81 -27.59 6.08
N GLU B 57 -6.98 -27.01 6.35
CA GLU B 57 -7.77 -27.40 7.52
C GLU B 57 -8.51 -28.72 7.35
N ASN B 58 -8.50 -29.26 6.12
CA ASN B 58 -9.16 -30.52 5.84
C ASN B 58 -8.22 -31.66 6.23
N GLN B 59 -8.33 -32.14 7.47
CA GLN B 59 -7.44 -33.21 7.91
C GLN B 59 -7.80 -34.58 7.33
N GLU B 60 -9.04 -34.75 6.89
CA GLU B 60 -9.40 -36.04 6.29
C GLU B 60 -8.60 -36.18 5.01
N LYS B 61 -8.32 -35.04 4.37
CA LYS B 61 -7.56 -35.01 3.14
C LYS B 61 -6.04 -35.00 3.37
N TYR B 62 -5.59 -34.09 4.23
CA TYR B 62 -4.16 -33.95 4.49
C TYR B 62 -3.57 -34.81 5.61
N LYS B 63 -4.41 -35.42 6.43
CA LYS B 63 -3.97 -36.30 7.52
C LYS B 63 -3.06 -35.66 8.58
N GLY B 64 -3.30 -34.41 8.93
CA GLY B 64 -2.48 -33.77 9.92
C GLY B 64 -3.00 -33.93 11.35
N GLY B 65 -2.15 -33.63 12.32
CA GLY B 65 -2.56 -33.71 13.71
C GLY B 65 -2.60 -35.09 14.35
N TRP B 66 -3.29 -35.17 15.49
CA TRP B 66 -3.42 -36.41 16.23
C TRP B 66 -4.85 -36.91 16.29
N ILE B 67 -4.98 -38.19 16.60
CA ILE B 67 -6.29 -38.79 16.78
C ILE B 67 -6.18 -39.47 18.14
N ARG B 68 -7.31 -39.65 18.80
CA ARG B 68 -7.33 -40.33 20.09
C ARG B 68 -7.97 -41.67 19.79
N LYS B 69 -7.19 -42.73 19.93
CA LYS B 69 -7.68 -44.08 19.66
C LYS B 69 -8.72 -44.51 20.68
N ILE B 70 -9.41 -45.60 20.40
CA ILE B 70 -10.44 -46.11 21.31
C ILE B 70 -9.88 -46.44 22.69
N ASN B 71 -8.63 -46.90 22.74
CA ASN B 71 -8.00 -47.23 24.01
C ASN B 71 -7.53 -45.98 24.75
N GLY B 72 -7.81 -44.81 24.19
CA GLY B 72 -7.43 -43.57 24.83
C GLY B 72 -6.03 -43.05 24.50
N LYS B 73 -5.24 -43.84 23.79
CA LYS B 73 -3.89 -43.44 23.42
C LYS B 73 -3.85 -42.56 22.18
N LEU B 74 -2.88 -41.65 22.15
CA LEU B 74 -2.70 -40.72 21.05
C LEU B 74 -1.86 -41.33 19.93
N GLN B 75 -2.23 -41.01 18.69
CA GLN B 75 -1.50 -41.49 17.51
C GLN B 75 -1.62 -40.44 16.41
N PRO B 76 -0.51 -40.17 15.69
CA PRO B 76 -0.61 -39.18 14.63
C PRO B 76 -1.67 -39.66 13.63
N ARG B 77 -2.48 -38.74 13.12
CA ARG B 77 -3.51 -39.11 12.16
C ARG B 77 -2.86 -39.81 10.95
N MET B 78 -1.60 -39.46 10.70
CA MET B 78 -0.80 -40.03 9.61
C MET B 78 -0.58 -41.53 9.75
N GLY B 79 -0.64 -42.01 10.99
CA GLY B 79 -0.44 -43.42 11.27
C GLY B 79 0.55 -43.59 12.41
N ASN B 80 0.60 -44.78 12.99
CA ASN B 80 1.56 -45.01 14.08
C ASN B 80 2.96 -45.12 13.46
N ARG B 81 3.96 -45.44 14.26
CA ARG B 81 5.33 -45.51 13.76
C ARG B 81 5.52 -46.41 12.54
N ALA B 82 4.99 -47.62 12.59
CA ALA B 82 5.13 -48.56 11.47
C ALA B 82 4.35 -48.07 10.26
N MET B 83 3.11 -47.65 10.46
CA MET B 83 2.28 -47.15 9.36
C MET B 83 2.99 -46.01 8.63
N LEU B 84 3.57 -45.10 9.41
CA LEU B 84 4.25 -43.94 8.85
C LEU B 84 5.49 -44.36 8.05
N LEU B 85 6.28 -45.28 8.60
CA LEU B 85 7.47 -45.75 7.91
C LEU B 85 7.09 -46.46 6.61
N GLY B 86 5.93 -47.11 6.60
CA GLY B 86 5.48 -47.80 5.41
C GLY B 86 5.11 -46.85 4.28
N LYS B 87 5.01 -45.57 4.60
CA LYS B 87 4.66 -44.56 3.60
C LYS B 87 5.86 -43.72 3.16
N ILE B 88 7.04 -44.04 3.69
CA ILE B 88 8.23 -43.25 3.41
C ILE B 88 8.76 -43.15 1.98
N PHE B 89 8.51 -44.16 1.14
CA PHE B 89 9.02 -44.11 -0.22
C PHE B 89 8.27 -43.11 -1.09
N ALA B 90 7.04 -42.80 -0.69
CA ALA B 90 6.20 -41.84 -1.40
C ALA B 90 5.05 -41.45 -0.47
N ASN B 91 5.21 -40.32 0.22
CA ASN B 91 4.19 -39.84 1.14
C ASN B 91 2.89 -39.64 0.36
N PRO B 92 1.90 -40.52 0.56
CA PRO B 92 0.62 -40.45 -0.14
C PRO B 92 -0.27 -39.23 0.15
N HIS B 93 0.01 -38.51 1.22
CA HIS B 93 -0.81 -37.37 1.60
C HIS B 93 -0.11 -36.03 1.33
N LEU B 94 1.15 -36.10 0.91
CA LEU B 94 1.95 -34.91 0.68
C LEU B 94 1.34 -33.83 -0.21
N PRO B 95 1.37 -32.57 0.25
CA PRO B 95 0.80 -31.53 -0.60
C PRO B 95 1.78 -31.25 -1.73
N GLY B 96 1.25 -31.06 -2.93
CA GLY B 96 2.08 -30.78 -4.10
C GLY B 96 2.32 -29.30 -4.24
N ILE B 97 3.29 -28.92 -5.07
CA ILE B 97 3.59 -27.51 -5.25
C ILE B 97 2.36 -26.73 -5.70
N ASP B 98 1.50 -27.37 -6.48
CA ASP B 98 0.29 -26.71 -6.96
C ASP B 98 -0.74 -26.46 -5.84
N ASP B 99 -0.57 -27.14 -4.71
CA ASP B 99 -1.49 -26.94 -3.58
C ASP B 99 -1.14 -25.60 -2.92
N TYR B 100 0.10 -25.15 -3.14
CA TYR B 100 0.56 -23.88 -2.64
C TYR B 100 0.33 -22.92 -3.82
N TYR B 101 1.27 -22.96 -4.77
CA TYR B 101 1.22 -22.17 -6.00
C TYR B 101 2.56 -22.34 -6.67
N GLU B 102 2.59 -22.22 -8.00
CA GLU B 102 3.86 -22.34 -8.70
C GLU B 102 4.51 -20.97 -8.62
N PRO B 103 5.64 -20.86 -7.91
CA PRO B 103 6.34 -19.58 -7.77
C PRO B 103 6.74 -19.02 -9.13
N PHE B 104 6.57 -17.71 -9.30
CA PHE B 104 6.87 -17.06 -10.56
C PHE B 104 7.66 -15.76 -10.41
N ASP B 105 8.21 -15.32 -11.53
CA ASP B 105 8.96 -14.06 -11.60
C ASP B 105 8.55 -13.51 -12.96
N PHE B 106 9.06 -12.33 -13.31
CA PHE B 106 8.71 -11.72 -14.59
C PHE B 106 9.97 -11.32 -15.35
N ASP B 107 9.87 -11.29 -16.67
CA ASP B 107 11.01 -10.93 -17.50
C ASP B 107 11.11 -9.41 -17.64
N TYR B 108 11.42 -8.74 -16.52
CA TYR B 108 11.56 -7.29 -16.49
C TYR B 108 12.61 -6.79 -17.49
N GLN B 109 13.70 -7.55 -17.64
CA GLN B 109 14.75 -7.13 -18.56
C GLN B 109 14.29 -6.94 -19.99
N ASN B 110 13.20 -7.58 -20.38
CA ASN B 110 12.68 -7.42 -21.74
C ASN B 110 12.30 -5.95 -21.94
N LEU B 111 11.90 -5.30 -20.86
CA LEU B 111 11.52 -3.89 -20.90
C LEU B 111 12.75 -3.03 -21.19
N HIS B 112 13.90 -3.48 -20.71
CA HIS B 112 15.14 -2.75 -20.92
C HIS B 112 15.83 -3.07 -22.24
N THR B 113 15.85 -4.34 -22.60
CA THR B 113 16.56 -4.78 -23.80
C THR B 113 15.77 -4.96 -25.10
N ALA B 114 14.45 -4.75 -25.07
CA ALA B 114 13.65 -4.90 -26.28
C ALA B 114 14.38 -4.17 -27.42
N PRO B 115 14.51 -4.83 -28.58
CA PRO B 115 15.18 -4.24 -29.74
C PRO B 115 14.41 -3.12 -30.43
N GLU B 116 15.17 -2.23 -31.06
CA GLU B 116 14.60 -1.11 -31.81
C GLU B 116 13.68 -1.67 -32.89
N GLY B 117 12.61 -0.94 -33.20
CA GLY B 117 11.70 -1.39 -34.24
C GLY B 117 10.73 -2.49 -33.80
N SER B 118 10.49 -2.62 -32.50
CA SER B 118 9.56 -3.63 -32.01
C SER B 118 8.18 -3.27 -32.57
N LYS B 119 7.41 -4.28 -32.94
CA LYS B 119 6.08 -4.04 -33.50
C LYS B 119 5.07 -3.56 -32.46
N SER B 120 5.27 -3.97 -31.21
CA SER B 120 4.36 -3.58 -30.14
C SER B 120 5.17 -3.15 -28.92
N GLN B 121 4.49 -2.54 -27.95
CA GLN B 121 5.17 -2.11 -26.74
C GLN B 121 5.68 -3.34 -26.01
N PRO B 122 6.97 -3.35 -25.63
CA PRO B 122 7.48 -4.52 -24.91
C PRO B 122 6.79 -4.69 -23.56
N ILE B 123 6.77 -5.93 -23.08
CA ILE B 123 6.10 -6.24 -21.82
C ILE B 123 6.89 -7.31 -21.06
N ALA B 124 6.68 -7.41 -19.75
CA ALA B 124 7.36 -8.40 -18.92
C ALA B 124 6.39 -9.54 -18.62
N ARG B 125 6.61 -10.70 -19.25
CA ARG B 125 5.74 -11.85 -19.04
C ARG B 125 6.24 -12.75 -17.90
N PRO B 126 5.33 -13.53 -17.29
CA PRO B 126 5.69 -14.42 -16.19
C PRO B 126 6.52 -15.63 -16.61
N ARG B 127 7.37 -16.07 -15.69
CA ARG B 127 8.24 -17.22 -15.90
C ARG B 127 8.26 -18.02 -14.60
N SER B 128 8.31 -19.33 -14.72
CA SER B 128 8.33 -20.19 -13.54
C SER B 128 9.69 -20.22 -12.85
N LEU B 129 9.66 -20.14 -11.52
CA LEU B 129 10.88 -20.19 -10.72
C LEU B 129 11.24 -21.66 -10.47
N ILE B 130 10.40 -22.57 -10.95
CA ILE B 130 10.65 -23.99 -10.79
C ILE B 130 11.31 -24.56 -12.05
N THR B 131 10.80 -24.16 -13.22
CA THR B 131 11.33 -24.66 -14.49
C THR B 131 12.08 -23.63 -15.33
N GLY B 132 11.87 -22.34 -15.03
CA GLY B 132 12.51 -21.30 -15.79
C GLY B 132 11.81 -21.06 -17.12
N GLU B 133 10.70 -21.77 -17.34
CA GLU B 133 9.94 -21.65 -18.59
C GLU B 133 8.90 -20.54 -18.56
N ARG B 134 8.51 -20.09 -19.74
CA ARG B 134 7.48 -19.07 -19.86
C ARG B 134 6.19 -19.67 -19.31
N MET B 135 5.41 -18.86 -18.60
CA MET B 135 4.13 -19.30 -18.08
C MET B 135 3.10 -18.56 -18.92
N ALA B 136 2.14 -19.29 -19.48
CA ALA B 136 1.11 -18.67 -20.31
C ALA B 136 0.24 -17.78 -19.44
N LYS B 137 0.00 -18.21 -18.21
CA LYS B 137 -0.83 -17.43 -17.31
C LYS B 137 -0.55 -17.80 -15.86
N ILE B 138 -0.71 -16.85 -14.95
CA ILE B 138 -0.54 -17.12 -13.54
C ILE B 138 -1.95 -17.51 -13.09
N GLU B 139 -2.08 -18.70 -12.52
CA GLU B 139 -3.39 -19.17 -12.11
C GLU B 139 -3.56 -19.32 -10.60
N LYS B 140 -2.50 -19.09 -9.86
CA LYS B 140 -2.60 -19.24 -8.41
C LYS B 140 -1.49 -18.46 -7.70
N GLY B 141 -1.74 -18.15 -6.43
CA GLY B 141 -0.77 -17.42 -5.64
C GLY B 141 -1.04 -17.75 -4.19
N PRO B 142 -0.14 -17.38 -3.26
CA PRO B 142 -0.34 -17.68 -1.84
C PRO B 142 -1.47 -16.90 -1.17
N ASN B 143 -1.95 -15.85 -1.82
CA ASN B 143 -3.01 -15.03 -1.26
C ASN B 143 -4.08 -14.78 -2.32
N TRP B 144 -4.32 -15.80 -3.14
CA TRP B 144 -5.27 -15.71 -4.25
C TRP B 144 -6.69 -15.30 -3.86
N GLU B 145 -7.13 -15.74 -2.68
CA GLU B 145 -8.49 -15.47 -2.19
C GLU B 145 -8.63 -14.18 -1.39
N ASP B 146 -7.59 -13.34 -1.41
CA ASP B 146 -7.64 -12.08 -0.66
C ASP B 146 -8.94 -11.31 -0.86
N ASP B 147 -9.50 -10.82 0.24
CA ASP B 147 -10.74 -10.03 0.21
C ASP B 147 -11.89 -10.64 -0.61
N LEU B 148 -12.17 -11.91 -0.36
CA LEU B 148 -13.23 -12.63 -1.05
C LEU B 148 -13.02 -12.70 -2.56
N GLY B 149 -11.79 -12.96 -2.97
CA GLY B 149 -11.48 -13.09 -4.38
C GLY B 149 -11.82 -14.50 -4.83
N GLY B 150 -12.94 -14.63 -5.55
CA GLY B 150 -13.39 -15.91 -6.01
C GLY B 150 -14.88 -16.06 -5.74
N GLU B 151 -15.56 -16.94 -6.49
CA GLU B 151 -17.00 -17.13 -6.30
C GLU B 151 -17.27 -17.71 -4.91
N PHE B 152 -18.36 -17.26 -4.30
CA PHE B 152 -18.74 -17.72 -2.96
C PHE B 152 -18.75 -19.24 -2.85
N ASP B 153 -19.36 -19.92 -3.82
CA ASP B 153 -19.42 -21.38 -3.77
C ASP B 153 -18.04 -22.01 -3.68
N LYS B 154 -17.03 -21.29 -4.16
CA LYS B 154 -15.65 -21.78 -4.11
C LYS B 154 -15.05 -21.49 -2.73
N LEU B 155 -15.20 -20.24 -2.28
CA LEU B 155 -14.66 -19.83 -0.99
C LEU B 155 -15.33 -20.58 0.16
N ALA B 156 -16.65 -20.78 0.03
CA ALA B 156 -17.44 -21.46 1.05
C ALA B 156 -17.12 -22.93 1.26
N LYS B 157 -16.20 -23.47 0.47
CA LYS B 157 -15.79 -24.86 0.64
C LYS B 157 -14.99 -24.88 1.95
N ASP B 158 -14.74 -23.67 2.45
CA ASP B 158 -14.03 -23.44 3.70
C ASP B 158 -14.46 -24.48 4.73
N LYS B 159 -13.52 -25.23 5.27
CA LYS B 159 -13.80 -26.26 6.26
C LYS B 159 -14.62 -25.74 7.45
N ASN B 160 -14.38 -24.49 7.84
CA ASN B 160 -15.08 -23.91 8.97
C ASN B 160 -16.58 -23.65 8.76
N PHE B 161 -17.07 -23.90 7.56
CA PHE B 161 -18.50 -23.72 7.30
C PHE B 161 -19.25 -25.02 7.60
N ASP B 162 -18.52 -26.02 8.09
CA ASP B 162 -19.12 -27.30 8.43
C ASP B 162 -20.25 -27.13 9.44
N ASN B 163 -21.35 -27.82 9.22
CA ASN B 163 -22.51 -27.76 10.11
C ASN B 163 -23.20 -26.41 10.12
N ILE B 164 -22.96 -25.60 9.09
CA ILE B 164 -23.59 -24.29 9.00
C ILE B 164 -24.39 -24.14 7.70
N GLN B 165 -25.61 -23.65 7.80
CA GLN B 165 -26.43 -23.42 6.61
C GLN B 165 -25.85 -22.12 6.08
N LYS B 166 -24.96 -22.24 5.10
CA LYS B 166 -24.26 -21.10 4.53
C LYS B 166 -24.91 -20.35 3.38
N ALA B 167 -26.03 -20.85 2.89
CA ALA B 167 -26.73 -20.21 1.77
C ALA B 167 -26.95 -18.71 1.98
N MET B 168 -27.46 -18.34 3.15
CA MET B 168 -27.74 -16.94 3.45
C MET B 168 -26.53 -16.03 3.28
N TYR B 169 -25.33 -16.57 3.47
CA TYR B 169 -24.13 -15.76 3.36
C TYR B 169 -23.69 -15.48 1.93
N SER B 170 -24.40 -16.06 0.96
CA SER B 170 -24.08 -15.81 -0.44
C SER B 170 -24.82 -14.57 -0.91
N GLN B 171 -25.63 -14.00 -0.02
CA GLN B 171 -26.41 -12.80 -0.35
C GLN B 171 -25.60 -11.54 -0.04
N PHE B 172 -25.59 -10.61 -0.99
CA PHE B 172 -24.83 -9.37 -0.85
C PHE B 172 -24.96 -8.69 0.51
N GLU B 173 -26.20 -8.48 0.96
CA GLU B 173 -26.44 -7.81 2.23
C GLU B 173 -25.87 -8.56 3.45
N ASN B 174 -25.61 -9.86 3.30
CA ASN B 174 -25.07 -10.65 4.40
C ASN B 174 -23.58 -10.94 4.27
N THR B 175 -22.94 -10.29 3.32
CA THR B 175 -21.51 -10.50 3.09
C THR B 175 -20.67 -10.23 4.34
N PHE B 176 -19.66 -11.08 4.57
CA PHE B 176 -18.76 -10.87 5.68
C PHE B 176 -17.39 -11.43 5.30
N MET B 177 -16.35 -10.89 5.90
CA MET B 177 -15.00 -11.36 5.65
C MET B 177 -14.12 -10.95 6.82
N MET B 178 -13.13 -11.78 7.11
CA MET B 178 -12.21 -11.51 8.21
C MET B 178 -10.82 -11.94 7.81
N TYR B 179 -9.83 -11.60 8.63
CA TYR B 179 -8.46 -11.95 8.34
C TYR B 179 -7.86 -12.90 9.37
N LEU B 180 -7.13 -13.90 8.88
CA LEU B 180 -6.50 -14.88 9.74
C LEU B 180 -5.00 -14.97 9.46
N PRO B 181 -4.20 -14.17 10.17
CA PRO B 181 -2.76 -14.25 9.93
C PRO B 181 -2.28 -15.43 10.76
N ARG B 182 -1.31 -16.17 10.26
CA ARG B 182 -0.83 -17.29 11.05
C ARG B 182 0.58 -17.71 10.73
N LEU B 183 1.19 -18.37 11.71
CA LEU B 183 2.54 -18.84 11.62
C LEU B 183 2.53 -20.20 12.30
N CYS B 184 3.71 -20.72 12.63
CA CYS B 184 3.78 -21.99 13.33
C CYS B 184 3.26 -21.74 14.75
N GLU B 185 2.53 -22.72 15.29
CA GLU B 185 1.95 -22.59 16.63
C GLU B 185 2.92 -22.97 17.76
N HIS B 186 4.08 -23.52 17.40
CA HIS B 186 5.10 -23.94 18.37
C HIS B 186 4.42 -24.66 19.53
N CYS B 187 3.65 -25.67 19.16
CA CYS B 187 2.85 -26.51 20.04
C CYS B 187 3.56 -27.17 21.22
N LEU B 188 2.77 -27.55 22.23
CA LEU B 188 3.32 -28.25 23.39
C LEU B 188 3.38 -29.74 23.05
N ASN B 189 2.47 -30.18 22.18
CA ASN B 189 2.43 -31.57 21.73
C ASN B 189 2.47 -31.57 20.20
N PRO B 190 3.53 -30.98 19.62
CA PRO B 190 3.68 -30.89 18.16
C PRO B 190 3.56 -32.23 17.43
N ALA B 191 2.73 -32.24 16.39
CA ALA B 191 2.54 -33.42 15.59
C ALA B 191 3.75 -33.59 14.66
N CYS B 192 4.41 -32.49 14.31
CA CYS B 192 5.59 -32.56 13.44
C CYS B 192 6.71 -33.35 14.09
N VAL B 193 7.02 -33.00 15.34
CA VAL B 193 8.08 -33.68 16.07
C VAL B 193 7.83 -35.19 16.12
N ALA B 194 6.57 -35.55 16.36
CA ALA B 194 6.16 -36.93 16.46
C ALA B 194 6.15 -37.70 15.14
N THR B 195 6.07 -36.99 14.03
CA THR B 195 6.03 -37.65 12.73
C THR B 195 7.31 -37.61 11.91
N CYS B 196 8.41 -37.16 12.50
CA CYS B 196 9.70 -37.12 11.80
C CYS B 196 10.51 -38.38 12.13
N PRO B 197 10.72 -39.26 11.15
CA PRO B 197 11.49 -40.49 11.38
C PRO B 197 12.92 -40.31 11.85
N SER B 198 13.56 -39.21 11.48
CA SER B 198 14.95 -38.98 11.87
C SER B 198 15.10 -38.31 13.24
N GLY B 199 14.00 -37.78 13.77
CA GLY B 199 14.07 -37.12 15.07
C GLY B 199 14.83 -35.81 14.95
N ALA B 200 14.75 -35.19 13.78
CA ALA B 200 15.45 -33.92 13.54
C ALA B 200 14.67 -32.71 14.07
N ILE B 201 13.40 -32.89 14.39
CA ILE B 201 12.59 -31.79 14.90
C ILE B 201 12.54 -31.87 16.43
N TYR B 202 12.67 -30.73 17.09
CA TYR B 202 12.64 -30.70 18.55
C TYR B 202 12.11 -29.39 19.12
N LYS B 203 11.66 -29.45 20.37
CA LYS B 203 11.17 -28.28 21.05
C LYS B 203 12.30 -27.88 21.99
N ARG B 204 12.69 -26.61 21.96
CA ARG B 204 13.77 -26.13 22.81
C ARG B 204 13.27 -26.07 24.26
N GLU B 205 14.05 -26.62 25.17
CA GLU B 205 13.65 -26.64 26.57
C GLU B 205 13.45 -25.27 27.19
N GLU B 206 14.39 -24.37 26.97
CA GLU B 206 14.34 -23.05 27.58
C GLU B 206 13.28 -22.06 27.12
N ASP B 207 12.85 -22.15 25.87
CA ASP B 207 11.84 -21.20 25.39
C ASP B 207 10.72 -21.82 24.54
N GLY B 208 10.69 -23.14 24.46
CA GLY B 208 9.64 -23.84 23.74
C GLY B 208 9.54 -23.63 22.24
N ILE B 209 10.53 -22.99 21.63
CA ILE B 209 10.50 -22.78 20.18
C ILE B 209 10.79 -24.13 19.52
N VAL B 210 9.98 -24.48 18.51
CA VAL B 210 10.14 -25.75 17.80
C VAL B 210 10.95 -25.54 16.52
N LEU B 211 12.02 -26.33 16.36
CA LEU B 211 12.90 -26.20 15.19
C LEU B 211 13.22 -27.49 14.48
N ILE B 212 13.55 -27.37 13.20
CA ILE B 212 13.95 -28.50 12.37
C ILE B 212 15.46 -28.37 12.21
N ASP B 213 16.20 -29.30 12.81
CA ASP B 213 17.65 -29.31 12.75
C ASP B 213 18.10 -29.48 11.29
N GLN B 214 18.72 -28.43 10.73
CA GLN B 214 19.16 -28.46 9.33
C GLN B 214 20.34 -29.39 9.08
N ASP B 215 21.00 -29.82 10.14
CA ASP B 215 22.10 -30.77 9.99
C ASP B 215 21.48 -32.16 9.92
N LYS B 216 20.71 -32.48 10.96
CA LYS B 216 20.07 -33.78 11.13
C LYS B 216 18.88 -34.16 10.26
N CYS B 217 18.16 -33.19 9.73
CA CYS B 217 17.01 -33.50 8.89
C CYS B 217 17.53 -34.29 7.69
N ARG B 218 16.82 -35.34 7.33
CA ARG B 218 17.22 -36.20 6.22
C ARG B 218 16.31 -36.06 5.01
N GLY B 219 15.32 -35.18 5.12
CA GLY B 219 14.40 -34.96 4.02
C GLY B 219 13.36 -36.05 3.79
N TRP B 220 12.92 -36.70 4.86
CA TRP B 220 11.92 -37.76 4.76
C TRP B 220 10.54 -37.19 4.42
N ARG B 221 10.41 -35.87 4.54
CA ARG B 221 9.17 -35.14 4.24
C ARG B 221 7.84 -35.74 4.73
N MET B 222 7.86 -36.27 5.94
CA MET B 222 6.66 -36.85 6.54
C MET B 222 6.06 -35.80 7.49
N CYS B 223 6.93 -35.01 8.11
CA CYS B 223 6.53 -33.95 9.04
C CYS B 223 5.54 -32.95 8.42
N ILE B 224 5.71 -32.71 7.13
CA ILE B 224 4.85 -31.77 6.41
C ILE B 224 3.39 -32.21 6.51
N THR B 225 3.17 -33.51 6.40
CA THR B 225 1.82 -34.06 6.49
C THR B 225 1.39 -34.03 7.96
N GLY B 226 2.31 -34.38 8.85
CA GLY B 226 2.02 -34.40 10.27
C GLY B 226 1.48 -33.10 10.84
N CYS B 227 2.04 -31.97 10.40
CA CYS B 227 1.56 -30.66 10.89
C CYS B 227 0.16 -30.33 10.37
N PRO B 228 -0.82 -30.28 11.27
CA PRO B 228 -2.19 -29.98 10.84
C PRO B 228 -2.39 -28.53 10.39
N TYR B 229 -1.44 -27.67 10.71
CA TYR B 229 -1.53 -26.26 10.31
C TYR B 229 -0.73 -26.05 9.02
N LYS B 230 -0.12 -27.13 8.53
CA LYS B 230 0.69 -27.08 7.31
C LYS B 230 1.68 -25.92 7.36
N LYS B 231 2.37 -25.79 8.49
CA LYS B 231 3.33 -24.72 8.67
C LYS B 231 4.79 -25.12 8.46
N ILE B 232 4.99 -26.33 7.95
CA ILE B 232 6.32 -26.79 7.61
C ILE B 232 6.33 -26.84 6.08
N TYR B 233 7.33 -26.22 5.48
CA TYR B 233 7.46 -26.15 4.04
C TYR B 233 8.73 -26.84 3.57
N PHE B 234 8.60 -27.73 2.59
CA PHE B 234 9.74 -28.44 2.06
C PHE B 234 10.57 -27.46 1.24
N ASN B 235 11.89 -27.50 1.41
CA ASN B 235 12.76 -26.64 0.61
C ASN B 235 13.09 -27.58 -0.56
N TRP B 236 12.47 -27.35 -1.71
CA TRP B 236 12.68 -28.23 -2.86
C TRP B 236 14.11 -28.30 -3.40
N LYS B 237 14.93 -27.32 -3.03
CA LYS B 237 16.32 -27.29 -3.51
C LYS B 237 17.27 -28.02 -2.56
N SER B 238 17.24 -27.66 -1.28
CA SER B 238 18.11 -28.28 -0.29
C SER B 238 17.67 -29.72 0.02
N GLY B 239 16.40 -30.02 -0.25
CA GLY B 239 15.89 -31.35 0.02
C GLY B 239 15.53 -31.54 1.49
N LYS B 240 15.50 -30.45 2.24
CA LYS B 240 15.17 -30.52 3.66
C LYS B 240 13.98 -29.62 3.96
N SER B 241 13.32 -29.83 5.08
CA SER B 241 12.17 -29.00 5.42
C SER B 241 12.54 -27.83 6.34
N GLU B 242 11.78 -26.75 6.23
CA GLU B 242 12.01 -25.56 7.05
C GLU B 242 10.67 -25.06 7.55
N LYS B 243 10.71 -24.26 8.59
CA LYS B 243 9.50 -23.74 9.19
C LYS B 243 9.80 -22.48 9.98
N CYS B 244 8.74 -21.77 10.36
CA CYS B 244 8.86 -20.58 11.19
C CYS B 244 9.79 -20.95 12.34
N ILE B 245 10.78 -20.11 12.63
CA ILE B 245 11.72 -20.38 13.71
C ILE B 245 11.45 -19.46 14.91
N PHE B 246 10.26 -18.85 14.91
CA PHE B 246 9.84 -17.90 15.94
C PHE B 246 10.94 -16.87 16.17
N CYS B 247 11.66 -16.54 15.10
CA CYS B 247 12.73 -15.56 15.19
C CYS B 247 13.59 -15.76 16.43
N TYR B 248 13.97 -16.99 16.72
CA TYR B 248 14.77 -17.24 17.92
C TYR B 248 16.02 -16.37 18.05
N PRO B 249 16.66 -15.98 16.94
CA PRO B 249 17.85 -15.15 17.13
C PRO B 249 17.53 -13.85 17.88
N ARG B 250 16.32 -13.32 17.68
CA ARG B 250 15.91 -12.09 18.35
C ARG B 250 15.35 -12.38 19.74
N ILE B 251 14.46 -13.36 19.82
CA ILE B 251 13.83 -13.76 21.08
C ILE B 251 14.91 -14.04 22.14
N GLU B 252 16.00 -14.68 21.71
CA GLU B 252 17.09 -15.04 22.60
C GLU B 252 17.65 -13.87 23.42
N ALA B 253 17.52 -12.65 22.92
CA ALA B 253 18.02 -11.48 23.64
C ALA B 253 16.88 -10.61 24.17
N GLY B 254 15.65 -11.11 24.05
CA GLY B 254 14.51 -10.37 24.55
C GLY B 254 13.77 -9.48 23.55
N GLN B 255 14.04 -9.65 22.27
CA GLN B 255 13.34 -8.86 21.25
C GLN B 255 12.12 -9.58 20.73
N PRO B 256 11.15 -8.83 20.19
CA PRO B 256 9.93 -9.42 19.63
C PRO B 256 10.30 -10.11 18.32
N THR B 257 9.43 -10.99 17.82
CA THR B 257 9.70 -11.64 16.55
C THR B 257 9.54 -10.55 15.51
N VAL B 258 10.04 -10.79 14.30
CA VAL B 258 9.93 -9.80 13.23
C VAL B 258 8.45 -9.51 12.91
N CYS B 259 7.64 -10.57 12.76
CA CYS B 259 6.23 -10.37 12.44
C CYS B 259 5.46 -9.69 13.57
N SER B 260 5.97 -9.79 14.79
CA SER B 260 5.30 -9.15 15.93
C SER B 260 5.62 -7.65 15.99
N GLU B 261 6.91 -7.32 15.89
CA GLU B 261 7.31 -5.92 15.95
C GLU B 261 6.88 -5.14 14.71
N THR B 262 6.74 -5.82 13.57
CA THR B 262 6.34 -5.15 12.34
C THR B 262 4.83 -5.18 12.08
N CYS B 263 4.06 -5.73 13.02
CA CYS B 263 2.61 -5.79 12.84
C CYS B 263 2.02 -4.39 12.91
N VAL B 264 1.60 -3.89 11.75
CA VAL B 264 1.04 -2.55 11.60
C VAL B 264 -0.24 -2.32 12.39
N GLY B 265 -1.09 -3.33 12.45
CA GLY B 265 -2.34 -3.19 13.19
C GLY B 265 -2.16 -3.24 14.69
N ARG B 266 -0.96 -3.58 15.14
CA ARG B 266 -0.66 -3.66 16.57
C ARG B 266 -1.60 -4.67 17.22
N ILE B 267 -1.73 -5.85 16.61
CA ILE B 267 -2.61 -6.88 17.13
C ILE B 267 -1.89 -8.05 17.79
N ARG B 268 -0.57 -8.10 17.64
CA ARG B 268 0.20 -9.20 18.21
C ARG B 268 0.83 -8.92 19.56
N TYR B 269 0.63 -9.86 20.49
CA TYR B 269 1.18 -9.75 21.84
C TYR B 269 2.07 -10.94 22.11
N LEU B 270 3.17 -10.69 22.80
CA LEU B 270 4.12 -11.74 23.16
C LEU B 270 4.31 -11.74 24.67
N GLY B 271 4.12 -12.90 25.28
CA GLY B 271 4.27 -13.01 26.72
C GLY B 271 4.55 -14.45 27.10
N VAL B 272 5.26 -14.61 28.21
CA VAL B 272 5.61 -15.93 28.69
C VAL B 272 4.44 -16.68 29.30
N LEU B 273 4.46 -17.99 29.11
CA LEU B 273 3.46 -18.88 29.69
C LEU B 273 4.28 -20.01 30.32
N LEU B 274 4.01 -20.32 31.57
CA LEU B 274 4.71 -21.41 32.25
C LEU B 274 3.76 -22.60 32.15
N TYR B 275 4.29 -23.75 31.74
CA TYR B 275 3.43 -24.92 31.59
C TYR B 275 4.03 -26.17 32.24
N ASP B 276 3.14 -27.10 32.62
CA ASP B 276 3.60 -28.34 33.22
C ASP B 276 3.76 -29.35 32.10
N ALA B 277 5.00 -29.57 31.69
CA ALA B 277 5.31 -30.51 30.61
C ALA B 277 4.80 -31.93 30.90
N ASP B 278 4.77 -32.32 32.16
CA ASP B 278 4.31 -33.67 32.53
C ASP B 278 2.82 -33.90 32.30
N ALA B 279 2.07 -32.83 32.06
CA ALA B 279 0.63 -32.95 31.85
C ALA B 279 0.23 -32.88 30.38
N ILE B 280 1.20 -32.65 29.50
CA ILE B 280 0.94 -32.51 28.07
C ILE B 280 0.14 -33.65 27.43
N GLU B 281 0.56 -34.89 27.67
CA GLU B 281 -0.12 -36.05 27.08
C GLU B 281 -1.52 -36.22 27.66
N ARG B 282 -1.66 -36.01 28.97
CA ARG B 282 -2.95 -36.15 29.61
C ARG B 282 -3.95 -35.16 29.03
N ALA B 283 -3.51 -33.93 28.86
CA ALA B 283 -4.37 -32.88 28.30
C ALA B 283 -4.73 -33.13 26.85
N ALA B 284 -3.73 -33.45 26.03
CA ALA B 284 -3.96 -33.68 24.61
C ALA B 284 -4.81 -34.92 24.31
N SER B 285 -4.89 -35.85 25.25
CA SER B 285 -5.65 -37.08 25.04
C SER B 285 -7.03 -37.10 25.70
N THR B 286 -7.53 -35.94 26.10
CA THR B 286 -8.85 -35.88 26.73
C THR B 286 -9.86 -36.41 25.72
N GLU B 287 -10.83 -37.18 26.19
CA GLU B 287 -11.82 -37.78 25.30
C GLU B 287 -12.61 -36.85 24.38
N ASN B 288 -13.24 -35.82 24.96
CA ASN B 288 -14.05 -34.89 24.16
C ASN B 288 -13.17 -33.75 23.63
N GLU B 289 -13.14 -33.56 22.31
CA GLU B 289 -12.32 -32.50 21.75
C GLU B 289 -12.76 -31.10 22.17
N LYS B 290 -13.99 -30.97 22.65
CA LYS B 290 -14.46 -29.66 23.10
C LYS B 290 -13.88 -29.32 24.47
N ASP B 291 -13.16 -30.27 25.06
CA ASP B 291 -12.53 -30.08 26.36
C ASP B 291 -11.04 -29.73 26.22
N LEU B 292 -10.49 -29.86 25.02
CA LEU B 292 -9.08 -29.58 24.78
C LEU B 292 -8.66 -28.15 25.14
N TYR B 293 -9.51 -27.18 24.83
CA TYR B 293 -9.24 -25.79 25.13
C TYR B 293 -9.03 -25.61 26.64
N GLN B 294 -9.99 -26.03 27.45
CA GLN B 294 -9.87 -25.89 28.90
C GLN B 294 -8.75 -26.77 29.46
N ARG B 295 -8.56 -27.96 28.90
CA ARG B 295 -7.51 -28.85 29.38
C ARG B 295 -6.15 -28.20 29.20
N GLN B 296 -5.99 -27.42 28.13
CA GLN B 296 -4.73 -26.74 27.89
C GLN B 296 -4.55 -25.60 28.89
N LEU B 297 -5.63 -24.86 29.15
CA LEU B 297 -5.54 -23.77 30.12
C LEU B 297 -5.06 -24.34 31.46
N ASP B 298 -5.49 -25.56 31.74
CA ASP B 298 -5.12 -26.24 32.99
C ASP B 298 -3.64 -26.62 33.04
N VAL B 299 -2.99 -26.65 31.89
CA VAL B 299 -1.57 -26.98 31.84
C VAL B 299 -0.75 -25.71 32.07
N PHE B 300 -1.37 -24.56 31.84
CA PHE B 300 -0.72 -23.27 32.07
C PHE B 300 -0.72 -23.05 33.58
N LEU B 301 0.39 -22.53 34.13
CA LEU B 301 0.51 -22.32 35.56
C LEU B 301 0.50 -20.85 35.96
N ASP B 302 -0.03 -20.57 37.15
CA ASP B 302 -0.13 -19.22 37.71
C ASP B 302 1.25 -18.71 38.12
N PRO B 303 1.82 -17.75 37.37
CA PRO B 303 3.14 -17.18 37.63
C PRO B 303 3.29 -16.37 38.92
N ASN B 304 2.19 -16.02 39.56
CA ASN B 304 2.25 -15.25 40.80
C ASN B 304 2.06 -16.15 42.01
N ASP B 305 1.84 -17.44 41.75
CA ASP B 305 1.66 -18.43 42.80
C ASP B 305 3.02 -18.86 43.32
N PRO B 306 3.34 -18.54 44.59
CA PRO B 306 4.64 -18.93 45.14
C PRO B 306 4.96 -20.41 44.97
N LYS B 307 3.94 -21.25 44.94
CA LYS B 307 4.14 -22.68 44.76
C LYS B 307 4.75 -22.93 43.38
N VAL B 308 4.19 -22.25 42.39
CA VAL B 308 4.67 -22.37 41.01
C VAL B 308 6.05 -21.72 40.88
N ILE B 309 6.21 -20.56 41.48
CA ILE B 309 7.49 -19.84 41.43
C ILE B 309 8.63 -20.69 41.98
N GLU B 310 8.43 -21.28 43.16
CA GLU B 310 9.47 -22.10 43.77
C GLU B 310 9.75 -23.34 42.93
N GLN B 311 8.71 -23.92 42.35
CA GLN B 311 8.88 -25.11 41.51
C GLN B 311 9.64 -24.70 40.25
N ALA B 312 9.30 -23.54 39.71
CA ALA B 312 9.95 -23.03 38.49
C ALA B 312 11.45 -22.87 38.71
N ILE B 313 11.81 -22.27 39.84
CA ILE B 313 13.22 -22.07 40.16
C ILE B 313 13.93 -23.43 40.28
N LYS B 314 13.26 -24.38 40.92
CA LYS B 314 13.81 -25.71 41.11
C LYS B 314 14.00 -26.39 39.75
N ASP B 315 13.11 -26.11 38.81
CA ASP B 315 13.19 -26.70 37.48
C ASP B 315 14.08 -25.93 36.50
N GLY B 316 14.80 -24.93 37.00
CA GLY B 316 15.72 -24.19 36.15
C GLY B 316 15.24 -22.97 35.39
N ILE B 317 14.02 -22.50 35.64
CA ILE B 317 13.52 -21.33 34.94
C ILE B 317 14.21 -20.08 35.50
N PRO B 318 14.85 -19.27 34.63
CA PRO B 318 15.54 -18.06 35.07
C PRO B 318 14.60 -17.08 35.77
N LEU B 319 15.14 -16.33 36.73
CA LEU B 319 14.35 -15.36 37.46
C LEU B 319 13.70 -14.31 36.56
N SER B 320 14.42 -13.87 35.53
CA SER B 320 13.87 -12.85 34.62
C SER B 320 12.72 -13.42 33.80
N VAL B 321 12.72 -14.73 33.57
CA VAL B 321 11.65 -15.37 32.81
C VAL B 321 10.40 -15.45 33.68
N ILE B 322 10.60 -15.80 34.96
CA ILE B 322 9.48 -15.89 35.90
C ILE B 322 8.86 -14.50 36.03
N GLU B 323 9.71 -13.49 36.15
CA GLU B 323 9.25 -12.11 36.27
C GLU B 323 8.42 -11.71 35.04
N ALA B 324 8.93 -12.04 33.86
CA ALA B 324 8.22 -11.71 32.63
C ALA B 324 6.87 -12.42 32.60
N ALA B 325 6.84 -13.66 33.10
CA ALA B 325 5.61 -14.44 33.14
C ALA B 325 4.55 -13.75 34.01
N GLN B 326 5.00 -13.02 35.02
CA GLN B 326 4.09 -12.32 35.93
C GLN B 326 3.46 -11.06 35.36
N GLN B 327 3.95 -10.61 34.21
CA GLN B 327 3.38 -9.43 33.54
C GLN B 327 3.16 -9.76 32.07
N SER B 328 2.79 -11.02 31.82
CA SER B 328 2.55 -11.51 30.48
C SER B 328 1.19 -11.12 29.93
N PRO B 329 1.16 -10.37 28.82
CA PRO B 329 -0.13 -9.98 28.24
C PRO B 329 -0.87 -11.21 27.69
N VAL B 330 -0.09 -12.22 27.30
CA VAL B 330 -0.68 -13.45 26.79
C VAL B 330 -1.39 -14.20 27.91
N TYR B 331 -0.79 -14.22 29.09
CA TYR B 331 -1.42 -14.89 30.21
C TYR B 331 -2.73 -14.18 30.59
N LYS B 332 -2.71 -12.86 30.56
CA LYS B 332 -3.91 -12.09 30.91
C LYS B 332 -5.05 -12.35 29.93
N MET B 333 -4.73 -12.37 28.65
CA MET B 333 -5.76 -12.58 27.63
C MET B 333 -6.28 -14.00 27.54
N ALA B 334 -5.42 -14.98 27.77
CA ALA B 334 -5.85 -16.37 27.70
C ALA B 334 -6.42 -16.91 29.01
N MET B 335 -5.75 -16.60 30.11
CA MET B 335 -6.16 -17.10 31.43
C MET B 335 -7.09 -16.22 32.26
N GLU B 336 -6.82 -14.92 32.30
CA GLU B 336 -7.61 -14.02 33.13
C GLU B 336 -8.87 -13.45 32.50
N TRP B 337 -8.74 -12.87 31.31
CA TRP B 337 -9.89 -12.26 30.65
C TRP B 337 -10.64 -13.21 29.72
N LYS B 338 -10.01 -14.34 29.41
CA LYS B 338 -10.61 -15.35 28.53
C LYS B 338 -10.99 -14.76 27.17
N LEU B 339 -10.14 -13.87 26.65
CA LEU B 339 -10.39 -13.25 25.35
C LEU B 339 -9.70 -14.02 24.23
N ALA B 340 -8.55 -14.61 24.53
CA ALA B 340 -7.78 -15.37 23.55
C ALA B 340 -8.13 -16.86 23.55
N LEU B 341 -8.23 -17.43 22.36
CA LEU B 341 -8.57 -18.84 22.19
C LEU B 341 -7.58 -19.52 21.25
N PRO B 342 -7.37 -20.83 21.42
CA PRO B 342 -6.44 -21.55 20.55
C PRO B 342 -6.98 -21.69 19.13
N LEU B 343 -6.08 -21.94 18.20
CA LEU B 343 -6.48 -22.15 16.81
C LEU B 343 -6.61 -23.66 16.63
N HIS B 344 -7.82 -24.12 16.30
CA HIS B 344 -8.09 -25.54 16.10
C HIS B 344 -7.55 -26.47 17.18
N PRO B 345 -8.02 -26.32 18.42
CA PRO B 345 -7.54 -27.19 19.51
C PRO B 345 -7.82 -28.66 19.24
N GLU B 346 -8.81 -28.95 18.40
CA GLU B 346 -9.14 -30.35 18.12
C GLU B 346 -8.03 -31.13 17.41
N TYR B 347 -7.00 -30.45 16.93
CA TYR B 347 -5.90 -31.17 16.28
C TYR B 347 -5.08 -31.86 17.36
N ARG B 348 -5.35 -31.49 18.61
CA ARG B 348 -4.69 -32.07 19.78
C ARG B 348 -3.20 -31.80 19.92
N THR B 349 -2.72 -30.68 19.37
CA THR B 349 -1.31 -30.36 19.48
C THR B 349 -0.99 -29.38 20.61
N LEU B 350 -2.02 -28.80 21.21
CA LEU B 350 -1.84 -27.83 22.29
C LEU B 350 -1.03 -26.67 21.70
N PRO B 351 -1.64 -25.93 20.75
CA PRO B 351 -1.00 -24.79 20.08
C PRO B 351 -0.67 -23.66 21.03
N MET B 352 0.38 -22.90 20.73
CA MET B 352 0.76 -21.80 21.61
C MET B 352 0.62 -20.42 21.00
N VAL B 353 -0.04 -20.33 19.84
CA VAL B 353 -0.31 -19.05 19.21
C VAL B 353 -1.84 -18.98 19.19
N TRP B 354 -2.38 -18.11 20.05
CA TRP B 354 -3.81 -17.95 20.23
C TRP B 354 -4.39 -16.70 19.59
N TYR B 355 -5.72 -16.65 19.52
CA TYR B 355 -6.45 -15.55 18.87
C TYR B 355 -7.66 -15.01 19.62
N VAL B 356 -7.85 -13.70 19.56
CA VAL B 356 -9.02 -13.06 20.14
C VAL B 356 -9.95 -12.96 18.93
N PRO B 357 -11.18 -13.49 19.03
CA PRO B 357 -12.08 -13.42 17.87
C PRO B 357 -12.45 -11.99 17.49
N PRO B 358 -12.81 -11.76 16.21
CA PRO B 358 -13.17 -10.43 15.75
C PRO B 358 -14.64 -10.06 15.92
N LEU B 359 -14.88 -8.77 16.14
CA LEU B 359 -16.24 -8.26 16.21
C LEU B 359 -16.54 -7.99 14.73
N SER B 360 -17.75 -7.57 14.42
CA SER B 360 -18.11 -7.27 13.03
C SER B 360 -19.32 -6.34 12.98
N PRO B 361 -19.62 -5.75 11.81
CA PRO B 361 -20.76 -4.84 11.70
C PRO B 361 -22.02 -5.63 12.02
N ILE B 362 -23.07 -4.97 12.51
CA ILE B 362 -24.28 -5.69 12.84
C ILE B 362 -24.87 -6.32 11.58
N GLN B 363 -25.66 -7.36 11.77
CA GLN B 363 -26.26 -8.07 10.64
C GLN B 363 -27.40 -7.29 10.00
N SER B 364 -27.83 -7.75 8.83
CA SER B 364 -28.93 -7.10 8.13
C SER B 364 -30.20 -7.34 8.94
N ALA B 365 -31.07 -6.33 8.99
CA ALA B 365 -32.32 -6.45 9.74
C ALA B 365 -33.45 -5.76 9.00
N ALA B 366 -34.66 -5.86 9.56
CA ALA B 366 -35.83 -5.24 8.95
C ALA B 366 -35.74 -3.72 8.99
N ASP B 367 -35.36 -3.18 10.14
CA ASP B 367 -35.22 -1.73 10.30
C ASP B 367 -33.84 -1.34 10.82
N ALA B 368 -33.70 -0.07 11.19
CA ALA B 368 -32.42 0.44 11.70
C ALA B 368 -32.07 -0.14 13.06
N GLY B 369 -33.02 -0.84 13.68
CA GLY B 369 -32.78 -1.44 14.97
C GLY B 369 -33.10 -0.54 16.16
N GLU B 370 -32.99 -1.11 17.35
CA GLU B 370 -33.27 -0.38 18.59
C GLU B 370 -32.07 -0.43 19.51
N LEU B 371 -32.08 0.41 20.54
CA LEU B 371 -30.99 0.42 21.52
C LEU B 371 -31.04 -0.94 22.20
N GLY B 372 -29.89 -1.57 22.35
CA GLY B 372 -29.85 -2.87 23.01
C GLY B 372 -29.27 -2.74 24.39
N SER B 373 -28.78 -3.85 24.94
CA SER B 373 -28.19 -3.81 26.27
C SER B 373 -26.98 -2.88 26.30
N ASN B 374 -26.36 -2.68 25.13
CA ASN B 374 -25.19 -1.82 25.06
C ASN B 374 -25.46 -0.45 24.43
N GLY B 375 -26.72 -0.03 24.45
CA GLY B 375 -27.08 1.27 23.89
C GLY B 375 -26.96 1.33 22.38
N ILE B 376 -26.24 2.31 21.87
CA ILE B 376 -26.06 2.45 20.43
C ILE B 376 -25.04 1.44 19.89
N LEU B 377 -24.26 0.85 20.80
CA LEU B 377 -23.24 -0.13 20.41
C LEU B 377 -23.88 -1.51 20.27
N PRO B 378 -23.25 -2.40 19.48
CA PRO B 378 -23.77 -3.75 19.26
C PRO B 378 -23.87 -4.69 20.45
N ASP B 379 -24.83 -5.61 20.37
CA ASP B 379 -25.03 -6.66 21.36
C ASP B 379 -24.41 -7.84 20.63
N VAL B 380 -23.83 -8.78 21.36
CA VAL B 380 -23.18 -9.90 20.70
C VAL B 380 -24.07 -10.66 19.72
N GLU B 381 -25.37 -10.77 20.03
CA GLU B 381 -26.31 -11.47 19.15
C GLU B 381 -26.51 -10.82 17.79
N SER B 382 -26.16 -9.55 17.65
CA SER B 382 -26.36 -8.84 16.38
C SER B 382 -25.19 -8.85 15.39
N LEU B 383 -24.03 -9.35 15.82
CA LEU B 383 -22.85 -9.39 14.96
C LEU B 383 -23.12 -10.24 13.71
N ARG B 384 -22.63 -9.77 12.56
CA ARG B 384 -22.87 -10.49 11.30
C ARG B 384 -22.05 -11.75 11.06
N ILE B 385 -20.86 -11.84 11.63
CA ILE B 385 -20.07 -13.06 11.44
C ILE B 385 -20.72 -14.15 12.29
N PRO B 386 -21.12 -15.27 11.65
CA PRO B 386 -21.74 -16.34 12.41
C PRO B 386 -20.81 -16.89 13.47
N VAL B 387 -21.23 -16.83 14.73
CA VAL B 387 -20.42 -17.31 15.83
C VAL B 387 -20.01 -18.77 15.68
N GLN B 388 -20.85 -19.57 15.04
CA GLN B 388 -20.54 -20.99 14.85
C GLN B 388 -19.30 -21.15 13.96
N TYR B 389 -19.11 -20.22 13.02
CA TYR B 389 -17.96 -20.27 12.14
C TYR B 389 -16.71 -20.04 12.99
N LEU B 390 -16.75 -19.03 13.85
CA LEU B 390 -15.62 -18.73 14.72
C LEU B 390 -15.34 -19.87 15.70
N ALA B 391 -16.40 -20.54 16.15
CA ALA B 391 -16.23 -21.66 17.07
C ALA B 391 -15.57 -22.84 16.36
N ASN B 392 -15.90 -23.04 15.09
CA ASN B 392 -15.29 -24.15 14.35
C ASN B 392 -13.81 -23.87 14.17
N LEU B 393 -13.46 -22.59 14.10
CA LEU B 393 -12.08 -22.18 13.92
C LEU B 393 -11.24 -22.18 15.20
N LEU B 394 -11.85 -21.80 16.31
CA LEU B 394 -11.12 -21.68 17.57
C LEU B 394 -11.47 -22.56 18.76
N THR B 395 -12.69 -23.10 18.80
CA THR B 395 -13.08 -23.87 19.97
C THR B 395 -13.72 -25.22 19.71
N ALA B 396 -13.32 -25.87 18.62
CA ALA B 396 -13.86 -27.19 18.28
C ALA B 396 -15.38 -27.21 18.16
N GLY B 397 -15.97 -26.10 17.72
CA GLY B 397 -17.41 -26.04 17.56
C GLY B 397 -18.23 -25.54 18.73
N ASP B 398 -17.59 -25.32 19.88
CA ASP B 398 -18.29 -24.82 21.07
C ASP B 398 -18.38 -23.30 21.01
N THR B 399 -19.59 -22.77 20.83
CA THR B 399 -19.77 -21.32 20.74
C THR B 399 -19.64 -20.57 22.07
N LYS B 400 -19.80 -21.29 23.19
CA LYS B 400 -19.76 -20.66 24.51
C LYS B 400 -18.53 -19.77 24.78
N PRO B 401 -17.30 -20.31 24.62
CA PRO B 401 -16.12 -19.48 24.86
C PRO B 401 -15.94 -18.33 23.87
N VAL B 402 -16.44 -18.50 22.64
CA VAL B 402 -16.33 -17.45 21.64
C VAL B 402 -17.29 -16.31 22.01
N LEU B 403 -18.51 -16.66 22.39
CA LEU B 403 -19.50 -15.66 22.78
C LEU B 403 -19.01 -14.86 23.98
N ARG B 404 -18.38 -15.54 24.95
CA ARG B 404 -17.86 -14.89 26.14
C ARG B 404 -16.81 -13.85 25.76
N ALA B 405 -15.86 -14.23 24.91
CA ALA B 405 -14.80 -13.33 24.46
C ALA B 405 -15.39 -12.09 23.78
N LEU B 406 -16.27 -12.32 22.80
CA LEU B 406 -16.90 -11.23 22.05
C LEU B 406 -17.73 -10.33 22.94
N LYS B 407 -18.51 -10.93 23.83
CA LYS B 407 -19.37 -10.16 24.72
C LYS B 407 -18.53 -9.28 25.66
N ARG B 408 -17.42 -9.82 26.13
CA ARG B 408 -16.55 -9.07 27.03
C ARG B 408 -15.91 -7.87 26.33
N MET B 409 -15.56 -8.04 25.06
CA MET B 409 -14.99 -6.95 24.29
C MET B 409 -16.04 -5.84 24.15
N LEU B 410 -17.26 -6.23 23.82
CA LEU B 410 -18.36 -5.28 23.66
C LEU B 410 -18.70 -4.62 25.00
N ALA B 411 -18.57 -5.38 26.08
CA ALA B 411 -18.87 -4.86 27.42
C ALA B 411 -17.87 -3.75 27.76
N MET B 412 -16.60 -4.00 27.47
CA MET B 412 -15.57 -3.00 27.73
C MET B 412 -15.92 -1.73 26.97
N ARG B 413 -16.38 -1.87 25.73
CA ARG B 413 -16.74 -0.71 24.92
C ARG B 413 -17.90 0.06 25.55
N HIS B 414 -18.90 -0.66 26.03
CA HIS B 414 -20.07 -0.02 26.65
C HIS B 414 -19.64 0.76 27.89
N TYR B 415 -18.84 0.12 28.73
CA TYR B 415 -18.33 0.73 29.95
C TYR B 415 -17.50 1.99 29.65
N LYS B 416 -16.59 1.89 28.68
CA LYS B 416 -15.76 3.03 28.34
C LYS B 416 -16.56 4.18 27.71
N ARG B 417 -17.61 3.86 26.96
CA ARG B 417 -18.40 4.92 26.35
C ARG B 417 -19.13 5.71 27.43
N ALA B 418 -19.69 5.00 28.40
CA ALA B 418 -20.39 5.65 29.49
C ALA B 418 -19.43 6.62 30.17
N GLU B 419 -18.19 6.17 30.33
CA GLU B 419 -17.15 6.96 30.96
C GLU B 419 -16.69 8.16 30.17
N THR B 420 -16.32 7.95 28.91
CA THR B 420 -15.81 9.02 28.08
C THR B 420 -16.82 9.94 27.39
N VAL B 421 -18.04 9.47 27.20
CA VAL B 421 -19.07 10.29 26.56
C VAL B 421 -20.05 10.85 27.58
N ASP B 422 -20.59 9.99 28.43
CA ASP B 422 -21.54 10.44 29.44
C ASP B 422 -20.90 10.89 30.74
N GLY B 423 -19.62 10.61 30.90
CA GLY B 423 -18.92 11.00 32.11
C GLY B 423 -19.56 10.33 33.32
N LYS B 424 -20.02 9.10 33.13
CA LYS B 424 -20.66 8.35 34.19
C LYS B 424 -20.09 6.94 34.31
N VAL B 425 -20.30 6.34 35.48
CA VAL B 425 -19.86 4.98 35.74
C VAL B 425 -21.03 4.04 35.47
N ASP B 426 -20.90 3.17 34.48
CA ASP B 426 -21.94 2.21 34.15
C ASP B 426 -21.28 0.85 33.96
N THR B 427 -21.43 0.00 34.97
CA THR B 427 -20.84 -1.32 34.94
C THR B 427 -21.85 -2.42 34.62
N ARG B 428 -23.02 -2.03 34.15
CA ARG B 428 -24.06 -2.99 33.82
C ARG B 428 -23.55 -4.08 32.88
N ALA B 429 -22.91 -3.67 31.78
CA ALA B 429 -22.40 -4.62 30.80
C ALA B 429 -21.30 -5.51 31.37
N LEU B 430 -20.41 -4.92 32.17
CA LEU B 430 -19.32 -5.68 32.76
C LEU B 430 -19.85 -6.76 33.71
N GLU B 431 -20.82 -6.37 34.54
CA GLU B 431 -21.39 -7.30 35.50
C GLU B 431 -22.04 -8.48 34.78
N GLU B 432 -22.67 -8.19 33.65
CA GLU B 432 -23.34 -9.23 32.88
C GLU B 432 -22.36 -10.27 32.34
N VAL B 433 -21.11 -9.86 32.12
CA VAL B 433 -20.08 -10.78 31.62
C VAL B 433 -19.05 -11.21 32.67
N GLY B 434 -19.30 -10.83 33.92
CA GLY B 434 -18.40 -11.22 35.00
C GLY B 434 -17.07 -10.50 35.05
N LEU B 435 -17.04 -9.25 34.57
CA LEU B 435 -15.80 -8.47 34.60
C LEU B 435 -15.92 -7.35 35.63
N THR B 436 -14.79 -7.01 36.24
CA THR B 436 -14.76 -5.93 37.22
C THR B 436 -14.26 -4.69 36.50
N GLU B 437 -14.47 -3.52 37.10
CA GLU B 437 -14.00 -2.28 36.50
C GLU B 437 -12.49 -2.34 36.29
N ALA B 438 -11.79 -2.91 37.26
CA ALA B 438 -10.33 -3.02 37.18
C ALA B 438 -9.91 -3.86 35.98
N GLN B 439 -10.60 -4.98 35.75
CA GLN B 439 -10.28 -5.84 34.62
C GLN B 439 -10.53 -5.13 33.29
N ALA B 440 -11.65 -4.40 33.22
CA ALA B 440 -12.01 -3.68 32.00
C ALA B 440 -11.00 -2.58 31.71
N GLN B 441 -10.50 -1.92 32.75
CA GLN B 441 -9.52 -0.85 32.58
C GLN B 441 -8.18 -1.45 32.14
N GLU B 442 -7.83 -2.63 32.64
CA GLU B 442 -6.57 -3.24 32.25
C GLU B 442 -6.69 -3.76 30.81
N MET B 443 -7.86 -4.31 30.48
CA MET B 443 -8.09 -4.81 29.13
C MET B 443 -7.89 -3.63 28.18
N TYR B 444 -8.48 -2.50 28.55
CA TYR B 444 -8.40 -1.28 27.75
C TYR B 444 -6.94 -0.84 27.59
N ARG B 445 -6.19 -0.89 28.69
CA ARG B 445 -4.79 -0.50 28.66
C ARG B 445 -4.00 -1.31 27.63
N TYR B 446 -4.18 -2.63 27.67
CA TYR B 446 -3.46 -3.53 26.76
C TYR B 446 -3.99 -3.59 25.33
N LEU B 447 -5.31 -3.58 25.17
CA LEU B 447 -5.92 -3.68 23.85
C LEU B 447 -6.07 -2.37 23.09
N ALA B 448 -6.40 -1.30 23.79
CA ALA B 448 -6.60 0.01 23.15
C ALA B 448 -5.34 0.86 23.06
N ILE B 449 -4.79 1.25 24.21
CA ILE B 449 -3.58 2.07 24.21
C ILE B 449 -2.44 1.22 23.64
N ALA B 450 -2.32 0.01 24.15
CA ALA B 450 -1.31 -0.95 23.70
C ALA B 450 0.11 -0.43 23.52
N ASN B 451 0.69 0.14 24.57
CA ASN B 451 2.06 0.63 24.51
C ASN B 451 3.00 -0.52 24.12
N TYR B 452 4.09 -0.18 23.44
CA TYR B 452 5.07 -1.16 23.00
C TYR B 452 5.51 -2.10 24.14
N GLU B 453 5.82 -1.53 25.29
CA GLU B 453 6.27 -2.32 26.43
C GLU B 453 5.19 -3.25 26.97
N ASP B 454 3.94 -2.99 26.61
CA ASP B 454 2.83 -3.83 27.07
C ASP B 454 2.49 -4.91 26.04
N ARG B 455 2.77 -4.65 24.76
CA ARG B 455 2.48 -5.65 23.74
C ARG B 455 3.51 -6.77 23.75
N PHE B 456 4.77 -6.41 23.99
CA PHE B 456 5.83 -7.41 24.00
C PHE B 456 6.57 -7.47 25.33
N VAL B 457 6.44 -8.60 26.01
CA VAL B 457 7.12 -8.79 27.29
C VAL B 457 7.91 -10.08 27.11
N VAL B 458 9.02 -9.95 26.38
CA VAL B 458 9.89 -11.08 26.06
C VAL B 458 11.17 -11.08 26.89
N PRO B 459 11.40 -12.14 27.67
CA PRO B 459 12.61 -12.19 28.48
C PRO B 459 13.73 -12.79 27.64
N SER B 460 14.95 -12.70 28.15
CA SER B 460 16.10 -13.28 27.46
C SER B 460 16.04 -14.80 27.55
N SER B 461 16.60 -15.48 26.56
CA SER B 461 16.64 -16.94 26.58
C SER B 461 17.88 -17.37 27.36
N HIS B 462 18.61 -16.38 27.88
CA HIS B 462 19.82 -16.63 28.68
C HIS B 462 20.81 -17.65 28.09
N ARG B 463 21.41 -17.28 26.96
CA ARG B 463 22.35 -18.17 26.28
C ARG B 463 23.62 -18.46 27.08
N GLU B 464 23.82 -17.74 28.19
CA GLU B 464 25.02 -17.96 28.99
C GLU B 464 24.86 -19.16 29.93
N LEU B 465 23.63 -19.53 30.24
CA LEU B 465 23.36 -20.64 31.14
C LEU B 465 23.72 -22.00 30.54
N ALA B 466 24.46 -22.79 31.33
CA ALA B 466 24.87 -24.13 30.93
C ALA B 466 25.76 -24.15 29.68
N ARG B 467 26.33 -22.99 29.33
CA ARG B 467 27.20 -22.89 28.17
C ARG B 467 28.41 -22.04 28.51
N GLU B 468 29.24 -21.72 27.52
CA GLU B 468 30.41 -20.89 27.76
C GLU B 468 30.34 -19.66 26.88
N ALA B 469 29.66 -18.64 27.37
CA ALA B 469 29.46 -17.40 26.64
C ALA B 469 30.71 -16.57 26.42
N PHE B 470 31.70 -16.68 27.31
CA PHE B 470 32.90 -15.87 27.15
C PHE B 470 33.68 -16.20 25.87
N PRO B 471 34.11 -17.47 25.71
CA PRO B 471 34.85 -17.76 24.48
C PRO B 471 33.98 -17.51 23.24
N GLU B 472 32.68 -17.71 23.38
CA GLU B 472 31.77 -17.49 22.26
C GLU B 472 31.74 -16.00 21.90
N LYS B 473 31.62 -15.14 22.90
CA LYS B 473 31.60 -13.70 22.65
C LYS B 473 32.87 -13.28 21.89
N ASN B 474 34.00 -13.84 22.28
CA ASN B 474 35.27 -13.50 21.67
C ASN B 474 35.52 -14.07 20.26
N GLY B 475 34.97 -15.24 19.96
CA GLY B 475 35.23 -15.83 18.66
C GLY B 475 34.09 -16.21 17.73
N CYS B 476 32.85 -15.97 18.11
CA CYS B 476 31.73 -16.32 17.22
C CYS B 476 31.74 -15.42 15.98
N GLY B 477 31.30 -15.96 14.85
CA GLY B 477 31.26 -15.15 13.65
C GLY B 477 32.44 -15.22 12.69
N PHE B 478 33.61 -15.65 13.16
CA PHE B 478 34.76 -15.78 12.28
C PHE B 478 34.54 -17.11 11.55
N THR B 479 33.76 -17.06 10.48
CA THR B 479 33.43 -18.27 9.74
C THR B 479 34.48 -18.74 8.72
N PHE B 480 35.72 -18.89 9.18
CA PHE B 480 36.80 -19.34 8.30
C PHE B 480 36.67 -20.81 7.90
N GLY B 481 35.91 -21.58 8.67
CA GLY B 481 35.71 -22.99 8.37
C GLY B 481 36.61 -23.93 9.17
N ASP B 482 36.54 -23.86 10.50
CA ASP B 482 37.38 -24.72 11.33
C ASP B 482 36.95 -26.19 11.31
N GLY B 483 35.75 -26.45 10.79
CA GLY B 483 35.24 -27.81 10.70
C GLY B 483 35.06 -28.53 12.02
N CYS B 484 35.03 -27.79 13.12
CA CYS B 484 34.87 -28.37 14.44
C CYS B 484 33.58 -28.00 15.15
N HIS B 485 32.73 -27.22 14.48
CA HIS B 485 31.45 -26.82 15.06
C HIS B 485 30.45 -27.96 14.91
N GLY B 486 29.46 -28.02 15.80
CA GLY B 486 28.44 -29.05 15.68
C GLY B 486 28.67 -30.42 16.28
N SER B 487 29.74 -30.59 17.05
CA SER B 487 29.97 -31.88 17.67
C SER B 487 30.63 -31.70 19.03
N ASP B 488 30.31 -32.59 19.95
CA ASP B 488 30.86 -32.52 21.29
C ASP B 488 32.23 -33.19 21.37
N THR B 489 32.42 -34.26 20.60
CA THR B 489 33.72 -34.94 20.58
C THR B 489 34.71 -34.03 19.86
N LYS B 490 35.89 -33.87 20.45
CA LYS B 490 36.92 -32.99 19.88
C LYS B 490 37.65 -33.54 18.66
N PHE B 491 37.77 -34.86 18.58
CA PHE B 491 38.48 -35.42 17.43
C PHE B 491 37.82 -35.06 16.09
N ASN B 492 38.65 -34.68 15.13
CA ASN B 492 38.17 -34.34 13.80
C ASN B 492 39.25 -34.73 12.78
N LEU B 493 38.81 -35.34 11.68
CA LEU B 493 39.71 -35.82 10.65
C LEU B 493 40.65 -34.77 10.03
N PHE B 494 40.24 -33.52 9.97
CA PHE B 494 41.09 -32.47 9.39
C PHE B 494 42.10 -31.88 10.38
N ASN B 495 42.24 -32.52 11.54
CA ASN B 495 43.21 -32.09 12.55
C ASN B 495 43.15 -30.58 12.82
N SER B 496 41.95 -30.10 13.12
CA SER B 496 41.73 -28.68 13.40
C SER B 496 41.22 -28.49 14.83
N ARG B 497 40.89 -27.25 15.18
CA ARG B 497 40.38 -26.93 16.51
C ARG B 497 39.37 -25.79 16.40
N ARG B 498 38.40 -25.74 17.30
CA ARG B 498 37.38 -24.69 17.25
C ARG B 498 37.96 -23.30 17.45
N ILE B 499 37.56 -22.40 16.57
CA ILE B 499 38.03 -21.02 16.62
C ILE B 499 37.52 -20.29 17.87
N ASP B 500 36.30 -20.60 18.28
CA ASP B 500 35.71 -19.94 19.45
C ASP B 500 35.81 -20.73 20.75
N ALA B 501 36.87 -21.52 20.88
CA ALA B 501 37.07 -22.30 22.09
C ALA B 501 38.50 -22.13 22.60
N ILE B 502 38.75 -22.61 23.81
CA ILE B 502 40.07 -22.53 24.40
C ILE B 502 40.69 -23.92 24.43
N ASP B 503 41.78 -24.11 23.69
CA ASP B 503 42.44 -25.42 23.62
C ASP B 503 43.53 -25.59 24.68
N VAL B 504 44.20 -24.50 25.04
CA VAL B 504 45.25 -24.57 26.06
C VAL B 504 44.58 -24.58 27.43
N THR B 505 44.58 -25.74 28.07
CA THR B 505 43.95 -25.90 29.37
C THR B 505 44.73 -25.22 30.50
N SER B 506 44.02 -24.71 31.48
CA SER B 506 44.67 -24.08 32.62
C SER B 506 45.29 -25.22 33.41
N LYS B 507 46.53 -25.03 33.86
CA LYS B 507 47.20 -26.07 34.63
C LYS B 507 47.20 -25.69 36.12
N THR B 508 46.63 -24.54 36.44
CA THR B 508 46.57 -24.06 37.82
C THR B 508 45.20 -24.36 38.43
N GLU B 509 44.51 -25.32 37.82
CA GLU B 509 43.18 -25.76 38.24
C GLU B 509 42.08 -24.83 37.74
N FME C 1 44.05 -59.60 -20.46
CN FME C 1 44.55 -58.38 -20.45
O1 FME C 1 44.75 -57.78 -19.39
CA FME C 1 42.81 -60.03 -19.86
CB FME C 1 42.12 -61.11 -20.59
CG FME C 1 40.57 -60.77 -20.74
SD FME C 1 40.34 -59.39 -21.88
CE FME C 1 39.96 -60.25 -23.40
C FME C 1 43.07 -60.42 -18.39
O FME C 1 42.29 -60.09 -17.52
N GLN C 2 44.20 -61.12 -18.13
CA GLN C 2 44.54 -61.53 -16.78
C GLN C 2 44.90 -60.31 -15.94
N PHE C 3 45.46 -59.30 -16.59
CA PHE C 3 45.80 -58.06 -15.91
C PHE C 3 44.50 -57.39 -15.47
N LEU C 4 43.57 -57.23 -16.40
CA LEU C 4 42.29 -56.62 -16.11
C LEU C 4 41.51 -57.44 -15.09
N ASN C 5 41.71 -58.76 -15.15
CA ASN C 5 41.03 -59.66 -14.23
C ASN C 5 41.43 -59.37 -12.79
N MET C 6 42.73 -59.27 -12.54
CA MET C 6 43.22 -58.98 -11.20
C MET C 6 42.88 -57.57 -10.78
N PHE C 7 42.93 -56.62 -11.72
CA PHE C 7 42.60 -55.26 -11.36
C PHE C 7 41.16 -55.14 -10.86
N PHE C 8 40.21 -55.51 -11.71
CA PHE C 8 38.80 -55.39 -11.36
C PHE C 8 38.29 -56.26 -10.22
N PHE C 9 38.90 -57.41 -9.99
CA PHE C 9 38.41 -58.31 -8.95
C PHE C 9 39.29 -58.54 -7.73
N ASP C 10 40.50 -57.99 -7.75
CA ASP C 10 41.43 -58.13 -6.64
C ASP C 10 41.85 -56.76 -6.09
N ILE C 11 41.91 -55.77 -6.97
CA ILE C 11 42.34 -54.42 -6.59
C ILE C 11 41.20 -53.41 -6.47
N TYR C 12 40.45 -53.26 -7.56
CA TYR C 12 39.33 -52.34 -7.63
C TYR C 12 38.34 -52.44 -6.47
N PRO C 13 38.01 -53.67 -6.03
CA PRO C 13 37.06 -53.77 -4.91
C PRO C 13 37.50 -53.05 -3.64
N TYR C 14 38.81 -52.97 -3.43
CA TYR C 14 39.32 -52.29 -2.24
C TYR C 14 39.40 -50.79 -2.43
N ILE C 15 39.56 -50.35 -3.67
CA ILE C 15 39.59 -48.93 -3.94
C ILE C 15 38.15 -48.42 -3.72
N ALA C 16 37.19 -49.11 -4.32
CA ALA C 16 35.79 -48.74 -4.20
C ALA C 16 35.32 -48.76 -2.75
N GLY C 17 35.74 -49.80 -2.02
CA GLY C 17 35.36 -49.92 -0.62
C GLY C 17 35.97 -48.84 0.27
N ALA C 18 37.22 -48.50 0.03
CA ALA C 18 37.89 -47.48 0.82
C ALA C 18 37.22 -46.13 0.59
N VAL C 19 36.95 -45.82 -0.68
CA VAL C 19 36.30 -44.56 -1.04
C VAL C 19 34.90 -44.52 -0.43
N PHE C 20 34.19 -45.64 -0.54
CA PHE C 20 32.85 -45.76 0.01
C PHE C 20 32.82 -45.40 1.49
N LEU C 21 33.73 -45.99 2.26
CA LEU C 21 33.76 -45.75 3.69
C LEU C 21 34.31 -44.40 4.14
N ILE C 22 35.49 -44.03 3.67
CA ILE C 22 36.07 -42.75 4.08
C ILE C 22 35.28 -41.59 3.48
N GLY C 23 34.70 -41.82 2.32
CA GLY C 23 33.90 -40.79 1.67
C GLY C 23 32.62 -40.57 2.47
N SER C 24 32.03 -41.66 2.95
CA SER C 24 30.81 -41.55 3.74
C SER C 24 31.08 -40.82 5.05
N TRP C 25 32.19 -41.18 5.71
CA TRP C 25 32.56 -40.56 6.98
C TRP C 25 32.83 -39.07 6.78
N LEU C 26 33.65 -38.73 5.80
CA LEU C 26 33.98 -37.34 5.54
C LEU C 26 32.77 -36.50 5.16
N ARG C 27 31.85 -37.06 4.37
CA ARG C 27 30.68 -36.30 4.00
C ARG C 27 29.75 -36.14 5.19
N TYR C 28 29.73 -37.13 6.08
CA TYR C 28 28.87 -37.05 7.25
C TYR C 28 29.36 -35.98 8.21
N ASP C 29 30.67 -35.90 8.40
CA ASP C 29 31.23 -34.90 9.32
C ASP C 29 31.31 -33.49 8.78
N TYR C 30 31.51 -33.35 7.48
CA TYR C 30 31.66 -32.04 6.87
C TYR C 30 30.54 -31.64 5.91
N GLY C 31 29.56 -32.53 5.72
CA GLY C 31 28.49 -32.24 4.80
C GLY C 31 27.08 -32.58 5.26
N GLN C 32 26.78 -32.40 6.54
CA GLN C 32 25.45 -32.70 7.07
C GLN C 32 24.32 -32.03 6.28
N TYR C 33 24.53 -30.80 5.84
CA TYR C 33 23.48 -30.09 5.11
C TYR C 33 23.20 -30.73 3.76
N THR C 34 24.18 -31.49 3.25
CA THR C 34 24.03 -32.15 1.95
C THR C 34 23.53 -33.58 2.10
N TRP C 35 23.34 -34.02 3.34
CA TRP C 35 22.90 -35.38 3.62
C TRP C 35 21.37 -35.46 3.67
N ARG C 36 20.75 -35.68 2.52
CA ARG C 36 19.30 -35.75 2.43
C ARG C 36 18.84 -36.69 1.31
N ALA C 37 17.59 -37.13 1.39
CA ALA C 37 17.01 -38.03 0.40
C ALA C 37 16.75 -37.30 -0.91
N ALA C 38 16.65 -35.97 -0.84
CA ALA C 38 16.42 -35.13 -2.00
C ALA C 38 15.11 -35.45 -2.71
N SER C 39 14.04 -35.51 -1.94
CA SER C 39 12.72 -35.80 -2.48
C SER C 39 12.35 -34.77 -3.54
N SER C 40 11.67 -35.22 -4.59
CA SER C 40 11.23 -34.33 -5.66
C SER C 40 9.72 -34.50 -5.83
N GLN C 41 9.12 -35.27 -4.92
CA GLN C 41 7.70 -35.57 -4.97
C GLN C 41 6.76 -34.36 -5.02
N MET C 42 7.00 -33.36 -4.17
CA MET C 42 6.16 -32.18 -4.14
C MET C 42 6.08 -31.50 -5.50
N LEU C 43 7.22 -31.41 -6.19
CA LEU C 43 7.26 -30.77 -7.50
C LEU C 43 6.43 -31.50 -8.57
N ASP C 44 6.25 -32.81 -8.41
CA ASP C 44 5.44 -33.57 -9.36
C ASP C 44 5.05 -34.91 -8.72
N ARG C 45 3.88 -34.93 -8.09
CA ARG C 45 3.40 -36.14 -7.41
C ARG C 45 2.99 -37.27 -8.36
N LYS C 46 2.69 -36.92 -9.60
CA LYS C 46 2.24 -37.90 -10.58
C LYS C 46 3.12 -39.14 -10.74
N GLY C 47 2.51 -40.31 -10.58
CA GLY C 47 3.21 -41.57 -10.73
C GLY C 47 4.25 -41.95 -9.70
N MET C 48 4.55 -41.07 -8.76
CA MET C 48 5.55 -41.35 -7.74
C MET C 48 5.20 -42.46 -6.76
N ASN C 49 3.94 -42.55 -6.37
CA ASN C 49 3.54 -43.57 -5.43
C ASN C 49 3.83 -44.95 -6.00
N LEU C 50 3.44 -45.18 -7.24
CA LEU C 50 3.67 -46.46 -7.88
C LEU C 50 5.17 -46.68 -8.16
N ALA C 51 5.78 -45.72 -8.84
CA ALA C 51 7.19 -45.81 -9.20
C ALA C 51 8.16 -45.97 -8.03
N SER C 52 8.08 -45.08 -7.04
CA SER C 52 8.99 -45.15 -5.90
C SER C 52 8.81 -46.41 -5.06
N ASN C 53 7.56 -46.82 -4.82
CA ASN C 53 7.33 -48.01 -4.03
C ASN C 53 7.83 -49.26 -4.76
N LEU C 54 7.55 -49.36 -6.05
CA LEU C 54 8.02 -50.52 -6.81
C LEU C 54 9.54 -50.56 -6.77
N PHE C 55 10.17 -49.43 -7.04
CA PHE C 55 11.61 -49.37 -7.03
C PHE C 55 12.22 -49.69 -5.67
N HIS C 56 11.76 -49.03 -4.60
CA HIS C 56 12.33 -49.29 -3.29
C HIS C 56 12.03 -50.68 -2.73
N ILE C 57 10.79 -51.13 -2.86
CA ILE C 57 10.46 -52.45 -2.35
C ILE C 57 11.29 -53.48 -3.12
N GLY C 58 11.45 -53.27 -4.41
CA GLY C 58 12.24 -54.19 -5.21
C GLY C 58 13.71 -54.16 -4.84
N ILE C 59 14.31 -52.97 -4.78
CA ILE C 59 15.72 -52.83 -4.45
C ILE C 59 16.06 -53.34 -3.05
N LEU C 60 15.13 -53.21 -2.11
CA LEU C 60 15.37 -53.69 -0.77
C LEU C 60 15.33 -55.22 -0.75
N GLY C 61 14.46 -55.79 -1.58
CA GLY C 61 14.37 -57.24 -1.67
C GLY C 61 15.70 -57.77 -2.20
N ILE C 62 16.23 -57.08 -3.20
CA ILE C 62 17.51 -57.45 -3.79
C ILE C 62 18.63 -57.34 -2.75
N PHE C 63 18.61 -56.24 -1.98
CA PHE C 63 19.63 -56.04 -0.96
C PHE C 63 19.64 -57.18 0.06
N VAL C 64 18.47 -57.52 0.59
CA VAL C 64 18.38 -58.59 1.56
C VAL C 64 18.91 -59.89 0.95
N GLY C 65 18.46 -60.17 -0.27
CA GLY C 65 18.89 -61.37 -0.95
C GLY C 65 20.40 -61.42 -1.20
N HIS C 66 20.95 -60.31 -1.69
CA HIS C 66 22.38 -60.23 -1.96
C HIS C 66 23.19 -60.34 -0.67
N PHE C 67 22.71 -59.68 0.37
CA PHE C 67 23.40 -59.69 1.65
C PHE C 67 23.58 -61.09 2.23
N PHE C 68 22.47 -61.79 2.42
CA PHE C 68 22.52 -63.14 2.97
C PHE C 68 23.06 -64.15 1.96
N GLY C 69 22.82 -63.89 0.68
CA GLY C 69 23.28 -64.79 -0.36
C GLY C 69 24.80 -64.90 -0.47
N MET C 70 25.47 -63.76 -0.46
CA MET C 70 26.93 -63.76 -0.59
C MET C 70 27.74 -63.68 0.70
N LEU C 71 27.13 -63.16 1.76
CA LEU C 71 27.87 -63.02 3.01
C LEU C 71 27.67 -64.14 4.03
N THR C 72 26.64 -64.95 3.85
CA THR C 72 26.40 -66.04 4.79
C THR C 72 27.37 -67.19 4.53
N PRO C 73 28.16 -67.56 5.55
CA PRO C 73 29.13 -68.65 5.39
C PRO C 73 28.42 -69.96 5.06
N HIS C 74 29.03 -70.76 4.18
CA HIS C 74 28.45 -72.03 3.75
C HIS C 74 28.05 -72.98 4.88
N TRP C 75 28.89 -73.08 5.92
CA TRP C 75 28.62 -73.98 7.02
C TRP C 75 27.34 -73.67 7.82
N MET C 76 26.85 -72.44 7.74
CA MET C 76 25.62 -72.08 8.46
C MET C 76 24.40 -72.76 7.85
N ALA C 77 23.84 -73.72 8.59
CA ALA C 77 22.68 -74.46 8.15
C ALA C 77 22.93 -75.05 6.75
N ALA C 78 24.17 -75.48 6.52
CA ALA C 78 24.57 -76.05 5.24
C ALA C 78 23.62 -77.12 4.71
N ALA C 79 23.15 -77.98 5.60
CA ALA C 79 22.24 -79.06 5.23
C ALA C 79 20.90 -78.53 4.71
N TRP C 80 20.37 -77.52 5.39
CA TRP C 80 19.07 -76.94 5.02
C TRP C 80 19.19 -75.89 3.92
N LEU C 81 20.34 -75.24 3.84
CA LEU C 81 20.54 -74.20 2.83
C LEU C 81 21.69 -74.49 1.87
N PRO C 82 21.62 -75.60 1.13
CA PRO C 82 22.71 -75.90 0.19
C PRO C 82 22.75 -74.79 -0.86
N ILE C 83 23.90 -74.65 -1.53
CA ILE C 83 24.06 -73.59 -2.53
C ILE C 83 23.00 -73.57 -3.64
N GLU C 84 22.59 -74.74 -4.12
CA GLU C 84 21.59 -74.75 -5.19
C GLU C 84 20.20 -74.34 -4.72
N VAL C 85 19.93 -74.47 -3.43
CA VAL C 85 18.65 -74.05 -2.89
C VAL C 85 18.69 -72.52 -2.78
N LYS C 86 19.85 -71.98 -2.41
CA LYS C 86 20.02 -70.55 -2.30
C LYS C 86 19.89 -69.92 -3.69
N GLN C 87 20.38 -70.63 -4.69
CA GLN C 87 20.30 -70.13 -6.05
C GLN C 87 18.86 -70.04 -6.52
N LYS C 88 18.07 -71.06 -6.21
CA LYS C 88 16.67 -71.05 -6.60
C LYS C 88 15.97 -69.88 -5.92
N MET C 89 16.30 -69.63 -4.66
CA MET C 89 15.71 -68.52 -3.94
C MET C 89 16.08 -67.22 -4.66
N ALA C 90 17.36 -67.07 -5.00
CA ALA C 90 17.85 -65.89 -5.68
C ALA C 90 17.17 -65.67 -7.03
N MET C 91 17.06 -66.74 -7.81
CA MET C 91 16.44 -66.65 -9.12
C MET C 91 14.96 -66.26 -9.09
N PHE C 92 14.19 -66.89 -8.22
CA PHE C 92 12.76 -66.60 -8.13
C PHE C 92 12.41 -65.38 -7.27
N ALA C 93 12.87 -65.37 -6.03
CA ALA C 93 12.58 -64.25 -5.13
C ALA C 93 13.37 -63.02 -5.57
N GLY C 94 14.64 -63.21 -5.86
CA GLY C 94 15.48 -62.11 -6.30
C GLY C 94 15.04 -61.62 -7.66
N GLY C 95 14.65 -62.56 -8.52
CA GLY C 95 14.20 -62.19 -9.85
C GLY C 95 12.94 -61.34 -9.78
N ALA C 96 12.01 -61.75 -8.93
CA ALA C 96 10.77 -61.01 -8.76
C ALA C 96 11.06 -59.60 -8.25
N SER C 97 11.92 -59.50 -7.24
CA SER C 97 12.29 -58.19 -6.68
C SER C 97 12.98 -57.36 -7.74
N GLY C 98 13.77 -58.02 -8.58
CA GLY C 98 14.48 -57.32 -9.64
C GLY C 98 13.52 -56.73 -10.66
N VAL C 99 12.44 -57.45 -10.94
CA VAL C 99 11.45 -56.97 -11.90
C VAL C 99 10.72 -55.76 -11.33
N LEU C 100 10.36 -55.83 -10.06
CA LEU C 100 9.68 -54.71 -9.41
C LEU C 100 10.63 -53.52 -9.44
N CYS C 101 11.89 -53.78 -9.07
CA CYS C 101 12.90 -52.73 -9.04
C CYS C 101 13.05 -52.06 -10.41
N LEU C 102 13.27 -52.86 -11.45
CA LEU C 102 13.46 -52.33 -12.79
C LEU C 102 12.29 -51.49 -13.30
N ILE C 103 11.06 -51.97 -13.08
CA ILE C 103 9.89 -51.22 -13.52
C ILE C 103 9.84 -49.88 -12.80
N GLY C 104 10.01 -49.91 -11.49
CA GLY C 104 9.99 -48.69 -10.71
C GLY C 104 11.12 -47.78 -11.16
N GLY C 105 12.31 -48.35 -11.30
CA GLY C 105 13.45 -47.59 -11.75
C GLY C 105 13.27 -46.91 -13.09
N VAL C 106 12.72 -47.63 -14.05
CA VAL C 106 12.49 -47.06 -15.37
C VAL C 106 11.47 -45.93 -15.31
N LEU C 107 10.41 -46.13 -14.52
CA LEU C 107 9.39 -45.11 -14.38
C LEU C 107 9.98 -43.85 -13.75
N LEU C 108 10.83 -44.04 -12.74
CA LEU C 108 11.46 -42.91 -12.07
C LEU C 108 12.41 -42.16 -13.00
N LEU C 109 13.14 -42.91 -13.84
CA LEU C 109 14.07 -42.29 -14.77
C LEU C 109 13.33 -41.53 -15.85
N LYS C 110 12.21 -42.10 -16.31
CA LYS C 110 11.39 -41.45 -17.33
C LYS C 110 10.90 -40.11 -16.75
N ARG C 111 10.49 -40.16 -15.49
CA ARG C 111 10.00 -38.97 -14.79
C ARG C 111 11.09 -37.91 -14.63
N ARG C 112 12.26 -38.33 -14.14
CA ARG C 112 13.37 -37.40 -13.92
C ARG C 112 13.82 -36.73 -15.21
N LEU C 113 13.78 -37.47 -16.31
CA LEU C 113 14.20 -36.93 -17.60
C LEU C 113 13.17 -36.10 -18.35
N PHE C 114 11.91 -36.52 -18.29
CA PHE C 114 10.87 -35.84 -19.04
C PHE C 114 9.82 -35.02 -18.31
N SER C 115 9.82 -35.06 -16.98
CA SER C 115 8.86 -34.24 -16.24
C SER C 115 9.58 -32.90 -16.07
N PRO C 116 9.12 -31.86 -16.76
CA PRO C 116 9.75 -30.54 -16.68
C PRO C 116 10.20 -30.04 -15.31
N ARG C 117 9.32 -30.12 -14.31
CA ARG C 117 9.67 -29.64 -12.97
C ARG C 117 10.79 -30.46 -12.33
N VAL C 118 10.80 -31.76 -12.58
CA VAL C 118 11.85 -32.60 -12.00
C VAL C 118 13.15 -32.43 -12.77
N ARG C 119 13.06 -32.46 -14.10
CA ARG C 119 14.25 -32.31 -14.93
C ARG C 119 14.94 -30.97 -14.70
N ALA C 120 14.15 -29.92 -14.56
CA ALA C 120 14.68 -28.57 -14.35
C ALA C 120 15.38 -28.37 -13.01
N THR C 121 15.04 -29.20 -12.03
CA THR C 121 15.63 -29.08 -10.70
C THR C 121 16.55 -30.23 -10.28
N THR C 122 16.83 -31.13 -11.21
CA THR C 122 17.70 -32.27 -10.92
C THR C 122 19.18 -31.89 -10.96
N THR C 123 20.03 -32.72 -10.37
CA THR C 123 21.47 -32.50 -10.44
C THR C 123 21.91 -33.62 -11.39
N GLY C 124 23.07 -33.45 -12.03
CA GLY C 124 23.56 -34.48 -12.93
C GLY C 124 23.76 -35.80 -12.23
N ALA C 125 24.20 -35.74 -10.97
CA ALA C 125 24.45 -36.93 -10.19
C ALA C 125 23.18 -37.77 -10.00
N ASP C 126 22.03 -37.11 -9.91
CA ASP C 126 20.78 -37.83 -9.73
C ASP C 126 20.45 -38.66 -10.97
N ILE C 127 20.70 -38.09 -12.15
CA ILE C 127 20.42 -38.79 -13.39
C ILE C 127 21.40 -39.94 -13.58
N LEU C 128 22.68 -39.66 -13.33
CA LEU C 128 23.72 -40.67 -13.46
C LEU C 128 23.51 -41.87 -12.55
N ILE C 129 23.32 -41.61 -11.25
CA ILE C 129 23.16 -42.69 -10.30
C ILE C 129 21.93 -43.56 -10.57
N LEU C 130 20.82 -42.95 -10.97
CA LEU C 130 19.61 -43.72 -11.26
C LEU C 130 19.77 -44.53 -12.54
N SER C 131 20.44 -43.94 -13.53
CA SER C 131 20.68 -44.61 -14.80
C SER C 131 21.54 -45.85 -14.57
N LEU C 132 22.56 -45.73 -13.72
CA LEU C 132 23.43 -46.85 -13.43
C LEU C 132 22.70 -47.94 -12.63
N LEU C 133 21.77 -47.52 -11.77
CA LEU C 133 21.00 -48.50 -10.99
C LEU C 133 20.05 -49.26 -11.90
N VAL C 134 19.45 -48.57 -12.87
CA VAL C 134 18.55 -49.21 -13.81
C VAL C 134 19.33 -50.22 -14.65
N ILE C 135 20.51 -49.80 -15.11
CA ILE C 135 21.35 -50.66 -15.92
C ILE C 135 21.80 -51.87 -15.10
N GLN C 136 22.24 -51.62 -13.88
CA GLN C 136 22.69 -52.69 -13.00
C GLN C 136 21.57 -53.70 -12.71
N CYS C 137 20.36 -53.21 -12.50
CA CYS C 137 19.23 -54.10 -12.22
C CYS C 137 18.93 -54.95 -13.44
N ALA C 138 19.00 -54.33 -14.62
CA ALA C 138 18.75 -55.04 -15.87
C ALA C 138 19.84 -56.10 -16.06
N LEU C 139 21.09 -55.72 -15.82
CA LEU C 139 22.21 -56.66 -15.94
C LEU C 139 21.96 -57.84 -15.01
N GLY C 140 21.50 -57.53 -13.81
CA GLY C 140 21.22 -58.59 -12.85
C GLY C 140 20.19 -59.58 -13.36
N LEU C 141 19.06 -59.08 -13.86
CA LEU C 141 18.02 -59.93 -14.38
C LEU C 141 18.55 -60.77 -15.54
N LEU C 142 19.45 -60.18 -16.33
CA LEU C 142 20.04 -60.86 -17.46
C LEU C 142 20.96 -62.03 -17.07
N THR C 143 21.39 -62.06 -15.81
CA THR C 143 22.26 -63.16 -15.37
C THR C 143 21.44 -64.42 -15.09
N ILE C 144 20.15 -64.24 -14.84
CA ILE C 144 19.27 -65.36 -14.52
C ILE C 144 19.30 -66.48 -15.57
N PRO C 145 19.18 -66.16 -16.86
CA PRO C 145 19.20 -67.24 -17.86
C PRO C 145 20.56 -67.96 -17.88
N PHE C 146 21.60 -67.29 -17.41
CA PHE C 146 22.93 -67.89 -17.35
C PHE C 146 23.03 -68.80 -16.14
N SER C 147 22.46 -68.35 -15.02
CA SER C 147 22.46 -69.16 -13.81
C SER C 147 21.62 -70.41 -14.06
N ALA C 148 20.60 -70.26 -14.90
CA ALA C 148 19.70 -71.37 -15.23
C ALA C 148 20.44 -72.50 -15.93
N GLN C 149 21.59 -72.20 -16.52
CA GLN C 149 22.38 -73.20 -17.22
C GLN C 149 23.19 -74.05 -16.24
N HIS C 150 23.20 -73.65 -14.97
CA HIS C 150 23.93 -74.37 -13.95
C HIS C 150 23.13 -74.41 -12.65
N MET C 151 21.99 -75.11 -12.69
CA MET C 151 21.13 -75.21 -11.52
C MET C 151 21.76 -75.93 -10.34
N ASP C 152 22.95 -76.47 -10.53
CA ASP C 152 23.62 -77.16 -9.44
C ASP C 152 24.33 -76.15 -8.55
N GLY C 153 24.18 -74.86 -8.90
CA GLY C 153 24.78 -73.78 -8.12
C GLY C 153 26.27 -73.57 -8.30
N SER C 154 26.85 -74.20 -9.31
CA SER C 154 28.29 -74.07 -9.56
C SER C 154 28.72 -72.61 -9.78
N GLU C 155 27.95 -71.86 -10.56
CA GLU C 155 28.29 -70.46 -10.83
C GLU C 155 28.17 -69.63 -9.57
N MET C 156 27.07 -69.82 -8.83
CA MET C 156 26.88 -69.06 -7.60
C MET C 156 28.00 -69.33 -6.59
N MET C 157 28.49 -70.56 -6.57
CA MET C 157 29.57 -70.93 -5.65
C MET C 157 30.81 -70.09 -5.95
N LYS C 158 31.08 -69.86 -7.23
CA LYS C 158 32.24 -69.07 -7.64
C LYS C 158 32.06 -67.62 -7.18
N LEU C 159 30.91 -67.05 -7.49
CA LEU C 159 30.60 -65.67 -7.13
C LEU C 159 30.63 -65.43 -5.62
N VAL C 160 30.04 -66.34 -4.87
CA VAL C 160 30.02 -66.23 -3.42
C VAL C 160 31.44 -66.38 -2.87
N GLY C 161 32.21 -67.27 -3.49
CA GLY C 161 33.57 -67.48 -3.06
C GLY C 161 34.39 -66.22 -3.23
N TRP C 162 34.18 -65.53 -4.35
CA TRP C 162 34.88 -64.29 -4.62
C TRP C 162 34.48 -63.23 -3.60
N ALA C 163 33.17 -63.02 -3.44
CA ALA C 163 32.65 -62.03 -2.51
C ALA C 163 33.18 -62.23 -1.09
N GLN C 164 33.15 -63.47 -0.62
CA GLN C 164 33.62 -63.75 0.73
C GLN C 164 35.13 -63.53 0.87
N SER C 165 35.88 -63.82 -0.18
CA SER C 165 37.33 -63.64 -0.15
C SER C 165 37.62 -62.14 -0.02
N VAL C 166 36.88 -61.34 -0.77
CA VAL C 166 37.04 -59.89 -0.75
C VAL C 166 36.75 -59.28 0.61
N VAL C 167 35.60 -59.61 1.20
CA VAL C 167 35.23 -59.04 2.49
C VAL C 167 36.04 -59.52 3.68
N THR C 168 36.76 -60.64 3.53
CA THR C 168 37.59 -61.14 4.62
C THR C 168 39.06 -60.85 4.34
N PHE C 169 39.29 -60.03 3.31
CA PHE C 169 40.63 -59.64 2.90
C PHE C 169 41.59 -60.78 2.57
N HIS C 170 41.08 -61.81 1.91
CA HIS C 170 41.90 -62.97 1.50
C HIS C 170 42.31 -62.73 0.06
N GLY C 171 43.61 -62.59 -0.19
CA GLY C 171 44.08 -62.36 -1.56
C GLY C 171 43.76 -63.49 -2.51
N GLY C 172 43.78 -63.20 -3.81
CA GLY C 172 43.49 -64.21 -4.80
C GLY C 172 42.02 -64.43 -5.08
N ALA C 173 41.18 -63.52 -4.58
CA ALA C 173 39.74 -63.61 -4.76
C ALA C 173 39.32 -63.84 -6.21
N SER C 174 40.01 -63.20 -7.15
CA SER C 174 39.66 -63.33 -8.56
C SER C 174 39.71 -64.76 -9.10
N GLN C 175 40.51 -65.62 -8.47
CA GLN C 175 40.63 -66.99 -8.91
C GLN C 175 39.31 -67.74 -8.79
N HIS C 176 38.48 -67.34 -7.82
CA HIS C 176 37.18 -67.97 -7.60
C HIS C 176 36.27 -67.79 -8.81
N LEU C 177 36.50 -66.71 -9.56
CA LEU C 177 35.68 -66.40 -10.73
C LEU C 177 36.05 -67.13 -12.02
N ASP C 178 37.11 -67.94 -11.99
CA ASP C 178 37.53 -68.66 -13.20
C ASP C 178 36.38 -69.35 -13.93
N GLY C 179 36.20 -69.00 -15.21
CA GLY C 179 35.16 -69.61 -16.01
C GLY C 179 33.73 -69.10 -15.89
N VAL C 180 33.48 -68.20 -14.94
CA VAL C 180 32.13 -67.68 -14.78
C VAL C 180 31.74 -66.87 -16.02
N ALA C 181 30.45 -66.83 -16.34
CA ALA C 181 29.97 -66.11 -17.51
C ALA C 181 30.33 -64.62 -17.41
N PHE C 182 30.68 -64.02 -18.55
CA PHE C 182 31.06 -62.62 -18.59
C PHE C 182 30.01 -61.68 -18.00
N ILE C 183 28.74 -61.99 -18.21
CA ILE C 183 27.66 -61.16 -17.70
C ILE C 183 27.82 -60.91 -16.20
N PHE C 184 28.23 -61.94 -15.47
CA PHE C 184 28.44 -61.83 -14.04
C PHE C 184 29.59 -60.86 -13.76
N ARG C 185 30.61 -60.91 -14.62
CA ARG C 185 31.77 -60.05 -14.49
C ARG C 185 31.31 -58.58 -14.52
N LEU C 186 30.54 -58.25 -15.54
CA LEU C 186 30.01 -56.89 -15.71
C LEU C 186 29.18 -56.46 -14.50
N HIS C 187 28.25 -57.32 -14.09
CA HIS C 187 27.39 -57.01 -12.95
C HIS C 187 28.22 -56.66 -11.71
N LEU C 188 29.24 -57.45 -11.44
CA LEU C 188 30.10 -57.21 -10.28
C LEU C 188 30.83 -55.87 -10.35
N VAL C 189 31.38 -55.55 -11.51
CA VAL C 189 32.11 -54.30 -11.70
C VAL C 189 31.22 -53.06 -11.57
N LEU C 190 30.05 -53.09 -12.18
CA LEU C 190 29.13 -51.97 -12.08
C LEU C 190 28.65 -51.87 -10.63
N GLY C 191 28.42 -53.01 -10.01
CA GLY C 191 27.98 -53.02 -8.63
C GLY C 191 28.98 -52.36 -7.71
N MET C 192 30.26 -52.71 -7.87
CA MET C 192 31.31 -52.11 -7.05
C MET C 192 31.45 -50.63 -7.38
N THR C 193 31.24 -50.28 -8.65
CA THR C 193 31.34 -48.89 -9.08
C THR C 193 30.28 -48.05 -8.37
N LEU C 194 29.13 -48.66 -8.10
CA LEU C 194 28.06 -47.95 -7.41
C LEU C 194 28.50 -47.62 -5.99
N PHE C 195 29.31 -48.50 -5.39
CA PHE C 195 29.82 -48.24 -4.04
C PHE C 195 30.84 -47.11 -4.09
N LEU C 196 31.61 -47.06 -5.18
CA LEU C 196 32.62 -46.03 -5.36
C LEU C 196 31.97 -44.65 -5.48
N LEU C 197 30.91 -44.56 -6.28
CA LEU C 197 30.22 -43.29 -6.48
C LEU C 197 29.25 -42.94 -5.35
N PHE C 198 28.88 -43.95 -4.57
CA PHE C 198 27.95 -43.81 -3.46
C PHE C 198 28.04 -42.54 -2.60
N PRO C 199 29.22 -42.26 -2.00
CA PRO C 199 29.38 -41.08 -1.15
C PRO C 199 29.28 -39.72 -1.83
N PHE C 200 29.26 -39.70 -3.15
CA PHE C 200 29.19 -38.44 -3.88
C PHE C 200 27.84 -38.32 -4.58
N SER C 201 26.86 -39.09 -4.09
CA SER C 201 25.52 -39.08 -4.67
C SER C 201 24.47 -39.08 -3.57
N ARG C 202 23.21 -39.11 -3.98
CA ARG C 202 22.09 -39.13 -3.05
C ARG C 202 21.98 -40.45 -2.30
N LEU C 203 22.70 -41.48 -2.75
CA LEU C 203 22.62 -42.78 -2.09
C LEU C 203 22.99 -42.73 -0.61
N ILE C 204 23.60 -41.63 -0.16
CA ILE C 204 23.94 -41.56 1.25
C ILE C 204 22.69 -41.64 2.13
N HIS C 205 21.51 -41.44 1.54
CA HIS C 205 20.26 -41.52 2.32
C HIS C 205 20.06 -42.92 2.89
N ILE C 206 20.65 -43.92 2.23
CA ILE C 206 20.52 -45.30 2.67
C ILE C 206 21.08 -45.50 4.08
N TRP C 207 22.20 -44.85 4.39
CA TRP C 207 22.82 -44.95 5.70
C TRP C 207 21.84 -44.55 6.79
N SER C 208 20.95 -43.64 6.44
CA SER C 208 19.99 -43.07 7.37
C SER C 208 18.64 -43.77 7.56
N VAL C 209 18.51 -45.02 7.10
CA VAL C 209 17.24 -45.74 7.29
C VAL C 209 16.84 -45.52 8.75
N PRO C 210 15.69 -44.86 8.98
CA PRO C 210 15.14 -44.52 10.30
C PRO C 210 14.70 -45.64 11.24
N VAL C 211 15.62 -46.55 11.55
CA VAL C 211 15.29 -47.66 12.44
C VAL C 211 14.89 -47.22 13.84
N GLU C 212 15.59 -46.24 14.40
CA GLU C 212 15.30 -45.77 15.75
C GLU C 212 13.88 -45.24 15.96
N TYR C 213 13.23 -44.79 14.89
CA TYR C 213 11.88 -44.25 14.99
C TYR C 213 10.88 -45.24 15.56
N LEU C 214 11.02 -46.51 15.19
CA LEU C 214 10.10 -47.54 15.65
C LEU C 214 9.98 -47.69 17.16
N THR C 215 10.99 -47.25 17.91
CA THR C 215 10.95 -47.37 19.37
C THR C 215 11.19 -46.06 20.10
N ARG C 216 11.17 -44.95 19.36
CA ARG C 216 11.42 -43.63 19.94
C ARG C 216 10.19 -43.03 20.60
N LYS C 217 10.40 -42.29 21.70
CA LYS C 217 9.29 -41.61 22.37
C LYS C 217 8.86 -40.55 21.36
N TYR C 218 7.57 -40.21 21.34
CA TYR C 218 7.07 -39.23 20.39
C TYR C 218 7.61 -37.82 20.51
N GLN C 219 7.53 -37.23 21.69
CA GLN C 219 8.02 -35.87 21.87
C GLN C 219 9.48 -35.75 22.24
N LEU C 220 10.20 -34.92 21.51
CA LEU C 220 11.61 -34.68 21.74
C LEU C 220 11.82 -33.23 22.17
N VAL C 221 12.60 -33.05 23.22
CA VAL C 221 12.92 -31.72 23.74
C VAL C 221 14.43 -31.67 23.91
N ARG C 222 15.07 -30.61 23.46
CA ARG C 222 16.52 -30.47 23.61
C ARG C 222 16.83 -29.44 24.69
N ALA C 223 17.65 -29.83 25.66
CA ALA C 223 18.03 -28.95 26.75
C ALA C 223 19.06 -27.93 26.27
N ARG C 224 19.33 -26.94 27.11
CA ARG C 224 20.34 -25.92 26.80
C ARG C 224 21.61 -26.71 26.54
N HIS C 225 22.38 -26.31 25.53
CA HIS C 225 23.61 -27.02 25.20
C HIS C 225 24.62 -26.09 24.54
PB MD1 D . 2.01 9.31 -9.46
O3B MD1 D . 2.50 8.10 -8.52
O1B MD1 D . 2.53 10.58 -8.90
O2B MD1 D . 2.39 9.01 -10.83
O3A MD1 D . 0.42 9.35 -9.36
C10 MD1 D . -0.35 9.60 -8.21
C11 MD1 D . -1.78 9.80 -8.78
O11 MD1 D . -2.09 8.60 -9.50
C12 MD1 D . -2.83 10.03 -7.62
S12 MD1 D . -2.27 10.25 -5.98
C13 MD1 D . -4.26 10.05 -7.80
S13 MD1 D . -5.22 10.25 -6.35
C14 MD1 D . -5.09 9.91 -9.08
N15 MD1 D . -5.84 8.65 -8.85
C16 MD1 D . -6.65 8.18 -9.88
C15 MD1 D . -7.80 7.37 -9.62
O14 MD1 D . -8.11 7.07 -8.46
N17 MD1 D . -8.54 6.92 -10.75
C17 MD1 D . -8.20 7.23 -12.08
N16 MD1 D . -8.96 6.75 -13.08
N18 MD1 D . -7.12 8.01 -12.31
C20 MD1 D . -6.31 8.49 -11.28
N8 MD1 D . -5.20 9.28 -11.58
C7 MD1 D . -4.37 9.77 -10.43
PA MD1 D . 3.24 6.75 -8.86
O1A MD1 D . 2.45 6.06 -9.89
O2A MD1 D . 3.50 6.02 -7.58
O5' MD1 D . 4.56 7.44 -9.48
C5' MD1 D . 5.80 7.38 -8.81
C4' MD1 D . 6.91 7.18 -9.80
O4' MD1 D . 8.06 7.87 -9.31
C1' MD1 D . 9.14 6.97 -9.09
N9 MD1 D . 9.82 7.48 -7.89
C4 MD1 D . 10.85 8.38 -7.93
N3 MD1 D . 11.42 8.96 -9.09
C2 MD1 D . 12.43 9.84 -8.84
N2 MD1 D . 13.07 10.46 -9.82
N1 MD1 D . 12.84 10.12 -7.53
C6 MD1 D . 12.27 9.56 -6.36
O6 MD1 D . 12.69 9.87 -5.23
C5 MD1 D . 11.21 8.63 -6.59
N7 MD1 D . 10.43 7.89 -5.72
C8 MD1 D . 9.62 7.23 -6.53
C2' MD1 D . 8.49 5.57 -8.95
O2' MD1 D . 9.32 4.45 -9.29
C3' MD1 D . 7.27 5.68 -9.90
O3' MD1 D . 7.53 5.29 -11.24
PB MGD E . -10.53 5.16 -2.84
O1B MGD E . -9.67 3.99 -2.79
O2B MGD E . -10.76 5.79 -4.17
O3B MGD E . -9.84 6.22 -1.96
O3A MGD E . -7.81 6.24 -1.02
PA MGD E . -9.28 6.44 -0.48
O1A MGD E . -9.50 7.86 -0.09
O2A MGD E . -9.47 5.31 0.46
O5' MGD E . -11.94 4.81 -2.18
C5' MGD E . -12.05 4.12 -0.95
C4' MGD E . -13.19 3.17 -0.92
O4' MGD E . -14.45 3.80 -0.92
C3' MGD E . -13.21 2.19 -2.07
O3' MGD E . -12.23 1.18 -1.83
C2' MGD E . -14.64 1.70 -2.01
O2' MGD E . -14.83 0.63 -1.07
C1' MGD E . -15.40 2.95 -1.57
N9 MGD E . -16.09 3.67 -2.71
C8 MGD E . -15.88 3.69 -4.09
N7 MGD E . -16.74 4.45 -4.74
C5 MGD E . -17.56 4.96 -3.75
C6 MGD E . -18.70 5.87 -3.79
O6 MGD E . -19.14 6.36 -4.85
N1 MGD E . -19.29 6.16 -2.54
C2 MGD E . -18.85 5.63 -1.31
N2 MGD E . -19.46 5.95 -0.17
N3 MGD E . -17.77 4.80 -1.31
C4 MGD E . -17.18 4.50 -2.52
C10 MGD E . -7.19 7.09 -1.99
C11 MGD E . -5.89 7.54 -1.40
O11 MGD E . -5.12 6.41 -0.88
C12 MGD E . -5.03 8.49 -2.32
S12 MGD E . -5.71 9.74 -3.32
C13 MGD E . -3.65 8.31 -2.34
S13 MGD E . -2.65 9.34 -3.31
C14 MGD E . -2.97 7.22 -1.54
N15 MGD E . -2.77 6.09 -2.51
C16 MGD E . -2.73 4.77 -2.01
C17 MGD E . -2.52 3.64 -2.90
O17 MGD E . -2.38 3.77 -4.13
N18 MGD E . -2.48 2.35 -2.29
C19 MGD E . -2.64 2.16 -0.90
N19 MGD E . -2.60 0.97 -0.38
N20 MGD E . -2.85 3.24 -0.09
C21 MGD E . -2.89 4.53 -0.60
N22 MGD E . -3.10 5.64 0.26
C23 MGD E . -3.85 6.77 -0.35
MO 6MO F . -3.97 11.00 -4.45
FE1 SF4 G . 4.63 3.86 5.32
FE2 SF4 G . 3.88 2.10 3.40
FE3 SF4 G . 6.33 3.27 3.30
FE4 SF4 G . 4.11 4.71 2.86
S1 SF4 G . 4.88 3.01 1.56
S2 SF4 G . 5.88 5.33 4.13
S3 SF4 G . 2.62 3.78 4.28
S4 SF4 G . 5.58 1.84 4.90
FE1 F3S H . -0.62 -7.31 11.79
FE3 F3S H . -1.30 -6.62 9.22
FE4 F3S H . -0.18 -8.97 9.77
S1 F3S H . -2.51 -6.20 11.12
S2 F3S H . -1.01 -9.55 11.79
S3 F3S H . 0.80 -6.97 10.07
S4 F3S H . -1.95 -8.63 8.37
FE1 SF4 I . 9.75 -14.97 12.81
FE2 SF4 I . 8.06 -17.06 12.49
FE3 SF4 I . 7.16 -14.54 12.48
FE4 SF4 I . 8.60 -15.47 10.39
S1 SF4 I . 6.55 -16.19 11.04
S2 SF4 I . 8.81 -13.47 11.40
S3 SF4 I . 10.10 -16.81 11.49
S4 SF4 I . 8.12 -15.60 14.24
FE1 SF4 J . 4.45 -25.78 14.30
FE2 SF4 J . 2.71 -27.28 15.75
FE3 SF4 J . 4.86 -28.45 14.49
FE4 SF4 J . 2.88 -27.55 13.03
S1 SF4 J . 2.71 -29.25 14.55
S2 SF4 J . 5.07 -27.17 12.63
S3 SF4 J . 2.18 -25.71 14.17
S4 SF4 J . 4.93 -26.96 16.18
FE1 F3S K . 12.05 -35.19 9.45
FE3 F3S K . 10.60 -33.59 7.96
FE4 F3S K . 13.30 -33.61 7.68
S1 F3S K . 10.16 -35.78 8.37
S2 F3S K . 13.78 -35.81 8.11
S3 F3S K . 12.13 -32.90 9.50
S4 F3S K . 11.76 -33.45 6.01
O13 3PH L . 43.97 -35.70 21.33
P 3PH L . 43.94 -35.10 19.88
O14 3PH L . 44.67 -33.75 19.79
O12 3PH L . 42.42 -35.06 19.40
O11 3PH L . 44.62 -36.22 18.92
C1 3PH L . 44.11 -37.57 18.82
C2 3PH L . 44.97 -38.30 17.81
O21 3PH L . 45.81 -39.36 18.33
C21 3PH L . 47.12 -39.19 18.65
O22 3PH L . 47.59 -39.40 19.75
C3 3PH L . 44.97 -37.94 16.34
O31 3PH L . 45.19 -39.16 15.60
C31 3PH L . 45.25 -39.14 14.24
O32 3PH L . 45.99 -38.45 13.59
C32 3PH L . 44.22 -40.10 13.59
C33 3PH L . 43.94 -40.40 12.11
C34 3PH L . 42.52 -40.83 11.82
C35 3PH L . 42.41 -41.75 10.62
CHA HEM M . 14.85 -41.69 -3.40
CHB HEM M . 13.90 -43.34 1.03
CHC HEM M . 16.82 -47.11 0.12
CHD HEM M . 17.80 -45.43 -4.28
C1A HEM M . 14.33 -41.78 -2.12
C2A HEM M . 13.41 -40.86 -1.46
C3A HEM M . 13.15 -41.32 -0.23
C4A HEM M . 13.91 -42.56 -0.09
CMA HEM M . 12.24 -40.74 0.90
CAA HEM M . 12.86 -39.56 -2.11
CBA HEM M . 11.57 -39.88 -2.98
CGA HEM M . 10.76 -38.64 -3.42
O1A HEM M . 9.81 -38.29 -2.67
O2A HEM M . 11.15 -38.07 -4.48
C1B HEM M . 14.62 -44.52 1.18
C2B HEM M . 14.62 -45.36 2.38
C3B HEM M . 15.44 -46.41 2.14
C4B HEM M . 15.95 -46.25 0.77
CMB HEM M . 13.80 -45.01 3.66
CAB HEM M . 15.82 -47.63 3.09
CBB HEM M . 14.91 -48.45 3.72
C1C HEM M . 17.35 -47.00 -1.14
C2C HEM M . 18.28 -47.95 -1.77
C3C HEM M . 18.56 -47.47 -3.01
C4C HEM M . 17.80 -46.23 -3.16
CMC HEM M . 18.80 -49.25 -1.06
CAC HEM M . 19.48 -48.03 -4.16
CBC HEM M . 20.71 -48.52 -3.87
C1D HEM M . 17.08 -44.27 -4.44
C2D HEM M . 17.09 -43.44 -5.65
C3D HEM M . 16.26 -42.40 -5.40
C4D HEM M . 15.73 -42.56 -4.03
CMD HEM M . 17.91 -43.73 -6.94
CAD HEM M . 15.83 -41.20 -6.29
CBD HEM M . 14.72 -41.54 -7.37
CGD HEM M . 14.54 -40.45 -8.44
O1D HEM M . 13.49 -39.73 -8.32
O2D HEM M . 15.45 -40.39 -9.33
NA HEM M . 14.62 -42.82 -1.26
NB HEM M . 15.44 -45.08 0.20
NC HEM M . 17.07 -45.96 -2.01
ND HEM M . 16.24 -43.70 -3.48
FE HEM M . 15.82 -44.36 -1.64
CHA HEM N . 22.19 -61.08 -9.29
CHB HEM N . 26.30 -59.67 -7.22
CHC HEM N . 24.45 -55.20 -6.88
CHD HEM N . 20.32 -56.60 -8.96
C1A HEM N . 23.45 -61.11 -8.78
C2A HEM N . 24.35 -62.28 -8.70
C3A HEM N . 25.49 -61.89 -8.13
C4A HEM N . 25.34 -60.46 -7.82
CMA HEM N . 26.77 -62.70 -7.80
CAA HEM N . 23.98 -63.71 -9.23
CBA HEM N . 23.37 -64.60 -8.04
CGA HEM N . 23.61 -66.13 -8.08
O1A HEM N . 24.82 -66.52 -8.17
O2A HEM N . 22.58 -66.89 -8.04
C1B HEM N . 26.16 -58.32 -6.93
C2B HEM N . 27.18 -57.48 -6.28
C3B HEM N . 26.66 -56.22 -6.19
C4B HEM N . 25.32 -56.27 -6.78
CMB HEM N . 28.57 -58.04 -5.82
CAB HEM N . 27.30 -54.90 -5.57
CBB HEM N . 28.64 -54.64 -5.39
C1C HEM N . 23.19 -55.16 -7.41
C2C HEM N . 22.33 -53.99 -7.48
C3C HEM N . 21.16 -54.38 -8.07
C4C HEM N . 21.30 -55.81 -8.36
CMC HEM N . 22.75 -52.56 -6.95
CAC HEM N . 19.87 -53.57 -8.41
CBC HEM N . 20.00 -52.42 -9.14
C1D HEM N . 20.46 -57.95 -9.23
C2D HEM N . 19.41 -58.81 -9.85
C3D HEM N . 19.96 -60.05 -9.92
C4D HEM N . 21.32 -59.99 -9.37
CMD HEM N . 18.00 -58.34 -10.30
CAD HEM N . 19.39 -61.42 -10.45
CBD HEM N . 18.49 -62.24 -9.42
CGD HEM N . 19.15 -62.43 -8.03
O1D HEM N . 20.05 -63.34 -7.95
O2D HEM N . 18.75 -61.64 -7.10
NA HEM N . 24.08 -60.01 -8.24
NB HEM N . 25.04 -57.56 -7.22
NC HEM N . 22.55 -56.26 -7.95
ND HEM N . 21.60 -58.72 -8.95
FE HEM N . 23.32 -58.17 -8.09
O1 AGA O . 17.83 -44.13 13.20
C1 AGA O . 18.57 -43.30 12.31
C2 AGA O . 18.71 -41.84 12.90
O2 AGA O . 17.44 -41.26 13.16
C3 AGA O . 19.52 -40.91 11.95
P1 AGA O . 21.88 -40.40 10.88
O3 AGA O . 22.32 -39.00 11.33
O4 AGA O . 21.14 -40.42 9.51
O5 AGA O . 20.96 -41.10 11.93
O6 AGA O . 23.15 -41.38 10.70
C4 AGA O . 22.96 -42.73 10.28
C5 AGA O . 24.28 -43.43 10.27
C6 AGA O . 24.20 -44.94 10.27
O7 AGA O . 25.56 -45.45 10.25
C7 AGA O . 26.12 -45.96 11.37
O8 AGA O . 25.90 -45.59 12.50
C8 AGA O . 27.15 -47.07 10.99
C9 AGA O . 28.32 -47.69 11.78
C10 AGA O . 29.65 -47.66 11.03
C11 AGA O . 29.94 -48.94 10.26
O9 AGA O . 25.16 -42.91 9.22
C12 AGA O . 26.49 -42.67 9.42
O10 AGA O . 27.07 -42.82 10.47
C13 AGA O . 27.24 -42.37 8.13
C14 AGA O . 28.73 -42.25 7.79
C15 AGA O . 29.43 -43.59 8.04
C16 AGA O . 30.94 -43.52 8.15
C17 AGA O . 31.56 -44.91 8.42
C18 AGA O . 33.10 -44.98 8.55
C19 AGA O . 33.55 -46.41 8.82
#